data_6EFG
#
_entry.id   6EFG
#
_cell.length_a   78.360
_cell.length_b   78.480
_cell.length_c   100.570
_cell.angle_alpha   80.10
_cell.angle_beta   67.72
_cell.angle_gamma   77.40
#
_symmetry.space_group_name_H-M   'P 1'
#
loop_
_entity.id
_entity.type
_entity.pdbx_description
1 polymer 'Pyruvate decarboxylase'
2 non-polymer 'THIAMINE DIPHOSPHATE'
3 non-polymer 'MAGNESIUM ION'
4 water water
#
_entity_poly.entity_id   1
_entity_poly.type   'polypeptide(L)'
_entity_poly.pdbx_seq_one_letter_code
;MSEITLGRYLFERLKQVEVQTIFGLPGDFNLSLLDNIYEVPGMRWAGNANELNAAYAADGYARLKGMSCIITTFGVGELS
ALNGIAGSYAEHVGVLHVVGVPSVSSQAKQLLLHHTLGNGDFTVFHRMSSNISETTAMITDINTAPAEIDRCIRTTYVSQ
RPVYLGLPANLVDLTVPASLLDTPIDLSLKPNDPEAEEEVIENVLQLIKEAKNPVILADACCSRHDAKAETKKLIDLTQF
PAFVTPMGKGSIDEKHPRFGGVYVGTLSSPAVKEAVESADLVLSVGALLSDFNTGSFSYSYKTKNIVEFHSDYTKIRSAT
FPGVQMKFALQKLLTKVADAAKGYKPVPVPSEPEHNEAVADSTPLKQEWVWTQVGEFLREGDVVITETGTSAFGINQTHF
PNNTYGISQVLWGSIGFTTGATLGAAFAAEEIDPKKRVILFIGDGSLQLTVQEISTMIRWGLKPYLFVLNNDGYTIERLI
HGETAQYNCIQNWQHLELLPTFGAKDYEAVRVSTTGEWNKLTTDEKFQDNTRIRLIEVMLPTMDAPSNLVKQAQLTAATN
AKN
;
_entity_poly.pdbx_strand_id   A,B,D,E
#
loop_
_chem_comp.id
_chem_comp.type
_chem_comp.name
_chem_comp.formula
MG non-polymer 'MAGNESIUM ION' 'Mg 2'
TPP non-polymer 'THIAMINE DIPHOSPHATE' 'C12 H19 N4 O7 P2 S 1'
#
# COMPACT_ATOMS: atom_id res chain seq x y z
N SER A 2 2.95 -35.99 -6.02
CA SER A 2 2.25 -36.04 -4.69
C SER A 2 2.17 -34.63 -4.09
N GLU A 3 0.96 -34.10 -3.99
CA GLU A 3 0.73 -32.70 -3.72
C GLU A 3 -0.01 -32.52 -2.39
N ILE A 4 0.20 -31.32 -1.80
CA ILE A 4 -0.52 -30.88 -0.60
C ILE A 4 -1.06 -29.48 -0.87
N THR A 5 -2.04 -29.09 -0.06
CA THR A 5 -2.63 -27.79 -0.17
C THR A 5 -1.60 -26.78 0.33
N LEU A 6 -1.77 -25.54 -0.11
CA LEU A 6 -0.89 -24.51 0.31
C LEU A 6 -1.04 -24.33 1.81
N GLY A 7 -2.26 -24.54 2.33
CA GLY A 7 -2.55 -24.41 3.75
C GLY A 7 -1.73 -25.38 4.57
N ARG A 8 -1.79 -26.66 4.19
CA ARG A 8 -1.03 -27.75 4.78
C ARG A 8 0.46 -27.44 4.71
N TYR A 9 0.93 -26.86 3.60
CA TYR A 9 2.34 -26.50 3.36
C TYR A 9 2.83 -25.56 4.48
N LEU A 10 2.02 -24.52 4.76
CA LEU A 10 2.28 -23.56 5.80
C LEU A 10 2.42 -24.25 7.16
N PHE A 11 1.43 -25.09 7.53
CA PHE A 11 1.51 -25.68 8.87
C PHE A 11 2.69 -26.65 8.94
N GLU A 12 3.02 -27.30 7.81
CA GLU A 12 4.16 -28.21 7.79
C GLU A 12 5.45 -27.41 7.96
N ARG A 13 5.55 -26.25 7.27
CA ARG A 13 6.72 -25.40 7.45
C ARG A 13 6.82 -24.97 8.94
N LEU A 14 5.72 -24.58 9.57
CA LEU A 14 5.75 -24.14 11.00
C LEU A 14 6.17 -25.27 11.96
N LYS A 15 5.70 -26.49 11.70
CA LYS A 15 6.14 -27.68 12.46
C LYS A 15 7.67 -27.83 12.39
N GLN A 16 8.24 -27.59 11.21
CA GLN A 16 9.68 -27.75 11.00
C GLN A 16 10.44 -26.75 11.85
N VAL A 17 9.88 -25.56 12.07
CA VAL A 17 10.54 -24.57 12.88
C VAL A 17 9.97 -24.56 14.31
N GLU A 18 9.52 -25.73 14.79
CA GLU A 18 9.11 -26.03 16.21
C GLU A 18 7.93 -25.17 16.67
N VAL A 19 7.08 -24.72 15.73
CA VAL A 19 5.82 -24.08 16.05
C VAL A 19 4.73 -25.15 15.98
N GLN A 20 4.20 -25.50 17.15
CA GLN A 20 3.20 -26.53 17.32
C GLN A 20 1.81 -25.93 17.59
N THR A 21 1.73 -24.75 18.21
CA THR A 21 0.47 -24.18 18.63
C THR A 21 0.20 -22.91 17.83
N ILE A 22 -0.96 -22.91 17.17
CA ILE A 22 -1.37 -21.85 16.30
C ILE A 22 -2.41 -21.01 17.06
N PHE A 23 -2.15 -19.70 17.16
CA PHE A 23 -3.04 -18.80 17.83
C PHE A 23 -3.98 -18.18 16.81
N GLY A 24 -5.10 -17.66 17.32
CA GLY A 24 -5.99 -16.81 16.59
C GLY A 24 -7.42 -17.17 16.85
N LEU A 25 -8.29 -16.67 15.96
CA LEU A 25 -9.70 -16.90 15.99
C LEU A 25 -10.17 -17.16 14.58
N PRO A 26 -11.17 -18.03 14.39
CA PRO A 26 -11.64 -18.34 13.03
C PRO A 26 -12.50 -17.19 12.49
N GLY A 27 -12.61 -17.11 11.17
CA GLY A 27 -13.67 -16.39 10.61
C GLY A 27 -13.81 -16.61 9.13
N ASP A 28 -14.91 -16.08 8.62
CA ASP A 28 -15.00 -15.44 7.34
C ASP A 28 -14.02 -16.14 6.37
N PHE A 29 -12.72 -15.80 6.42
CA PHE A 29 -11.81 -16.15 5.33
C PHE A 29 -10.57 -16.91 5.82
N ASN A 30 -10.65 -17.60 6.95
CA ASN A 30 -9.51 -18.45 7.32
C ASN A 30 -9.96 -19.88 7.61
N LEU A 31 -11.21 -20.24 7.25
CA LEU A 31 -11.80 -21.53 7.75
C LEU A 31 -11.10 -22.74 7.10
N SER A 32 -10.89 -22.71 5.80
CA SER A 32 -10.38 -23.91 5.16
C SER A 32 -8.85 -23.92 5.25
N LEU A 33 -8.25 -22.75 5.55
CA LEU A 33 -6.86 -22.71 5.97
C LEU A 33 -6.76 -23.54 7.25
N LEU A 34 -7.69 -23.29 8.17
CA LEU A 34 -7.68 -23.79 9.54
C LEU A 34 -7.78 -25.33 9.62
N ASP A 35 -8.67 -25.93 8.82
CA ASP A 35 -8.82 -27.41 8.74
C ASP A 35 -7.44 -28.10 8.64
N ASN A 36 -6.54 -27.50 7.85
CA ASN A 36 -5.25 -28.06 7.55
C ASN A 36 -4.45 -28.36 8.81
N ILE A 37 -4.79 -27.71 9.93
CA ILE A 37 -4.01 -27.87 11.16
C ILE A 37 -4.11 -29.33 11.64
N TYR A 38 -5.30 -29.92 11.52
CA TYR A 38 -5.60 -31.24 12.08
C TYR A 38 -5.03 -32.35 11.20
N GLU A 39 -4.54 -31.99 10.00
CA GLU A 39 -3.94 -32.87 9.03
C GLU A 39 -2.44 -33.01 9.29
N VAL A 40 -1.87 -32.16 10.15
CA VAL A 40 -0.46 -32.21 10.53
C VAL A 40 -0.37 -32.72 11.96
N PRO A 41 0.29 -33.86 12.23
CA PRO A 41 0.37 -34.38 13.59
C PRO A 41 1.28 -33.44 14.39
N GLY A 42 1.01 -33.31 15.69
CA GLY A 42 1.77 -32.45 16.63
C GLY A 42 1.46 -30.96 16.51
N MET A 43 0.36 -30.61 15.80
CA MET A 43 -0.14 -29.21 15.74
C MET A 43 -1.47 -29.12 16.51
N ARG A 44 -1.77 -27.91 16.98
CA ARG A 44 -3.04 -27.63 17.64
C ARG A 44 -3.41 -26.17 17.35
N TRP A 45 -4.72 -25.95 17.30
CA TRP A 45 -5.39 -24.67 17.29
C TRP A 45 -5.78 -24.32 18.72
N ALA A 46 -5.22 -23.23 19.25
CA ALA A 46 -5.42 -22.88 20.62
C ALA A 46 -6.93 -22.60 20.90
N GLY A 47 -7.57 -21.88 19.99
CA GLY A 47 -8.94 -21.42 20.23
C GLY A 47 -8.99 -20.25 21.22
N ASN A 48 -8.41 -19.11 20.84
CA ASN A 48 -8.29 -18.01 21.80
C ASN A 48 -9.67 -17.37 21.95
N ALA A 49 -9.84 -16.66 23.06
CA ALA A 49 -11.10 -15.97 23.42
C ALA A 49 -11.19 -14.58 22.79
N ASN A 50 -10.07 -13.96 22.33
CA ASN A 50 -10.14 -12.84 21.37
C ASN A 50 -8.80 -12.67 20.65
N GLU A 51 -8.83 -11.88 19.57
CA GLU A 51 -7.64 -11.68 18.75
C GLU A 51 -6.57 -10.89 19.53
N LEU A 52 -6.95 -9.95 20.39
CA LEU A 52 -5.88 -9.22 21.09
C LEU A 52 -5.09 -10.23 21.92
N ASN A 53 -5.83 -11.04 22.68
CA ASN A 53 -5.21 -11.97 23.57
C ASN A 53 -4.42 -13.00 22.79
N ALA A 54 -4.86 -13.35 21.59
CA ALA A 54 -4.14 -14.32 20.77
C ALA A 54 -2.75 -13.77 20.43
N ALA A 55 -2.68 -12.47 20.12
CA ALA A 55 -1.46 -11.82 19.70
C ALA A 55 -0.46 -11.83 20.86
N TYR A 56 -0.91 -11.42 22.05
CA TYR A 56 -0.11 -11.43 23.26
C TYR A 56 0.39 -12.85 23.52
N ALA A 57 -0.50 -13.84 23.34
CA ALA A 57 -0.17 -15.29 23.46
C ALA A 57 0.89 -15.68 22.43
N ALA A 58 0.72 -15.25 21.18
CA ALA A 58 1.74 -15.54 20.16
C ALA A 58 3.08 -14.99 20.61
N ASP A 59 3.01 -13.84 21.28
CA ASP A 59 4.19 -13.13 21.74
C ASP A 59 4.84 -14.01 22.81
N GLY A 60 4.03 -14.46 23.77
CA GLY A 60 4.53 -15.29 24.87
C GLY A 60 5.15 -16.60 24.38
N TYR A 61 4.43 -17.30 23.49
CA TYR A 61 4.86 -18.49 22.87
C TYR A 61 6.22 -18.29 22.16
N ALA A 62 6.34 -17.23 21.36
CA ALA A 62 7.54 -16.95 20.53
C ALA A 62 8.77 -16.66 21.43
N ARG A 63 8.51 -16.05 22.59
CA ARG A 63 9.56 -15.71 23.52
C ARG A 63 10.22 -17.00 24.01
N LEU A 64 9.45 -18.08 24.17
CA LEU A 64 10.00 -19.37 24.63
C LEU A 64 10.53 -20.21 23.48
N LYS A 65 9.81 -20.25 22.35
CA LYS A 65 9.99 -21.28 21.34
C LYS A 65 10.78 -20.75 20.14
N GLY A 66 11.14 -19.47 20.14
CA GLY A 66 11.85 -18.89 19.01
C GLY A 66 10.95 -18.04 18.12
N MET A 67 9.81 -18.60 17.68
CA MET A 67 8.82 -17.84 16.89
C MET A 67 7.41 -18.42 17.09
N SER A 68 6.41 -17.70 16.56
CA SER A 68 5.01 -18.05 16.72
C SER A 68 4.21 -17.65 15.49
N CYS A 69 2.98 -18.13 15.49
CA CYS A 69 2.07 -17.85 14.44
C CYS A 69 0.68 -17.58 15.03
N ILE A 70 0.12 -16.44 14.64
CA ILE A 70 -1.26 -16.12 14.96
C ILE A 70 -2.04 -16.02 13.65
N ILE A 71 -3.22 -16.61 13.63
CA ILE A 71 -4.07 -16.46 12.44
C ILE A 71 -5.33 -15.68 12.83
N THR A 72 -5.59 -14.61 12.10
CA THR A 72 -6.82 -13.80 12.21
C THR A 72 -7.54 -13.74 10.88
N THR A 73 -8.71 -13.11 10.88
CA THR A 73 -9.59 -12.91 9.72
C THR A 73 -9.48 -11.45 9.28
N PHE A 74 -9.70 -11.24 7.98
CA PHE A 74 -9.71 -9.93 7.32
C PHE A 74 -10.54 -8.86 8.07
N GLY A 75 -9.90 -7.73 8.41
CA GLY A 75 -10.53 -6.59 9.02
C GLY A 75 -10.71 -6.73 10.53
N VAL A 76 -11.85 -7.30 10.89
CA VAL A 76 -12.26 -7.43 12.27
C VAL A 76 -11.20 -8.17 13.10
N GLY A 77 -10.60 -9.22 12.53
CA GLY A 77 -9.60 -10.05 13.25
C GLY A 77 -8.27 -9.33 13.41
N GLU A 78 -7.71 -8.90 12.28
CA GLU A 78 -6.34 -8.38 12.30
C GLU A 78 -6.25 -7.04 13.05
N LEU A 79 -7.25 -6.16 12.94
CA LEU A 79 -7.23 -4.86 13.64
C LEU A 79 -7.32 -5.05 15.15
N SER A 80 -7.99 -6.14 15.55
CA SER A 80 -8.10 -6.48 16.97
C SER A 80 -6.72 -6.89 17.51
N ALA A 81 -5.89 -7.52 16.67
CA ALA A 81 -4.61 -8.04 17.14
C ALA A 81 -3.54 -6.94 17.21
N LEU A 82 -3.76 -5.81 16.54
CA LEU A 82 -2.60 -4.95 16.17
C LEU A 82 -1.79 -4.41 17.36
N ASN A 83 -2.38 -4.30 18.57
CA ASN A 83 -1.66 -3.73 19.68
C ASN A 83 -0.64 -4.75 20.19
N GLY A 84 -1.01 -6.04 20.10
CA GLY A 84 -0.11 -7.14 20.41
C GLY A 84 1.04 -7.21 19.43
N ILE A 85 0.70 -7.10 18.13
CA ILE A 85 1.65 -7.11 17.01
C ILE A 85 2.69 -6.01 17.23
N ALA A 86 2.22 -4.79 17.53
CA ALA A 86 3.09 -3.62 17.79
C ALA A 86 4.06 -3.85 18.97
N GLY A 87 3.58 -4.45 20.07
CA GLY A 87 4.42 -4.80 21.23
C GLY A 87 5.51 -5.79 20.84
N SER A 88 5.12 -6.82 20.06
CA SER A 88 6.04 -7.77 19.49
C SER A 88 7.05 -7.04 18.59
N TYR A 89 6.61 -6.09 17.76
CA TYR A 89 7.56 -5.31 16.97
C TYR A 89 8.45 -4.44 17.86
N ALA A 90 7.90 -3.84 18.92
CA ALA A 90 8.71 -2.98 19.77
C ALA A 90 9.76 -3.81 20.53
N GLU A 91 9.38 -5.00 20.99
CA GLU A 91 10.23 -5.74 21.93
C GLU A 91 11.02 -6.81 21.17
N HIS A 92 10.92 -6.80 19.84
CA HIS A 92 11.67 -7.69 18.96
C HIS A 92 11.34 -9.14 19.29
N VAL A 93 10.07 -9.47 19.13
CA VAL A 93 9.55 -10.80 19.24
C VAL A 93 9.01 -11.19 17.88
N GLY A 94 9.25 -12.44 17.48
CA GLY A 94 9.00 -12.98 16.15
C GLY A 94 7.65 -13.65 16.02
N VAL A 95 6.62 -12.86 15.69
CA VAL A 95 5.26 -13.34 15.43
C VAL A 95 4.99 -13.24 13.93
N LEU A 96 4.63 -14.38 13.32
CA LEU A 96 4.10 -14.40 11.98
C LEU A 96 2.58 -14.27 12.06
N HIS A 97 2.08 -13.12 11.62
CA HIS A 97 0.64 -12.84 11.58
C HIS A 97 0.10 -13.23 10.20
N VAL A 98 -0.64 -14.32 10.14
CA VAL A 98 -1.32 -14.73 8.94
C VAL A 98 -2.78 -14.26 9.02
N VAL A 99 -3.22 -13.60 7.95
CA VAL A 99 -4.58 -13.06 7.87
C VAL A 99 -5.24 -13.74 6.68
N GLY A 100 -6.30 -14.48 6.95
CA GLY A 100 -7.15 -15.02 5.91
C GLY A 100 -7.90 -13.86 5.26
N VAL A 101 -7.67 -13.61 3.96
CA VAL A 101 -8.28 -12.49 3.27
C VAL A 101 -9.20 -13.02 2.18
N PRO A 102 -10.14 -12.20 1.66
CA PRO A 102 -11.01 -12.59 0.56
C PRO A 102 -10.27 -12.93 -0.74
N SER A 103 -10.94 -13.68 -1.62
CA SER A 103 -10.37 -14.12 -2.88
C SER A 103 -9.97 -12.90 -3.74
N VAL A 104 -8.94 -13.09 -4.57
CA VAL A 104 -8.36 -12.05 -5.42
C VAL A 104 -9.04 -12.09 -6.80
N LEU A 113 -16.49 -7.97 0.90
CA LEU A 113 -17.56 -7.01 0.62
C LEU A 113 -18.36 -6.76 1.91
N HIS A 114 -17.62 -6.67 3.03
CA HIS A 114 -18.11 -6.87 4.42
C HIS A 114 -16.86 -7.06 5.31
N HIS A 115 -16.84 -6.42 6.48
CA HIS A 115 -15.58 -6.12 7.19
C HIS A 115 -14.78 -5.15 6.34
N THR A 116 -15.50 -4.33 5.56
CA THR A 116 -14.98 -3.32 4.66
C THR A 116 -15.32 -1.96 5.30
N LEU A 117 -14.54 -0.93 4.94
CA LEU A 117 -14.72 0.41 5.47
C LEU A 117 -15.72 1.20 4.62
N GLY A 118 -16.51 0.52 3.78
CA GLY A 118 -17.44 1.21 2.84
C GLY A 118 -16.73 1.90 1.68
N ASN A 119 -15.48 2.35 1.91
CA ASN A 119 -14.58 2.87 0.89
C ASN A 119 -14.13 1.72 0.00
N GLY A 120 -13.22 2.00 -0.94
CA GLY A 120 -12.78 1.01 -1.92
C GLY A 120 -11.60 0.16 -1.45
N ASP A 121 -10.80 0.70 -0.52
CA ASP A 121 -9.45 0.18 -0.25
C ASP A 121 -9.51 -1.10 0.59
N PHE A 122 -9.44 -2.25 -0.11
CA PHE A 122 -9.36 -3.56 0.51
C PHE A 122 -7.94 -3.86 1.03
N THR A 123 -6.95 -3.04 0.64
CA THR A 123 -5.56 -3.14 1.16
C THR A 123 -5.32 -2.32 2.44
N VAL A 124 -6.31 -1.55 2.88
CA VAL A 124 -6.15 -0.61 3.98
C VAL A 124 -5.55 -1.28 5.23
N PHE A 125 -5.95 -2.51 5.54
CA PHE A 125 -5.50 -3.18 6.80
C PHE A 125 -4.06 -3.67 6.63
N HIS A 126 -3.75 -4.11 5.40
CA HIS A 126 -2.41 -4.50 5.05
C HIS A 126 -1.49 -3.28 5.33
N ARG A 127 -1.90 -2.10 4.85
CA ARG A 127 -1.09 -0.90 5.00
C ARG A 127 -0.91 -0.56 6.49
N MET A 128 -1.98 -0.64 7.28
CA MET A 128 -1.88 -0.30 8.72
C MET A 128 -0.87 -1.22 9.42
N SER A 129 -0.91 -2.51 9.09
CA SER A 129 0.01 -3.51 9.66
C SER A 129 1.46 -3.32 9.17
N SER A 130 1.65 -2.63 8.03
CA SER A 130 2.98 -2.46 7.39
C SER A 130 3.93 -1.61 8.24
N ASN A 131 3.35 -0.75 9.09
CA ASN A 131 4.02 0.17 10.02
C ASN A 131 4.61 -0.57 11.21
N ILE A 132 4.12 -1.80 11.46
CA ILE A 132 4.60 -2.58 12.62
C ILE A 132 4.98 -3.99 12.17
N SER A 133 5.54 -4.12 10.96
CA SER A 133 5.99 -5.38 10.45
C SER A 133 7.41 -5.24 9.93
N GLU A 134 8.22 -6.28 10.16
CA GLU A 134 9.53 -6.34 9.57
C GLU A 134 9.39 -6.27 8.05
N THR A 135 8.37 -6.99 7.55
CA THR A 135 8.07 -7.15 6.13
C THR A 135 6.65 -7.72 5.98
N THR A 136 6.13 -7.64 4.77
CA THR A 136 4.81 -8.14 4.51
C THR A 136 4.85 -8.97 3.25
N ALA A 137 3.89 -9.86 3.12
CA ALA A 137 3.56 -10.42 1.84
C ALA A 137 2.06 -10.58 1.73
N MET A 138 1.52 -10.10 0.62
CA MET A 138 0.20 -10.43 0.18
C MET A 138 0.37 -11.49 -0.90
N ILE A 139 -0.18 -12.69 -0.70
CA ILE A 139 0.10 -13.81 -1.60
C ILE A 139 -1.02 -13.90 -2.65
N THR A 140 -0.61 -13.94 -3.91
CA THR A 140 -1.57 -13.92 -4.98
C THR A 140 -1.30 -15.00 -6.04
N ASP A 141 -0.04 -15.49 -6.12
CA ASP A 141 0.43 -16.37 -7.20
C ASP A 141 0.84 -17.70 -6.56
N ILE A 142 0.16 -18.78 -6.95
CA ILE A 142 0.41 -20.11 -6.43
C ILE A 142 1.89 -20.46 -6.60
N ASN A 143 2.49 -19.96 -7.69
CA ASN A 143 3.82 -20.38 -8.13
C ASN A 143 4.92 -19.91 -7.18
N THR A 144 4.74 -18.72 -6.60
CA THR A 144 5.70 -18.11 -5.66
C THR A 144 5.17 -18.24 -4.23
N ALA A 145 3.96 -18.78 -4.07
CA ALA A 145 3.34 -18.89 -2.76
C ALA A 145 4.27 -19.62 -1.79
N PRO A 146 4.83 -20.81 -2.14
CA PRO A 146 5.71 -21.54 -1.21
C PRO A 146 6.95 -20.76 -0.75
N ALA A 147 7.62 -20.08 -1.69
CA ALA A 147 8.83 -19.34 -1.46
C ALA A 147 8.52 -18.09 -0.62
N GLU A 148 7.36 -17.46 -0.86
CA GLU A 148 6.95 -16.31 -0.10
C GLU A 148 6.73 -16.68 1.37
N ILE A 149 6.05 -17.80 1.61
CA ILE A 149 5.78 -18.32 2.95
C ILE A 149 7.11 -18.60 3.66
N ASP A 150 8.05 -19.21 2.94
CA ASP A 150 9.36 -19.57 3.49
C ASP A 150 10.09 -18.29 3.90
N ARG A 151 10.05 -17.26 3.04
CA ARG A 151 10.72 -15.97 3.24
C ARG A 151 10.11 -15.25 4.46
N CYS A 152 8.79 -15.27 4.54
CA CYS A 152 8.09 -14.74 5.71
C CYS A 152 8.54 -15.46 6.99
N ILE A 153 8.57 -16.78 6.98
CA ILE A 153 8.99 -17.54 8.18
C ILE A 153 10.44 -17.21 8.57
N ARG A 154 11.36 -17.28 7.61
CA ARG A 154 12.74 -17.00 7.89
C ARG A 154 12.82 -15.57 8.47
N THR A 155 12.11 -14.62 7.85
CA THR A 155 12.26 -13.22 8.25
C THR A 155 11.81 -13.07 9.71
N THR A 156 10.64 -13.61 10.04
CA THR A 156 10.14 -13.63 11.43
C THR A 156 11.18 -14.18 12.41
N TYR A 157 11.77 -15.32 12.06
CA TYR A 157 12.66 -16.02 12.95
C TYR A 157 13.99 -15.28 13.17
N VAL A 158 14.57 -14.77 12.07
CA VAL A 158 15.90 -14.22 12.03
C VAL A 158 15.91 -12.74 12.39
N SER A 159 14.95 -11.96 11.89
CA SER A 159 14.91 -10.58 12.35
C SER A 159 14.26 -10.48 13.75
N GLN A 160 13.54 -11.51 14.18
CA GLN A 160 12.79 -11.55 15.48
C GLN A 160 11.82 -10.35 15.56
N ARG A 161 11.03 -10.14 14.52
CA ARG A 161 10.00 -9.08 14.54
C ARG A 161 8.79 -9.59 13.78
N PRO A 162 7.58 -9.03 14.02
CA PRO A 162 6.38 -9.52 13.35
C PRO A 162 6.48 -9.41 11.83
N VAL A 163 5.88 -10.39 11.16
CA VAL A 163 5.72 -10.37 9.73
C VAL A 163 4.23 -10.54 9.44
N TYR A 164 3.79 -9.84 8.40
CA TYR A 164 2.42 -9.90 7.96
C TYR A 164 2.29 -10.82 6.73
N LEU A 165 1.41 -11.82 6.83
CA LEU A 165 1.24 -12.72 5.70
C LEU A 165 -0.24 -12.85 5.35
N GLY A 166 -0.63 -12.23 4.25
CA GLY A 166 -2.01 -12.29 3.80
C GLY A 166 -2.26 -13.45 2.85
N LEU A 167 -3.27 -14.28 3.17
CA LEU A 167 -3.53 -15.56 2.48
C LEU A 167 -4.93 -15.58 1.87
N PRO A 168 -5.11 -15.19 0.59
CA PRO A 168 -6.42 -15.27 -0.04
C PRO A 168 -7.00 -16.71 0.09
N ALA A 169 -8.32 -16.76 0.32
CA ALA A 169 -9.07 -17.95 0.59
C ALA A 169 -9.08 -18.91 -0.61
N ASN A 170 -8.99 -18.36 -1.81
CA ASN A 170 -9.12 -19.15 -3.01
C ASN A 170 -7.79 -19.81 -3.36
N LEU A 171 -6.70 -19.41 -2.69
CA LEU A 171 -5.38 -20.05 -2.89
C LEU A 171 -5.09 -21.13 -1.83
N VAL A 172 -5.69 -21.07 -0.62
CA VAL A 172 -5.23 -21.98 0.46
C VAL A 172 -5.49 -23.45 0.15
N ASP A 173 -6.36 -23.79 -0.82
CA ASP A 173 -6.61 -25.22 -1.08
C ASP A 173 -6.17 -25.63 -2.50
N LEU A 174 -5.48 -24.74 -3.21
CA LEU A 174 -4.70 -25.09 -4.40
C LEU A 174 -3.48 -25.89 -3.93
N THR A 175 -3.02 -26.82 -4.77
CA THR A 175 -1.99 -27.76 -4.34
C THR A 175 -0.58 -27.34 -4.80
N VAL A 176 0.40 -27.80 -4.02
CA VAL A 176 1.78 -27.63 -4.34
C VAL A 176 2.47 -28.95 -4.05
N PRO A 177 3.62 -29.21 -4.69
CA PRO A 177 4.44 -30.39 -4.40
C PRO A 177 4.88 -30.52 -2.94
N ALA A 178 4.56 -31.67 -2.35
CA ALA A 178 4.94 -31.98 -0.99
C ALA A 178 6.49 -31.99 -0.86
N SER A 179 7.17 -32.29 -1.97
CA SER A 179 8.62 -32.37 -1.99
C SER A 179 9.27 -31.02 -1.67
N LEU A 180 8.53 -29.90 -1.82
CA LEU A 180 9.07 -28.56 -1.45
C LEU A 180 9.51 -28.54 0.01
N LEU A 181 8.82 -29.33 0.86
CA LEU A 181 9.13 -29.34 2.28
C LEU A 181 10.51 -29.96 2.58
N ASP A 182 11.03 -30.77 1.65
CA ASP A 182 12.30 -31.47 1.85
C ASP A 182 13.50 -30.51 1.72
N THR A 183 13.25 -29.26 1.31
CA THR A 183 14.29 -28.21 1.36
C THR A 183 14.07 -27.39 2.63
N PRO A 184 14.97 -27.48 3.61
CA PRO A 184 14.78 -26.77 4.88
C PRO A 184 14.74 -25.26 4.60
N ILE A 185 13.92 -24.56 5.39
CA ILE A 185 14.04 -23.14 5.46
C ILE A 185 15.38 -22.84 6.12
N ASP A 186 16.18 -22.00 5.45
CA ASP A 186 17.46 -21.53 5.95
C ASP A 186 17.23 -20.45 7.02
N LEU A 187 17.53 -20.78 8.28
CA LEU A 187 17.38 -19.85 9.41
C LEU A 187 18.74 -19.40 9.99
N SER A 188 19.84 -19.60 9.24
CA SER A 188 21.15 -19.13 9.74
C SER A 188 21.36 -17.65 9.35
N LEU A 189 22.23 -17.00 10.12
CA LEU A 189 22.62 -15.65 9.85
C LEU A 189 23.73 -15.71 8.81
N LYS A 190 23.70 -14.78 7.85
CA LYS A 190 24.84 -14.54 6.97
C LYS A 190 26.04 -14.19 7.84
N PRO A 191 27.23 -14.79 7.61
CA PRO A 191 28.43 -14.43 8.36
C PRO A 191 28.69 -12.92 8.29
N ASN A 192 29.37 -12.40 9.32
CA ASN A 192 29.65 -10.99 9.43
C ASN A 192 30.49 -10.55 8.25
N ASP A 193 30.57 -9.23 8.00
CA ASP A 193 31.60 -8.71 7.12
C ASP A 193 32.94 -8.90 7.83
N PRO A 194 33.96 -9.51 7.18
CA PRO A 194 35.26 -9.74 7.83
C PRO A 194 35.98 -8.46 8.26
N GLU A 195 36.06 -7.49 7.33
CA GLU A 195 36.71 -6.21 7.56
C GLU A 195 36.01 -5.50 8.72
N ALA A 196 34.68 -5.44 8.66
CA ALA A 196 33.90 -4.74 9.69
C ALA A 196 34.07 -5.45 11.06
N GLU A 197 33.98 -6.78 11.07
CA GLU A 197 34.00 -7.55 12.35
C GLU A 197 35.34 -7.40 13.04
N GLU A 198 36.42 -7.26 12.23
CA GLU A 198 37.77 -7.16 12.74
C GLU A 198 37.99 -5.77 13.35
N GLU A 199 37.49 -4.73 12.69
CA GLU A 199 37.56 -3.37 13.26
C GLU A 199 36.78 -3.33 14.57
N VAL A 200 35.59 -3.94 14.62
CA VAL A 200 34.86 -4.04 15.87
C VAL A 200 35.73 -4.68 16.96
N ILE A 201 36.24 -5.89 16.68
CA ILE A 201 36.94 -6.71 17.70
C ILE A 201 38.13 -5.91 18.22
N GLU A 202 38.95 -5.39 17.31
CA GLU A 202 40.19 -4.69 17.62
C GLU A 202 39.90 -3.53 18.59
N ASN A 203 38.83 -2.79 18.30
CA ASN A 203 38.40 -1.65 19.11
C ASN A 203 37.95 -2.13 20.49
N VAL A 204 36.97 -3.04 20.55
CA VAL A 204 36.46 -3.48 21.84
C VAL A 204 37.64 -3.96 22.69
N LEU A 205 38.52 -4.76 22.08
CA LEU A 205 39.69 -5.25 22.80
C LEU A 205 40.52 -4.06 23.32
N GLN A 206 40.77 -3.06 22.47
CA GLN A 206 41.53 -1.87 22.90
C GLN A 206 40.86 -1.24 24.12
N LEU A 207 39.57 -0.90 24.03
CA LEU A 207 38.83 -0.30 25.20
C LEU A 207 39.01 -1.16 26.45
N ILE A 208 38.92 -2.49 26.30
CA ILE A 208 38.93 -3.41 27.47
C ILE A 208 40.29 -3.37 28.16
N LYS A 209 41.35 -3.25 27.36
CA LYS A 209 42.69 -3.10 27.89
C LYS A 209 42.74 -1.86 28.80
N GLU A 210 42.15 -0.76 28.36
CA GLU A 210 42.33 0.53 28.98
C GLU A 210 41.27 0.84 30.04
N ALA A 211 40.40 -0.13 30.38
CA ALA A 211 39.31 0.12 31.32
C ALA A 211 39.74 -0.27 32.73
N LYS A 212 39.51 0.63 33.69
CA LYS A 212 39.84 0.37 35.08
C LYS A 212 38.66 -0.29 35.78
N ASN A 213 37.43 0.14 35.45
CA ASN A 213 36.18 -0.33 36.05
C ASN A 213 35.19 -0.79 34.98
N PRO A 214 35.51 -1.81 34.16
CA PRO A 214 34.54 -2.34 33.19
C PRO A 214 33.31 -2.98 33.85
N VAL A 215 32.17 -2.98 33.14
CA VAL A 215 30.97 -3.66 33.59
C VAL A 215 30.26 -4.21 32.38
N ILE A 216 29.57 -5.34 32.57
CA ILE A 216 28.80 -5.99 31.54
C ILE A 216 27.31 -5.72 31.83
N LEU A 217 26.56 -5.28 30.80
CA LEU A 217 25.11 -5.06 30.93
C LEU A 217 24.37 -5.97 29.94
N ALA A 218 23.54 -6.82 30.51
CA ALA A 218 22.78 -7.77 29.73
C ALA A 218 21.37 -7.22 29.57
N ASP A 219 21.03 -6.77 28.35
CA ASP A 219 19.72 -6.21 28.10
C ASP A 219 18.79 -7.32 27.55
N ALA A 220 17.74 -6.92 26.82
CA ALA A 220 16.55 -7.72 26.56
C ALA A 220 16.83 -8.86 25.56
N CYS A 221 17.61 -8.54 24.53
CA CYS A 221 17.89 -9.44 23.42
C CYS A 221 18.97 -10.47 23.79
N CYS A 222 19.33 -10.59 25.07
CA CYS A 222 20.38 -11.51 25.48
C CYS A 222 19.96 -12.96 25.17
N SER A 223 18.84 -13.39 25.78
CA SER A 223 18.24 -14.72 25.56
C SER A 223 17.67 -14.86 24.14
N ARG A 224 16.81 -13.91 23.75
CA ARG A 224 15.92 -14.07 22.60
C ARG A 224 16.75 -14.21 21.32
N HIS A 225 17.90 -13.52 21.22
CA HIS A 225 18.82 -13.65 20.07
C HIS A 225 19.98 -14.59 20.41
N ASP A 226 19.72 -15.57 21.28
CA ASP A 226 20.50 -16.77 21.36
C ASP A 226 21.94 -16.44 21.80
N ALA A 227 22.07 -15.56 22.82
CA ALA A 227 23.38 -15.02 23.25
C ALA A 227 23.66 -15.21 24.75
N LYS A 228 22.78 -15.92 25.48
CA LYS A 228 22.95 -16.16 26.91
C LYS A 228 24.28 -16.87 27.20
N ALA A 229 24.58 -17.93 26.45
CA ALA A 229 25.82 -18.69 26.62
C ALA A 229 27.04 -17.78 26.37
N GLU A 230 26.95 -16.91 25.36
CA GLU A 230 28.08 -16.06 24.96
C GLU A 230 28.37 -15.04 26.07
N THR A 231 27.29 -14.39 26.50
CA THR A 231 27.27 -13.45 27.58
C THR A 231 27.85 -14.09 28.85
N LYS A 232 27.43 -15.33 29.14
CA LYS A 232 27.97 -16.01 30.32
C LYS A 232 29.48 -16.29 30.12
N LYS A 233 29.88 -16.73 28.93
CA LYS A 233 31.30 -16.99 28.67
C LYS A 233 32.10 -15.68 28.83
N LEU A 234 31.53 -14.54 28.42
CA LEU A 234 32.24 -13.24 28.59
C LEU A 234 32.42 -12.87 30.08
N ILE A 235 31.37 -13.06 30.89
CA ILE A 235 31.51 -12.85 32.33
C ILE A 235 32.67 -13.71 32.87
N ASP A 236 32.64 -15.01 32.53
CA ASP A 236 33.56 -16.04 32.99
C ASP A 236 34.99 -15.67 32.59
N LEU A 237 35.18 -15.25 31.33
CA LEU A 237 36.49 -15.03 30.81
C LEU A 237 37.04 -13.65 31.20
N THR A 238 36.19 -12.74 31.69
CA THR A 238 36.66 -11.41 32.04
C THR A 238 36.60 -11.20 33.54
N GLN A 239 35.55 -11.71 34.20
CA GLN A 239 35.29 -11.53 35.66
C GLN A 239 34.83 -10.11 35.97
N PHE A 240 34.50 -9.31 34.94
CA PHE A 240 33.88 -8.03 35.13
C PHE A 240 32.56 -8.21 35.85
N PRO A 241 32.09 -7.20 36.62
CA PRO A 241 30.74 -7.20 37.18
C PRO A 241 29.71 -7.28 36.05
N ALA A 242 28.62 -8.00 36.28
CA ALA A 242 27.59 -8.28 35.28
C ALA A 242 26.22 -7.92 35.86
N PHE A 243 25.51 -7.02 35.19
CA PHE A 243 24.22 -6.57 35.61
C PHE A 243 23.21 -6.80 34.49
N VAL A 244 21.94 -6.93 34.87
CA VAL A 244 20.87 -7.04 33.89
C VAL A 244 20.04 -5.74 33.87
N THR A 245 19.35 -5.50 32.76
CA THR A 245 18.25 -4.55 32.69
C THR A 245 16.96 -5.26 33.09
N PRO A 246 15.90 -4.56 33.53
CA PRO A 246 14.64 -5.23 33.86
C PRO A 246 14.21 -6.19 32.73
N MET A 247 14.36 -5.74 31.48
CA MET A 247 14.01 -6.56 30.32
C MET A 247 14.94 -7.78 30.21
N GLY A 248 16.20 -7.61 30.61
CA GLY A 248 17.23 -8.63 30.43
C GLY A 248 17.17 -9.69 31.51
N LYS A 249 16.43 -9.40 32.59
CA LYS A 249 16.49 -10.16 33.82
C LYS A 249 16.18 -11.63 33.53
N GLY A 250 17.07 -12.52 33.99
CA GLY A 250 17.06 -13.93 33.63
C GLY A 250 18.15 -14.26 32.63
N SER A 251 18.65 -13.23 31.88
CA SER A 251 19.77 -13.31 30.87
C SER A 251 21.07 -13.84 31.48
N ILE A 252 21.29 -13.47 32.74
CA ILE A 252 22.41 -13.92 33.51
C ILE A 252 21.89 -14.66 34.74
N ASP A 253 22.38 -15.88 34.93
CA ASP A 253 22.05 -16.76 36.05
C ASP A 253 22.59 -16.09 37.33
N GLU A 254 21.69 -15.78 38.28
CA GLU A 254 21.92 -14.79 39.32
C GLU A 254 22.72 -15.39 40.48
N LYS A 255 23.10 -16.65 40.36
CA LYS A 255 23.95 -17.31 41.34
C LYS A 255 25.43 -17.09 41.02
N HIS A 256 25.76 -16.70 39.79
CA HIS A 256 27.14 -16.29 39.43
C HIS A 256 27.65 -15.26 40.42
N PRO A 257 28.85 -15.44 41.00
CA PRO A 257 29.41 -14.46 41.95
C PRO A 257 29.59 -13.01 41.46
N ARG A 258 29.71 -12.83 40.13
CA ARG A 258 29.98 -11.51 39.52
C ARG A 258 28.66 -10.81 39.17
N PHE A 259 27.55 -11.55 39.24
CA PHE A 259 26.26 -10.96 39.12
C PHE A 259 26.04 -9.93 40.24
N GLY A 260 25.98 -8.64 39.88
CA GLY A 260 25.78 -7.53 40.80
C GLY A 260 24.33 -7.02 40.89
N GLY A 261 23.45 -7.42 39.99
CA GLY A 261 22.00 -7.12 40.15
C GLY A 261 21.41 -6.42 38.94
N VAL A 262 20.26 -5.76 39.17
CA VAL A 262 19.48 -5.11 38.14
C VAL A 262 19.78 -3.62 38.17
N TYR A 263 20.19 -3.09 37.00
CA TYR A 263 20.28 -1.67 36.76
C TYR A 263 18.93 -1.17 36.22
N VAL A 264 18.13 -0.56 37.10
CA VAL A 264 16.87 0.09 36.79
C VAL A 264 17.12 1.60 36.81
N GLY A 265 18.27 2.01 36.26
CA GLY A 265 18.71 3.40 36.32
C GLY A 265 18.58 4.01 37.70
N THR A 266 17.73 5.03 37.82
CA THR A 266 17.67 5.87 39.03
C THR A 266 16.80 5.18 40.09
N LEU A 267 16.16 4.07 39.71
CA LEU A 267 15.40 3.28 40.67
C LEU A 267 16.18 2.03 41.12
N SER A 268 17.50 1.98 40.84
CA SER A 268 18.35 0.85 41.28
C SER A 268 18.49 0.90 42.81
N SER A 269 19.08 -0.15 43.39
CA SER A 269 19.69 -0.05 44.71
C SER A 269 20.88 0.90 44.62
N PRO A 270 21.23 1.61 45.71
CA PRO A 270 22.33 2.58 45.70
C PRO A 270 23.68 1.98 45.25
N ALA A 271 23.92 0.73 45.65
CA ALA A 271 25.13 0.05 45.29
C ALA A 271 25.15 -0.21 43.78
N VAL A 272 24.02 -0.68 43.25
CA VAL A 272 23.93 -1.04 41.86
C VAL A 272 24.08 0.23 41.02
N LYS A 273 23.38 1.29 41.45
CA LYS A 273 23.37 2.54 40.73
C LYS A 273 24.82 3.03 40.62
N GLU A 274 25.51 2.98 41.76
CA GLU A 274 26.85 3.48 41.89
C GLU A 274 27.80 2.54 41.15
N ALA A 275 27.57 1.24 41.29
CA ALA A 275 28.47 0.27 40.69
C ALA A 275 28.47 0.47 39.15
N VAL A 276 27.31 0.79 38.56
CA VAL A 276 27.15 0.87 37.08
C VAL A 276 27.62 2.23 36.56
N GLU A 277 27.15 3.29 37.21
CA GLU A 277 27.41 4.65 36.76
C GLU A 277 28.88 5.01 36.96
N SER A 278 29.55 4.33 37.89
CA SER A 278 31.02 4.50 38.14
C SER A 278 31.91 3.77 37.11
N ALA A 279 31.31 3.10 36.11
CA ALA A 279 32.05 2.32 35.16
C ALA A 279 32.68 3.24 34.12
N ASP A 280 33.89 2.90 33.68
CA ASP A 280 34.56 3.63 32.60
C ASP A 280 34.40 2.87 31.25
N LEU A 281 33.70 1.73 31.28
CA LEU A 281 33.38 1.00 30.07
C LEU A 281 32.15 0.14 30.32
N VAL A 282 31.15 0.26 29.46
CA VAL A 282 29.95 -0.56 29.52
C VAL A 282 29.95 -1.50 28.30
N LEU A 283 29.98 -2.80 28.58
CA LEU A 283 29.77 -3.83 27.58
C LEU A 283 28.30 -4.22 27.61
N SER A 284 27.48 -3.57 26.77
CA SER A 284 26.02 -3.82 26.69
C SER A 284 25.68 -4.87 25.62
N VAL A 285 24.90 -5.87 25.98
CA VAL A 285 24.67 -7.05 25.15
C VAL A 285 23.17 -7.21 24.90
N GLY A 286 22.77 -7.16 23.64
CA GLY A 286 21.37 -7.34 23.27
C GLY A 286 20.52 -6.15 23.68
N ALA A 287 21.07 -4.95 23.46
CA ALA A 287 20.32 -3.72 23.59
C ALA A 287 19.29 -3.68 22.47
N LEU A 288 18.18 -2.96 22.70
CA LEU A 288 17.29 -2.51 21.61
C LEU A 288 17.25 -0.98 21.54
N LEU A 289 18.19 -0.33 22.24
CA LEU A 289 18.32 1.14 22.33
C LEU A 289 16.95 1.74 22.68
N LYS A 302 28.06 7.33 33.93
CA LYS A 302 27.68 7.69 32.57
C LYS A 302 28.86 7.39 31.63
N THR A 303 29.40 8.43 30.96
CA THR A 303 30.62 8.36 30.15
C THR A 303 30.34 7.75 28.76
N LYS A 304 31.30 8.02 27.88
CA LYS A 304 31.17 7.91 26.44
C LYS A 304 31.34 6.45 26.01
N ASN A 305 32.09 5.67 26.81
CA ASN A 305 32.69 4.41 26.38
C ASN A 305 31.68 3.27 26.52
N ILE A 306 30.68 3.30 25.64
CA ILE A 306 29.67 2.29 25.57
C ILE A 306 29.91 1.50 24.28
N VAL A 307 29.98 0.18 24.43
CA VAL A 307 29.89 -0.78 23.30
C VAL A 307 28.53 -1.45 23.39
N GLU A 308 27.72 -1.33 22.33
CA GLU A 308 26.44 -2.05 22.22
C GLU A 308 26.53 -3.19 21.21
N PHE A 309 26.21 -4.39 21.69
CA PHE A 309 26.14 -5.57 20.87
C PHE A 309 24.67 -5.82 20.56
N HIS A 310 24.27 -5.55 19.32
CA HIS A 310 22.92 -5.75 18.91
C HIS A 310 22.87 -6.94 17.94
N SER A 311 21.65 -7.43 17.72
CA SER A 311 21.40 -8.55 16.84
C SER A 311 21.98 -8.25 15.46
N ASP A 312 21.71 -7.04 14.99
CA ASP A 312 21.86 -6.61 13.59
C ASP A 312 23.16 -5.81 13.37
N TYR A 313 23.67 -5.16 14.43
CA TYR A 313 24.83 -4.23 14.31
C TYR A 313 25.56 -4.16 15.64
N THR A 314 26.78 -3.64 15.62
CA THR A 314 27.38 -3.22 16.85
C THR A 314 27.74 -1.74 16.76
N LYS A 315 27.76 -1.12 17.93
CA LYS A 315 27.98 0.29 18.11
C LYS A 315 29.02 0.47 19.22
N ILE A 316 30.04 1.26 18.92
CA ILE A 316 31.13 1.62 19.81
C ILE A 316 31.19 3.15 19.92
N ARG A 317 30.83 3.70 21.09
CA ARG A 317 30.59 5.15 21.20
C ARG A 317 29.57 5.56 20.12
N SER A 318 29.83 6.61 19.32
CA SER A 318 28.89 7.09 18.29
C SER A 318 28.98 6.24 17.02
N ALA A 319 30.02 5.41 16.94
CA ALA A 319 30.36 4.67 15.75
C ALA A 319 29.52 3.40 15.66
N THR A 320 28.91 3.22 14.49
CA THR A 320 28.02 2.15 14.19
C THR A 320 28.69 1.26 13.13
N PHE A 321 28.53 -0.05 13.29
CA PHE A 321 29.00 -1.03 12.31
C PHE A 321 27.82 -1.89 11.89
N PRO A 322 27.14 -1.58 10.78
CA PRO A 322 25.82 -2.16 10.50
C PRO A 322 26.01 -3.49 9.76
N GLY A 323 25.40 -4.56 10.27
CA GLY A 323 25.56 -5.91 9.69
C GLY A 323 26.67 -6.72 10.35
N VAL A 324 27.22 -6.18 11.45
CA VAL A 324 28.13 -6.90 12.32
C VAL A 324 27.30 -7.41 13.51
N GLN A 325 26.95 -8.67 13.45
CA GLN A 325 25.97 -9.31 14.33
C GLN A 325 26.65 -9.85 15.58
N MET A 326 25.86 -9.86 16.66
CA MET A 326 26.37 -10.05 17.99
C MET A 326 26.76 -11.52 18.17
N LYS A 327 25.97 -12.42 17.58
CA LYS A 327 26.18 -13.84 17.73
C LYS A 327 27.65 -14.11 17.40
N PHE A 328 28.03 -13.79 16.17
CA PHE A 328 29.34 -14.13 15.66
C PHE A 328 30.39 -13.20 16.28
N ALA A 329 30.05 -11.91 16.41
CA ALA A 329 31.00 -10.89 16.87
C ALA A 329 31.45 -11.22 18.29
N LEU A 330 30.51 -11.61 19.17
CA LEU A 330 30.84 -12.04 20.56
C LEU A 330 31.73 -13.27 20.51
N GLN A 331 31.39 -14.22 19.63
CA GLN A 331 32.12 -15.48 19.54
C GLN A 331 33.59 -15.17 19.26
N LYS A 332 33.84 -14.19 18.39
CA LYS A 332 35.20 -13.79 18.05
C LYS A 332 35.86 -13.08 19.24
N LEU A 333 35.09 -12.21 19.90
CA LEU A 333 35.57 -11.40 21.05
C LEU A 333 36.10 -12.37 22.11
N LEU A 334 35.39 -13.49 22.30
CA LEU A 334 35.64 -14.43 23.38
C LEU A 334 37.03 -15.09 23.23
N THR A 335 37.50 -15.20 21.98
CA THR A 335 38.79 -15.80 21.67
C THR A 335 39.97 -14.88 21.98
N LYS A 336 39.73 -13.61 22.32
CA LYS A 336 40.84 -12.72 22.66
C LYS A 336 40.56 -11.96 23.96
N VAL A 337 39.35 -12.08 24.49
CA VAL A 337 38.93 -11.15 25.53
C VAL A 337 39.80 -11.33 26.78
N ALA A 338 40.12 -12.57 27.14
CA ALA A 338 40.92 -12.88 28.39
C ALA A 338 42.29 -12.19 28.37
N ASP A 339 42.97 -12.23 27.22
CA ASP A 339 44.20 -11.48 27.03
C ASP A 339 43.99 -10.00 27.36
N ALA A 340 42.91 -9.41 26.83
CA ALA A 340 42.62 -7.96 27.00
C ALA A 340 42.33 -7.63 28.47
N ALA A 341 41.60 -8.53 29.14
CA ALA A 341 41.20 -8.39 30.51
C ALA A 341 42.29 -8.87 31.48
N LYS A 342 43.46 -9.21 30.94
CA LYS A 342 44.60 -9.84 31.63
C LYS A 342 44.88 -9.10 32.94
N GLY A 343 45.04 -7.77 32.83
CA GLY A 343 45.35 -6.92 33.96
C GLY A 343 44.11 -6.32 34.60
N TYR A 344 43.04 -7.12 34.73
CA TYR A 344 41.89 -6.67 35.47
C TYR A 344 41.99 -7.27 36.87
N LYS A 345 41.54 -6.48 37.85
CA LYS A 345 41.44 -6.84 39.25
C LYS A 345 39.96 -6.78 39.62
N PRO A 346 39.30 -7.94 39.86
CA PRO A 346 37.85 -7.96 40.12
C PRO A 346 37.34 -7.17 41.35
N VAL A 347 36.45 -6.20 41.10
CA VAL A 347 35.74 -5.43 42.12
C VAL A 347 34.71 -6.38 42.76
N PRO A 348 34.48 -6.33 44.10
CA PRO A 348 33.35 -7.06 44.70
C PRO A 348 32.04 -6.38 44.30
N VAL A 349 31.00 -7.19 44.11
CA VAL A 349 29.78 -6.69 43.48
C VAL A 349 28.71 -6.44 44.54
N PRO A 350 27.71 -5.58 44.25
CA PRO A 350 26.55 -5.45 45.13
C PRO A 350 25.76 -6.76 45.20
N SER A 351 25.01 -6.93 46.30
CA SER A 351 23.94 -7.93 46.41
C SER A 351 22.86 -7.43 47.37
N GLU A 352 21.60 -7.75 47.02
CA GLU A 352 20.48 -7.56 47.91
C GLU A 352 20.44 -8.72 48.90
N PRO A 353 20.30 -8.47 50.23
CA PRO A 353 19.92 -9.52 51.15
C PRO A 353 18.82 -10.34 50.46
N GLU A 354 18.90 -11.65 50.62
CA GLU A 354 18.19 -12.60 49.80
C GLU A 354 17.05 -13.22 50.62
N HIS A 355 16.87 -12.76 51.86
CA HIS A 355 15.92 -13.35 52.81
C HIS A 355 15.34 -12.23 53.69
N ASN A 356 14.04 -12.35 53.99
CA ASN A 356 13.34 -11.46 54.90
C ASN A 356 13.64 -11.89 56.34
N GLU A 357 13.70 -10.93 57.26
CA GLU A 357 13.76 -11.29 58.66
C GLU A 357 12.37 -11.79 59.09
N ALA A 358 12.37 -12.91 59.83
CA ALA A 358 11.15 -13.59 60.30
C ALA A 358 10.27 -12.59 61.06
N VAL A 359 8.95 -12.73 60.86
CA VAL A 359 7.91 -11.83 61.41
C VAL A 359 6.76 -12.72 61.91
N ALA A 360 5.80 -12.13 62.64
CA ALA A 360 4.61 -12.87 63.11
C ALA A 360 3.75 -13.25 61.90
N ASP A 361 3.20 -14.47 61.95
CA ASP A 361 2.41 -15.04 60.86
C ASP A 361 1.20 -14.16 60.51
N SER A 362 0.87 -13.19 61.38
CA SER A 362 -0.27 -12.29 61.18
C SER A 362 0.15 -11.04 60.36
N THR A 363 1.44 -10.88 60.06
CA THR A 363 1.87 -9.63 59.45
C THR A 363 1.20 -9.52 58.07
N PRO A 364 0.36 -8.50 57.82
CA PRO A 364 -0.35 -8.38 56.55
C PRO A 364 0.66 -8.21 55.40
N LEU A 365 0.27 -8.57 54.18
CA LEU A 365 1.26 -8.61 53.10
C LEU A 365 1.61 -7.18 52.68
N LYS A 366 2.92 -6.95 52.50
CA LYS A 366 3.43 -5.76 51.83
C LYS A 366 4.35 -6.17 50.67
N GLN A 367 4.27 -5.40 49.58
CA GLN A 367 5.06 -5.58 48.37
C GLN A 367 6.54 -5.84 48.70
N GLU A 368 7.20 -4.98 49.48
CA GLU A 368 8.64 -5.10 49.73
C GLU A 368 8.97 -6.51 50.24
N TRP A 369 8.23 -6.98 51.25
CA TRP A 369 8.32 -8.35 51.78
C TRP A 369 8.09 -9.41 50.69
N VAL A 370 7.06 -9.19 49.85
CA VAL A 370 6.61 -10.24 48.95
C VAL A 370 7.62 -10.48 47.83
N TRP A 371 8.22 -9.41 47.26
CA TRP A 371 9.13 -9.58 46.10
C TRP A 371 10.39 -10.35 46.52
N THR A 372 10.89 -10.11 47.73
CA THR A 372 11.95 -10.94 48.29
C THR A 372 11.47 -12.36 48.57
N GLN A 373 10.23 -12.51 49.04
CA GLN A 373 9.80 -13.83 49.43
C GLN A 373 9.66 -14.73 48.21
N VAL A 374 9.06 -14.22 47.13
CA VAL A 374 8.92 -14.96 45.87
C VAL A 374 10.23 -15.70 45.59
N GLY A 375 11.33 -15.05 45.96
CA GLY A 375 12.67 -15.60 45.86
C GLY A 375 12.76 -17.01 46.40
N GLU A 376 12.06 -17.28 47.50
CA GLU A 376 12.13 -18.56 48.22
C GLU A 376 11.30 -19.63 47.52
N PHE A 377 10.42 -19.20 46.62
CA PHE A 377 9.51 -20.06 45.91
C PHE A 377 10.10 -20.55 44.60
N LEU A 378 10.79 -19.68 43.86
CA LEU A 378 11.17 -19.98 42.47
C LEU A 378 12.17 -21.15 42.45
N ARG A 379 12.20 -21.86 41.33
CA ARG A 379 13.24 -22.85 41.13
C ARG A 379 13.68 -22.80 39.67
N GLU A 380 14.80 -23.47 39.41
CA GLU A 380 15.39 -23.57 38.10
C GLU A 380 14.34 -24.05 37.10
N GLY A 381 14.39 -23.46 35.91
CA GLY A 381 13.50 -23.74 34.80
C GLY A 381 12.20 -22.94 34.85
N ASP A 382 12.00 -22.12 35.89
CA ASP A 382 10.76 -21.34 36.03
C ASP A 382 10.72 -20.22 34.97
N VAL A 383 9.56 -20.10 34.33
CA VAL A 383 9.19 -18.92 33.54
C VAL A 383 8.43 -17.98 34.46
N VAL A 384 9.00 -16.79 34.68
CA VAL A 384 8.40 -15.72 35.49
C VAL A 384 7.93 -14.58 34.59
N ILE A 385 6.63 -14.31 34.68
CA ILE A 385 5.99 -13.30 33.88
C ILE A 385 5.47 -12.20 34.80
N THR A 386 5.82 -10.95 34.51
CA THR A 386 5.33 -9.86 35.35
C THR A 386 4.71 -8.73 34.53
N GLU A 387 3.54 -8.29 34.98
CA GLU A 387 2.76 -7.25 34.30
C GLU A 387 3.28 -5.85 34.67
N THR A 388 3.23 -4.97 33.65
CA THR A 388 3.34 -3.53 33.79
C THR A 388 2.43 -3.05 34.93
N GLY A 389 2.96 -2.16 35.78
CA GLY A 389 2.43 -1.84 37.10
C GLY A 389 3.40 -2.21 38.19
N THR A 390 2.90 -2.46 39.42
CA THR A 390 3.83 -2.60 40.54
C THR A 390 4.70 -3.86 40.38
N SER A 391 4.15 -4.88 39.72
CA SER A 391 4.77 -6.19 39.63
C SER A 391 6.09 -6.09 38.86
N ALA A 392 6.07 -5.32 37.76
CA ALA A 392 7.21 -5.19 36.82
C ALA A 392 8.42 -4.59 37.54
N PHE A 393 8.13 -3.77 38.57
CA PHE A 393 9.09 -3.06 39.35
C PHE A 393 9.52 -3.92 40.54
N GLY A 394 8.55 -4.60 41.15
CA GLY A 394 8.80 -5.44 42.31
C GLY A 394 9.67 -6.61 41.93
N ILE A 395 9.44 -7.19 40.75
CA ILE A 395 10.12 -8.40 40.38
C ILE A 395 11.64 -8.18 40.32
N ASN A 396 12.06 -6.91 40.21
CA ASN A 396 13.43 -6.52 40.00
C ASN A 396 14.26 -6.68 41.28
N GLN A 397 13.58 -6.90 42.41
CA GLN A 397 14.25 -7.09 43.70
C GLN A 397 14.19 -8.57 44.10
N THR A 398 13.52 -9.39 43.28
CA THR A 398 13.49 -10.83 43.49
C THR A 398 14.79 -11.44 42.94
N HIS A 399 15.45 -12.27 43.76
CA HIS A 399 16.61 -13.06 43.34
C HIS A 399 16.09 -14.25 42.56
N PHE A 400 16.60 -14.44 41.35
CA PHE A 400 16.19 -15.55 40.52
C PHE A 400 17.09 -16.76 40.76
N PRO A 401 16.57 -18.01 40.69
CA PRO A 401 17.41 -19.18 40.49
C PRO A 401 18.01 -19.17 39.07
N ASN A 402 19.06 -19.95 38.86
CA ASN A 402 19.66 -20.14 37.53
C ASN A 402 18.58 -20.71 36.59
N ASN A 403 18.78 -20.51 35.29
CA ASN A 403 17.89 -20.97 34.24
C ASN A 403 16.43 -20.52 34.53
N THR A 404 16.26 -19.27 34.96
CA THR A 404 14.92 -18.66 35.12
C THR A 404 14.69 -17.72 33.93
N TYR A 405 13.59 -17.91 33.18
CA TYR A 405 13.30 -17.06 32.03
C TYR A 405 12.26 -16.00 32.44
N GLY A 406 12.68 -14.73 32.50
CA GLY A 406 11.79 -13.60 32.79
C GLY A 406 11.05 -13.13 31.53
N ILE A 407 9.76 -12.78 31.66
CA ILE A 407 9.04 -11.95 30.69
C ILE A 407 8.42 -10.74 31.38
N SER A 408 8.88 -9.56 30.96
CA SER A 408 8.43 -8.28 31.47
C SER A 408 8.52 -7.26 30.34
N GLN A 409 7.37 -6.92 29.76
CA GLN A 409 7.23 -6.09 28.56
C GLN A 409 7.44 -4.60 28.90
N VAL A 410 8.65 -4.25 29.33
CA VAL A 410 8.91 -2.96 29.97
C VAL A 410 8.88 -1.85 28.91
N LEU A 411 9.40 -2.12 27.72
CA LEU A 411 9.47 -1.07 26.74
C LEU A 411 8.04 -0.76 26.27
N TRP A 412 7.30 -1.74 25.71
CA TRP A 412 5.99 -1.44 25.11
C TRP A 412 4.97 -1.13 26.22
N GLY A 413 4.97 -1.95 27.28
CA GLY A 413 4.24 -1.70 28.54
C GLY A 413 2.75 -1.63 28.34
N SER A 414 2.22 -2.67 27.70
CA SER A 414 0.79 -2.79 27.43
C SER A 414 0.07 -3.62 28.52
N ILE A 415 -0.62 -2.99 29.46
CA ILE A 415 -1.20 -3.81 30.52
C ILE A 415 -2.25 -4.75 29.91
N GLY A 416 -2.29 -5.96 30.47
CA GLY A 416 -3.16 -6.99 29.98
C GLY A 416 -2.39 -8.05 29.22
N PHE A 417 -1.34 -7.61 28.52
CA PHE A 417 -0.36 -8.45 27.84
C PHE A 417 -0.09 -9.79 28.55
N THR A 418 0.17 -9.76 29.85
CA THR A 418 0.67 -10.93 30.49
C THR A 418 -0.41 -12.02 30.55
N THR A 419 -1.69 -11.65 30.45
CA THR A 419 -2.71 -12.69 30.49
C THR A 419 -2.59 -13.58 29.25
N GLY A 420 -2.38 -12.98 28.07
CA GLY A 420 -2.20 -13.74 26.84
C GLY A 420 -0.86 -14.44 26.83
N ALA A 421 0.19 -13.70 27.24
CA ALA A 421 1.58 -14.12 27.20
C ALA A 421 1.76 -15.35 28.09
N THR A 422 1.01 -15.36 29.21
CA THR A 422 1.00 -16.51 30.09
C THR A 422 0.46 -17.73 29.34
N LEU A 423 -0.70 -17.62 28.68
CA LEU A 423 -1.20 -18.72 27.91
C LEU A 423 -0.11 -19.20 26.94
N GLY A 424 0.49 -18.27 26.20
CA GLY A 424 1.38 -18.62 25.14
C GLY A 424 2.61 -19.31 25.69
N ALA A 425 3.18 -18.74 26.76
CA ALA A 425 4.33 -19.31 27.44
C ALA A 425 4.01 -20.72 27.93
N ALA A 426 2.73 -20.99 28.24
CA ALA A 426 2.43 -22.21 28.96
C ALA A 426 2.39 -23.32 27.91
N PHE A 427 1.71 -23.05 26.81
CA PHE A 427 1.79 -23.91 25.63
C PHE A 427 3.25 -24.25 25.29
N ALA A 428 4.13 -23.25 25.25
CA ALA A 428 5.48 -23.45 24.75
C ALA A 428 6.23 -24.30 25.78
N ALA A 429 6.00 -23.98 27.06
CA ALA A 429 6.62 -24.67 28.18
C ALA A 429 6.21 -26.16 28.17
N GLU A 430 4.93 -26.39 27.95
CA GLU A 430 4.37 -27.72 27.90
C GLU A 430 5.15 -28.54 26.87
N GLU A 431 5.50 -27.89 25.75
CA GLU A 431 6.08 -28.54 24.57
C GLU A 431 7.58 -28.75 24.76
N ILE A 432 8.19 -27.97 25.66
CA ILE A 432 9.62 -28.04 25.89
C ILE A 432 9.87 -28.99 27.07
N ASP A 433 9.11 -28.82 28.17
CA ASP A 433 9.25 -29.64 29.37
C ASP A 433 8.05 -29.46 30.32
N PRO A 434 7.10 -30.40 30.39
CA PRO A 434 5.96 -30.33 31.30
C PRO A 434 6.21 -30.06 32.79
N LYS A 435 7.43 -30.28 33.29
CA LYS A 435 7.73 -30.06 34.69
C LYS A 435 7.88 -28.56 34.95
N LYS A 436 8.12 -27.79 33.86
CA LYS A 436 8.47 -26.41 33.86
C LYS A 436 7.27 -25.56 34.33
N ARG A 437 7.49 -24.73 35.36
CA ARG A 437 6.43 -23.88 35.93
C ARG A 437 6.38 -22.52 35.18
N VAL A 438 5.15 -22.07 34.85
CA VAL A 438 4.87 -20.69 34.36
C VAL A 438 4.14 -19.94 35.46
N ILE A 439 4.73 -18.83 35.89
CA ILE A 439 4.33 -18.06 37.07
C ILE A 439 4.09 -16.60 36.66
N LEU A 440 2.86 -16.14 36.87
CA LEU A 440 2.49 -14.81 36.48
C LEU A 440 2.23 -13.98 37.74
N PHE A 441 2.86 -12.80 37.80
CA PHE A 441 2.37 -11.75 38.67
C PHE A 441 1.67 -10.73 37.79
N ILE A 442 0.35 -10.63 37.98
CA ILE A 442 -0.50 -9.59 37.36
C ILE A 442 -1.29 -8.82 38.42
N GLY A 443 -1.36 -7.50 38.24
CA GLY A 443 -2.28 -6.64 38.97
C GLY A 443 -3.75 -6.98 38.68
N ASP A 444 -4.59 -6.78 39.69
CA ASP A 444 -6.05 -6.76 39.54
C ASP A 444 -6.49 -5.91 38.35
N GLY A 445 -5.87 -4.76 38.16
CA GLY A 445 -6.28 -3.84 37.11
C GLY A 445 -6.11 -4.45 35.73
N SER A 446 -4.87 -4.85 35.49
CA SER A 446 -4.40 -5.34 34.21
C SER A 446 -5.19 -6.59 33.79
N LEU A 447 -5.55 -7.39 34.79
CA LEU A 447 -6.26 -8.64 34.58
C LEU A 447 -7.60 -8.42 33.86
N GLN A 448 -8.24 -7.28 34.06
CA GLN A 448 -9.58 -7.03 33.51
C GLN A 448 -9.48 -6.95 31.98
N LEU A 449 -8.38 -6.41 31.45
CA LEU A 449 -8.31 -6.08 29.99
C LEU A 449 -8.37 -7.36 29.14
N THR A 450 -7.93 -8.50 29.71
CA THR A 450 -7.67 -9.76 29.03
C THR A 450 -8.02 -11.00 29.90
N VAL A 451 -8.94 -10.83 30.86
CA VAL A 451 -9.25 -11.86 31.87
C VAL A 451 -9.62 -13.18 31.17
N GLN A 452 -10.24 -13.06 30.00
CA GLN A 452 -10.89 -14.18 29.35
C GLN A 452 -9.90 -15.25 28.87
N GLU A 453 -8.63 -14.88 28.66
CA GLU A 453 -7.72 -15.86 28.10
C GLU A 453 -7.40 -16.95 29.13
N ILE A 454 -7.83 -16.77 30.38
CA ILE A 454 -7.85 -17.82 31.39
C ILE A 454 -8.68 -19.01 30.89
N SER A 455 -9.73 -18.71 30.12
CA SER A 455 -10.57 -19.74 29.52
C SER A 455 -9.74 -20.69 28.64
N THR A 456 -8.81 -20.12 27.87
CA THR A 456 -8.04 -20.89 26.91
C THR A 456 -7.02 -21.78 27.64
N MET A 457 -6.50 -21.31 28.78
CA MET A 457 -5.63 -22.09 29.60
C MET A 457 -6.40 -23.30 30.13
N ILE A 458 -7.61 -23.04 30.64
CA ILE A 458 -8.47 -24.06 31.24
C ILE A 458 -8.73 -25.16 30.21
N ARG A 459 -8.98 -24.75 28.97
CA ARG A 459 -9.41 -25.59 27.87
C ARG A 459 -8.37 -26.68 27.58
N TRP A 460 -7.09 -26.30 27.68
CA TRP A 460 -5.95 -27.11 27.31
C TRP A 460 -5.29 -27.73 28.55
N GLY A 461 -5.96 -27.66 29.69
CA GLY A 461 -5.45 -28.21 30.92
C GLY A 461 -4.06 -27.71 31.24
N LEU A 462 -3.80 -26.42 30.93
CA LEU A 462 -2.51 -25.80 31.23
C LEU A 462 -2.54 -25.33 32.69
N LYS A 463 -1.38 -25.28 33.34
CA LYS A 463 -1.32 -25.22 34.77
C LYS A 463 -0.38 -24.11 35.24
N PRO A 464 -0.52 -22.87 34.73
CA PRO A 464 0.21 -21.74 35.31
C PRO A 464 -0.33 -21.36 36.70
N TYR A 465 0.55 -20.71 37.48
CA TYR A 465 0.22 -20.00 38.70
C TYR A 465 -0.16 -18.57 38.31
N LEU A 466 -1.34 -18.15 38.72
CA LEU A 466 -1.83 -16.80 38.47
C LEU A 466 -1.87 -16.04 39.79
N PHE A 467 -0.81 -15.29 40.06
CA PHE A 467 -0.78 -14.41 41.18
C PHE A 467 -1.43 -13.08 40.74
N VAL A 468 -2.56 -12.76 41.39
CA VAL A 468 -3.30 -11.53 41.15
C VAL A 468 -3.08 -10.61 42.32
N LEU A 469 -2.44 -9.47 42.10
CA LEU A 469 -2.20 -8.54 43.21
C LEU A 469 -3.41 -7.63 43.38
N ASN A 470 -4.17 -7.86 44.45
CA ASN A 470 -5.37 -7.11 44.74
C ASN A 470 -5.04 -5.93 45.66
N ASN A 471 -4.75 -4.78 45.04
CA ASN A 471 -4.55 -3.55 45.73
C ASN A 471 -5.68 -2.55 45.39
N ASP A 472 -6.82 -3.02 44.91
CA ASP A 472 -8.04 -2.16 44.77
C ASP A 472 -7.79 -1.03 43.77
N GLY A 473 -7.23 -1.34 42.60
CA GLY A 473 -7.16 -0.42 41.48
C GLY A 473 -5.79 -0.34 40.86
N TYR A 474 -5.54 0.75 40.16
CA TYR A 474 -4.28 1.00 39.44
C TYR A 474 -3.29 1.74 40.35
N THR A 475 -2.46 0.98 41.08
CA THR A 475 -1.64 1.53 42.12
C THR A 475 -0.49 2.33 41.50
N ILE A 476 0.08 1.82 40.42
CA ILE A 476 1.19 2.54 39.84
C ILE A 476 0.67 3.91 39.37
N GLU A 477 -0.54 3.95 38.79
CA GLU A 477 -1.13 5.24 38.40
C GLU A 477 -1.41 6.10 39.65
N ARG A 478 -1.99 5.52 40.72
CA ARG A 478 -2.25 6.29 41.90
C ARG A 478 -0.96 7.00 42.37
N LEU A 479 0.17 6.28 42.34
CA LEU A 479 1.45 6.83 42.74
C LEU A 479 1.88 8.00 41.86
N ILE A 480 1.52 8.01 40.57
CA ILE A 480 2.08 9.07 39.75
C ILE A 480 1.13 10.28 39.75
N HIS A 481 -0.18 10.07 39.58
CA HIS A 481 -1.15 11.18 39.46
C HIS A 481 -2.60 10.78 39.81
N GLY A 482 -3.21 11.51 40.75
CA GLY A 482 -4.61 11.27 41.14
C GLY A 482 -4.69 10.05 42.03
N GLU A 483 -4.31 10.26 43.28
CA GLU A 483 -4.14 9.20 44.22
C GLU A 483 -5.45 8.44 44.41
N THR A 484 -6.55 9.19 44.49
CA THR A 484 -7.86 8.68 44.78
C THR A 484 -8.82 8.98 43.63
N ALA A 485 -8.28 9.51 42.51
CA ALA A 485 -9.06 9.82 41.33
C ALA A 485 -9.85 8.58 40.89
N GLN A 486 -11.02 8.83 40.28
CA GLN A 486 -11.96 7.79 39.87
C GLN A 486 -11.39 6.84 38.81
N TYR A 487 -10.57 7.39 37.89
CA TYR A 487 -10.01 6.69 36.76
C TYR A 487 -8.93 5.71 37.23
N ASN A 488 -8.44 5.86 38.47
CA ASN A 488 -7.54 4.83 39.03
C ASN A 488 -8.32 3.75 39.79
N CYS A 489 -9.66 3.87 39.84
CA CYS A 489 -10.49 2.87 40.54
C CYS A 489 -11.00 1.82 39.56
N ILE A 490 -11.22 0.61 40.05
CA ILE A 490 -11.74 -0.46 39.23
C ILE A 490 -12.94 -1.10 39.94
N GLN A 491 -13.79 -1.73 39.15
CA GLN A 491 -14.81 -2.59 39.67
C GLN A 491 -14.13 -3.78 40.36
N ASN A 492 -14.57 -4.11 41.57
CA ASN A 492 -14.01 -5.23 42.34
C ASN A 492 -14.67 -6.53 41.93
N TRP A 493 -13.85 -7.46 41.46
CA TRP A 493 -14.25 -8.75 41.03
C TRP A 493 -13.96 -9.76 42.13
N GLN A 494 -14.59 -10.92 41.95
CA GLN A 494 -14.35 -12.08 42.81
C GLN A 494 -13.31 -12.97 42.13
N HIS A 495 -12.04 -12.67 42.39
CA HIS A 495 -10.95 -13.33 41.67
C HIS A 495 -11.00 -14.87 41.86
N LEU A 496 -11.55 -15.36 42.98
CA LEU A 496 -11.56 -16.79 43.35
C LEU A 496 -12.58 -17.56 42.50
N GLU A 497 -13.54 -16.85 41.91
CA GLU A 497 -14.59 -17.47 41.08
C GLU A 497 -14.26 -17.41 39.59
N LEU A 498 -13.19 -16.69 39.20
CA LEU A 498 -12.85 -16.62 37.77
C LEU A 498 -12.73 -18.05 37.22
N LEU A 499 -11.95 -18.88 37.90
CA LEU A 499 -11.60 -20.19 37.36
C LEU A 499 -12.86 -21.03 37.15
N PRO A 500 -13.72 -21.27 38.17
CA PRO A 500 -14.94 -22.06 37.97
C PRO A 500 -15.92 -21.42 36.97
N THR A 501 -15.97 -20.10 36.94
CA THR A 501 -16.87 -19.37 36.00
C THR A 501 -16.47 -19.66 34.53
N PHE A 502 -15.17 -19.89 34.31
CA PHE A 502 -14.69 -20.16 32.95
C PHE A 502 -14.67 -21.67 32.69
N GLY A 503 -15.23 -22.43 33.63
CA GLY A 503 -15.52 -23.82 33.45
C GLY A 503 -14.45 -24.72 34.04
N ALA A 504 -13.54 -24.18 34.85
CA ALA A 504 -12.46 -25.00 35.39
C ALA A 504 -13.08 -26.05 36.32
N LYS A 505 -12.64 -27.29 36.13
CA LYS A 505 -13.02 -28.41 36.94
C LYS A 505 -11.85 -28.81 37.85
N ASP A 506 -10.62 -28.63 37.39
CA ASP A 506 -9.43 -29.05 38.14
C ASP A 506 -8.52 -27.84 38.34
N TYR A 507 -8.57 -27.27 39.54
CA TYR A 507 -7.92 -26.00 39.83
C TYR A 507 -7.82 -25.77 41.34
N GLU A 508 -7.04 -24.76 41.70
CA GLU A 508 -6.97 -24.22 43.04
C GLU A 508 -7.14 -22.69 42.98
N ALA A 509 -7.80 -22.11 43.98
CA ALA A 509 -7.95 -20.63 44.11
C ALA A 509 -7.95 -20.21 45.58
N VAL A 510 -6.98 -19.40 45.99
CA VAL A 510 -6.85 -19.04 47.39
C VAL A 510 -6.40 -17.59 47.52
N ARG A 511 -6.79 -17.00 48.65
CA ARG A 511 -6.48 -15.64 49.00
C ARG A 511 -5.41 -15.61 50.10
N VAL A 512 -4.43 -14.71 49.98
CA VAL A 512 -3.39 -14.59 51.00
C VAL A 512 -3.33 -13.13 51.42
N SER A 513 -3.46 -12.86 52.74
CA SER A 513 -3.49 -11.47 53.29
C SER A 513 -2.32 -11.23 54.24
N THR A 514 -1.61 -12.31 54.61
CA THR A 514 -0.62 -12.34 55.66
C THR A 514 0.60 -13.14 55.19
N THR A 515 1.73 -12.87 55.83
CA THR A 515 3.00 -13.61 55.69
C THR A 515 2.85 -15.11 56.01
N GLY A 516 2.23 -15.43 57.15
CA GLY A 516 1.98 -16.82 57.49
C GLY A 516 1.17 -17.53 56.40
N GLU A 517 0.14 -16.84 55.90
CA GLU A 517 -0.70 -17.42 54.90
C GLU A 517 0.12 -17.65 53.62
N TRP A 518 0.92 -16.65 53.24
CA TRP A 518 1.74 -16.78 52.03
C TRP A 518 2.72 -17.96 52.19
N ASN A 519 3.40 -17.98 53.34
CA ASN A 519 4.34 -19.07 53.67
C ASN A 519 3.66 -20.43 53.61
N LYS A 520 2.43 -20.52 54.15
CA LYS A 520 1.68 -21.79 54.26
C LYS A 520 1.45 -22.34 52.86
N LEU A 521 1.08 -21.44 51.94
CA LEU A 521 0.70 -21.84 50.59
C LEU A 521 1.94 -22.21 49.76
N THR A 522 2.97 -21.36 49.84
CA THR A 522 4.09 -21.41 48.90
C THR A 522 5.11 -22.48 49.32
N THR A 523 5.06 -22.92 50.59
CA THR A 523 5.91 -24.01 51.08
C THR A 523 5.18 -25.36 51.01
N ASP A 524 3.90 -25.34 50.64
CA ASP A 524 3.10 -26.54 50.56
C ASP A 524 3.52 -27.41 49.37
N GLU A 525 3.84 -28.66 49.70
CA GLU A 525 4.14 -29.78 48.80
C GLU A 525 3.24 -29.76 47.57
N LYS A 526 1.92 -29.66 47.77
CA LYS A 526 0.94 -29.77 46.67
C LYS A 526 1.04 -28.56 45.72
N PHE A 527 1.35 -27.38 46.28
CA PHE A 527 1.41 -26.14 45.55
C PHE A 527 2.60 -26.12 44.60
N GLN A 528 3.69 -26.79 44.98
CA GLN A 528 4.96 -26.50 44.39
C GLN A 528 5.20 -27.24 43.06
N ASP A 529 4.32 -28.17 42.67
CA ASP A 529 4.35 -28.74 41.31
C ASP A 529 3.15 -28.25 40.50
N ASN A 530 3.35 -28.09 39.20
CA ASN A 530 2.28 -27.59 38.35
C ASN A 530 1.36 -28.78 38.03
N THR A 531 0.57 -29.17 39.04
CA THR A 531 -0.31 -30.27 38.88
C THR A 531 -1.69 -29.75 38.41
N ARG A 532 -1.94 -28.44 38.55
CA ARG A 532 -3.16 -27.81 38.04
C ARG A 532 -2.97 -26.29 37.93
N ILE A 533 -3.94 -25.64 37.28
CA ILE A 533 -4.03 -24.19 37.16
C ILE A 533 -4.43 -23.61 38.51
N ARG A 534 -3.80 -22.50 38.89
CA ARG A 534 -4.07 -21.91 40.20
C ARG A 534 -4.17 -20.38 40.16
N LEU A 535 -5.05 -19.84 41.02
CA LEU A 535 -5.15 -18.40 41.21
C LEU A 535 -4.88 -18.09 42.67
N ILE A 536 -3.88 -17.25 42.91
CA ILE A 536 -3.53 -16.78 44.24
C ILE A 536 -3.87 -15.28 44.28
N GLU A 537 -4.89 -14.92 45.06
CA GLU A 537 -5.31 -13.53 45.23
C GLU A 537 -4.49 -12.91 46.36
N VAL A 538 -3.56 -12.03 45.97
CA VAL A 538 -2.61 -11.51 46.90
C VAL A 538 -3.09 -10.15 47.33
N MET A 539 -3.54 -10.06 48.59
CA MET A 539 -4.18 -8.86 49.08
C MET A 539 -3.11 -7.91 49.62
N LEU A 540 -3.11 -6.71 49.04
CA LEU A 540 -2.16 -5.69 49.27
C LEU A 540 -2.91 -4.40 49.48
N PRO A 541 -2.36 -3.48 50.31
CA PRO A 541 -2.90 -2.14 50.49
C PRO A 541 -2.80 -1.33 49.19
N THR A 542 -3.66 -0.32 49.04
CA THR A 542 -3.89 0.24 47.74
C THR A 542 -2.70 1.14 47.35
N MET A 543 -2.07 1.78 48.32
CA MET A 543 -0.98 2.70 48.06
C MET A 543 0.40 2.05 48.32
N ASP A 544 0.40 0.76 48.62
CA ASP A 544 1.62 -0.06 48.82
C ASP A 544 2.34 -0.36 47.49
N ALA A 545 3.67 -0.25 47.49
CA ALA A 545 4.51 -0.57 46.31
C ALA A 545 5.97 -0.82 46.72
N PRO A 546 6.79 -1.36 45.80
CA PRO A 546 8.20 -1.60 46.11
C PRO A 546 8.89 -0.24 46.41
N SER A 547 9.86 -0.28 47.34
CA SER A 547 10.40 0.94 47.96
C SER A 547 10.97 1.90 46.92
N ASN A 548 11.61 1.37 45.88
CA ASN A 548 12.12 2.20 44.82
C ASN A 548 11.00 3.15 44.36
N LEU A 549 9.87 2.59 43.91
CA LEU A 549 8.73 3.37 43.42
C LEU A 549 8.25 4.37 44.49
N VAL A 550 8.19 3.95 45.76
CA VAL A 550 7.63 4.79 46.84
C VAL A 550 8.58 5.95 47.17
N LYS A 551 9.91 5.69 47.10
CA LYS A 551 10.94 6.75 47.06
C LYS A 551 11.03 7.30 45.64
N GLN A 552 9.98 8.01 45.22
CA GLN A 552 9.86 8.53 43.86
C GLN A 552 8.60 9.42 43.84
N ALA A 553 7.48 8.82 44.23
CA ALA A 553 6.24 9.54 44.46
C ALA A 553 6.46 10.57 45.56
N GLN A 554 7.05 10.13 46.68
CA GLN A 554 7.33 10.98 47.83
C GLN A 554 8.39 12.02 47.45
N LEU A 555 9.34 11.65 46.59
CA LEU A 555 10.48 12.50 46.21
C LEU A 555 10.12 13.44 45.05
N THR A 556 9.43 12.92 44.03
CA THR A 556 9.01 13.71 42.86
C THR A 556 7.47 13.87 42.88
N ALA A 557 6.94 14.34 44.01
CA ALA A 557 5.49 14.53 44.24
C ALA A 557 4.89 15.43 43.16
N SER B 2 -11.49 35.40 32.69
CA SER B 2 -11.85 34.11 33.37
C SER B 2 -11.38 32.92 32.51
N GLU B 3 -10.70 32.00 33.18
CA GLU B 3 -9.67 31.16 32.60
C GLU B 3 -9.94 29.69 32.95
N ILE B 4 -10.02 28.84 31.92
CA ILE B 4 -10.11 27.39 32.11
C ILE B 4 -9.00 26.67 31.33
N THR B 5 -8.70 25.46 31.81
CA THR B 5 -7.77 24.55 31.14
C THR B 5 -8.37 24.17 29.78
N LEU B 6 -7.49 23.80 28.86
CA LEU B 6 -7.87 23.31 27.54
C LEU B 6 -8.59 21.97 27.71
N GLY B 7 -8.19 21.22 28.73
CA GLY B 7 -8.91 20.05 29.19
C GLY B 7 -10.39 20.35 29.43
N ARG B 8 -10.64 21.35 30.26
CA ARG B 8 -11.98 21.67 30.70
C ARG B 8 -12.76 22.16 29.48
N TYR B 9 -12.08 22.90 28.61
CA TYR B 9 -12.68 23.41 27.39
C TYR B 9 -13.22 22.24 26.53
N LEU B 10 -12.46 21.15 26.41
CA LEU B 10 -12.86 19.98 25.59
C LEU B 10 -14.11 19.37 26.20
N PHE B 11 -14.13 19.16 27.51
CA PHE B 11 -15.29 18.49 28.09
C PHE B 11 -16.51 19.44 28.08
N GLU B 12 -16.29 20.74 28.21
CA GLU B 12 -17.42 21.66 28.21
C GLU B 12 -18.01 21.67 26.80
N ARG B 13 -17.12 21.50 25.81
CA ARG B 13 -17.53 21.45 24.42
C ARG B 13 -18.37 20.18 24.21
N LEU B 14 -17.85 19.04 24.66
CA LEU B 14 -18.58 17.80 24.50
C LEU B 14 -19.95 17.90 25.19
N LYS B 15 -19.98 18.54 26.37
CA LYS B 15 -21.22 18.63 27.12
C LYS B 15 -22.28 19.35 26.27
N GLN B 16 -21.84 20.37 25.53
CA GLN B 16 -22.75 21.19 24.73
C GLN B 16 -23.29 20.40 23.55
N VAL B 17 -22.62 19.31 23.16
CA VAL B 17 -23.18 18.46 22.15
C VAL B 17 -23.73 17.17 22.80
N GLU B 18 -24.17 17.25 24.06
CA GLU B 18 -24.99 16.23 24.72
C GLU B 18 -24.19 14.94 24.97
N VAL B 19 -22.85 15.05 24.97
CA VAL B 19 -21.95 13.94 25.30
C VAL B 19 -21.67 14.07 26.79
N GLN B 20 -22.25 13.18 27.61
CA GLN B 20 -22.12 13.23 29.06
C GLN B 20 -21.13 12.18 29.58
N THR B 21 -21.01 11.04 28.86
CA THR B 21 -20.13 9.96 29.27
C THR B 21 -18.93 9.87 28.34
N ILE B 22 -17.74 9.70 28.95
CA ILE B 22 -16.47 9.63 28.28
C ILE B 22 -15.92 8.21 28.46
N PHE B 23 -15.59 7.58 27.34
CA PHE B 23 -15.10 6.22 27.38
C PHE B 23 -13.56 6.24 27.36
N GLY B 24 -13.01 5.09 27.72
CA GLY B 24 -11.61 4.83 27.51
C GLY B 24 -10.95 4.37 28.77
N LEU B 25 -9.63 4.35 28.73
CA LEU B 25 -8.81 3.90 29.87
C LEU B 25 -7.76 4.97 30.15
N PRO B 26 -7.39 5.18 31.44
CA PRO B 26 -6.25 6.03 31.77
C PRO B 26 -4.89 5.44 31.36
N GLY B 27 -3.97 6.34 31.02
CA GLY B 27 -2.56 6.09 30.93
C GLY B 27 -1.75 7.35 31.16
N ASP B 28 -0.41 7.18 31.16
CA ASP B 28 0.56 8.22 31.52
C ASP B 28 0.17 9.57 30.88
N PHE B 29 -0.17 9.57 29.58
CA PHE B 29 -0.29 10.82 28.84
C PHE B 29 -1.70 11.40 28.76
N ASN B 30 -2.63 10.85 29.54
CA ASN B 30 -3.97 11.43 29.56
C ASN B 30 -4.45 11.70 30.99
N LEU B 31 -3.65 11.41 32.00
CA LEU B 31 -4.25 11.44 33.37
C LEU B 31 -4.68 12.87 33.71
N SER B 32 -3.87 13.86 33.30
CA SER B 32 -4.09 15.29 33.58
C SER B 32 -5.36 15.78 32.89
N LEU B 33 -5.61 15.23 31.70
CA LEU B 33 -6.73 15.58 30.89
C LEU B 33 -8.02 15.08 31.56
N LEU B 34 -7.97 13.89 32.13
CA LEU B 34 -9.13 13.21 32.63
C LEU B 34 -9.65 13.90 33.90
N ASP B 35 -8.74 14.52 34.65
CA ASP B 35 -9.10 15.32 35.84
C ASP B 35 -10.21 16.31 35.45
N ASN B 36 -10.08 16.91 34.27
CA ASN B 36 -10.96 17.99 33.90
C ASN B 36 -12.41 17.53 33.78
N ILE B 37 -12.63 16.25 33.47
CA ILE B 37 -14.00 15.72 33.34
C ILE B 37 -14.82 16.13 34.56
N TYR B 38 -14.22 16.08 35.75
CA TYR B 38 -14.98 16.16 36.95
C TYR B 38 -15.09 17.64 37.41
N GLU B 39 -14.65 18.56 36.55
CA GLU B 39 -14.84 20.01 36.75
C GLU B 39 -16.06 20.52 35.95
N VAL B 40 -16.62 19.67 35.08
CA VAL B 40 -17.80 19.97 34.25
C VAL B 40 -18.99 19.17 34.79
N PRO B 41 -20.01 19.81 35.41
CA PRO B 41 -21.13 19.08 35.99
C PRO B 41 -21.84 18.23 34.94
N GLY B 42 -22.39 17.09 35.36
CA GLY B 42 -23.15 16.18 34.47
C GLY B 42 -22.29 15.33 33.54
N MET B 43 -20.99 15.26 33.80
CA MET B 43 -20.06 14.48 32.96
C MET B 43 -19.46 13.34 33.80
N ARG B 44 -19.14 12.22 33.15
CA ARG B 44 -18.55 11.10 33.85
C ARG B 44 -17.58 10.35 32.93
N TRP B 45 -16.66 9.63 33.61
CA TRP B 45 -15.68 8.71 33.09
C TRP B 45 -16.20 7.27 33.26
N ALA B 46 -16.48 6.55 32.18
CA ALA B 46 -17.09 5.23 32.33
C ALA B 46 -16.12 4.27 33.05
N GLY B 47 -14.82 4.44 32.84
CA GLY B 47 -13.84 3.50 33.45
C GLY B 47 -13.97 2.12 32.84
N ASN B 48 -13.60 2.02 31.56
CA ASN B 48 -13.85 0.83 30.75
C ASN B 48 -12.85 -0.26 31.12
N ALA B 49 -13.22 -1.51 30.82
CA ALA B 49 -12.43 -2.65 31.22
C ALA B 49 -11.37 -3.01 30.17
N ASN B 50 -11.45 -2.41 28.98
CA ASN B 50 -10.31 -2.41 28.03
C ASN B 50 -10.68 -1.46 26.87
N GLU B 51 -9.70 -1.17 26.02
CA GLU B 51 -9.84 -0.05 25.08
C GLU B 51 -10.71 -0.45 23.88
N LEU B 52 -10.56 -1.72 23.40
CA LEU B 52 -11.44 -2.25 22.38
C LEU B 52 -12.91 -2.10 22.83
N ASN B 53 -13.22 -2.51 24.05
CA ASN B 53 -14.55 -2.48 24.56
C ASN B 53 -15.00 -1.02 24.69
N ALA B 54 -14.13 -0.15 25.22
CA ALA B 54 -14.40 1.28 25.35
C ALA B 54 -14.81 1.89 24.02
N ALA B 55 -14.15 1.49 22.90
CA ALA B 55 -14.51 2.03 21.54
C ALA B 55 -15.86 1.46 21.05
N TYR B 56 -16.12 0.17 21.27
CA TYR B 56 -17.45 -0.39 20.95
C TYR B 56 -18.55 0.37 21.71
N ALA B 57 -18.27 0.71 22.98
CA ALA B 57 -19.22 1.45 23.88
C ALA B 57 -19.49 2.87 23.37
N ALA B 58 -18.39 3.57 23.05
CA ALA B 58 -18.36 4.82 22.31
C ALA B 58 -19.29 4.79 21.09
N ASP B 59 -19.17 3.73 20.33
CA ASP B 59 -19.95 3.50 19.14
C ASP B 59 -21.43 3.45 19.54
N GLY B 60 -21.72 2.59 20.53
CA GLY B 60 -23.05 2.40 21.04
C GLY B 60 -23.65 3.71 21.51
N TYR B 61 -22.91 4.40 22.39
CA TYR B 61 -23.28 5.68 22.90
C TYR B 61 -23.67 6.65 21.76
N ALA B 62 -22.77 6.81 20.79
CA ALA B 62 -22.95 7.74 19.66
C ALA B 62 -24.23 7.40 18.86
N ARG B 63 -24.49 6.11 18.65
CA ARG B 63 -25.70 5.69 17.92
C ARG B 63 -26.97 6.27 18.56
N LEU B 64 -27.01 6.34 19.90
CA LEU B 64 -28.19 6.85 20.61
C LEU B 64 -28.11 8.35 20.82
N LYS B 65 -26.91 8.87 21.11
CA LYS B 65 -26.77 10.23 21.63
C LYS B 65 -26.43 11.20 20.48
N GLY B 66 -25.79 10.72 19.41
CA GLY B 66 -25.50 11.56 18.26
C GLY B 66 -24.04 11.56 17.92
N MET B 67 -23.19 11.76 18.94
CA MET B 67 -21.75 11.46 18.87
C MET B 67 -21.25 10.94 20.23
N SER B 68 -19.97 10.62 20.30
CA SER B 68 -19.33 10.10 21.52
C SER B 68 -17.85 10.50 21.58
N CYS B 69 -17.27 10.18 22.74
CA CYS B 69 -15.87 10.41 22.95
C CYS B 69 -15.27 9.22 23.70
N ILE B 70 -14.13 8.80 23.20
CA ILE B 70 -13.27 7.85 23.82
C ILE B 70 -11.89 8.50 23.93
N ILE B 71 -11.29 8.38 25.11
CA ILE B 71 -9.93 8.82 25.40
C ILE B 71 -9.08 7.60 25.68
N THR B 72 -7.90 7.52 25.05
CA THR B 72 -6.94 6.45 25.29
C THR B 72 -5.57 7.08 25.50
N THR B 73 -4.57 6.23 25.74
CA THR B 73 -3.18 6.66 25.87
C THR B 73 -2.37 6.28 24.61
N PHE B 74 -1.43 7.15 24.27
CA PHE B 74 -0.38 6.93 23.29
C PHE B 74 0.02 5.45 23.16
N GLY B 75 -0.06 4.94 21.94
CA GLY B 75 0.47 3.62 21.62
C GLY B 75 -0.43 2.49 22.09
N VAL B 76 -0.30 2.15 23.37
CA VAL B 76 -0.91 0.96 23.96
C VAL B 76 -2.44 1.08 23.99
N GLY B 77 -2.93 2.27 24.31
CA GLY B 77 -4.35 2.51 24.39
C GLY B 77 -4.94 2.64 23.00
N GLU B 78 -4.40 3.56 22.22
CA GLU B 78 -5.02 3.87 20.96
C GLU B 78 -5.03 2.63 20.06
N LEU B 79 -3.99 1.78 20.10
CA LEU B 79 -3.91 0.64 19.14
C LEU B 79 -4.94 -0.42 19.52
N SER B 80 -5.14 -0.63 20.81
CA SER B 80 -6.17 -1.53 21.32
C SER B 80 -7.56 -1.16 20.78
N ALA B 81 -7.83 0.14 20.56
CA ALA B 81 -9.17 0.56 20.16
C ALA B 81 -9.46 0.43 18.65
N LEU B 82 -8.45 0.17 17.81
CA LEU B 82 -8.55 0.39 16.33
C LEU B 82 -9.73 -0.37 15.67
N ASN B 83 -10.00 -1.61 16.11
CA ASN B 83 -11.07 -2.40 15.50
C ASN B 83 -12.42 -1.74 15.82
N GLY B 84 -12.51 -1.12 17.00
CA GLY B 84 -13.70 -0.37 17.38
C GLY B 84 -13.87 0.87 16.52
N ILE B 85 -12.80 1.65 16.42
CA ILE B 85 -12.83 2.86 15.61
C ILE B 85 -13.24 2.48 14.21
N ALA B 86 -12.57 1.49 13.64
CA ALA B 86 -12.77 1.07 12.24
C ALA B 86 -14.24 0.71 11.96
N GLY B 87 -14.87 0.02 12.89
CA GLY B 87 -16.29 -0.29 12.76
C GLY B 87 -17.18 0.93 12.78
N SER B 88 -16.83 1.93 13.61
CA SER B 88 -17.52 3.19 13.64
C SER B 88 -17.36 3.86 12.27
N TYR B 89 -16.12 3.94 11.78
CA TYR B 89 -15.92 4.46 10.41
C TYR B 89 -16.80 3.71 9.40
N ALA B 90 -16.79 2.37 9.44
CA ALA B 90 -17.49 1.58 8.41
C ALA B 90 -18.99 1.91 8.42
N GLU B 91 -19.55 2.11 9.62
CA GLU B 91 -20.99 2.12 9.74
C GLU B 91 -21.48 3.55 9.97
N HIS B 92 -20.55 4.51 9.87
CA HIS B 92 -20.85 5.94 9.96
C HIS B 92 -21.38 6.29 11.35
N VAL B 93 -20.56 6.00 12.37
CA VAL B 93 -20.85 6.41 13.72
C VAL B 93 -19.78 7.45 14.10
N GLY B 94 -20.23 8.63 14.53
CA GLY B 94 -19.36 9.74 14.96
C GLY B 94 -18.78 9.50 16.34
N VAL B 95 -17.53 9.02 16.38
CA VAL B 95 -16.79 8.80 17.58
C VAL B 95 -15.53 9.67 17.57
N LEU B 96 -15.45 10.64 18.48
CA LEU B 96 -14.23 11.37 18.69
C LEU B 96 -13.24 10.53 19.51
N HIS B 97 -12.10 10.20 18.90
CA HIS B 97 -11.02 9.46 19.61
C HIS B 97 -9.92 10.45 20.00
N VAL B 98 -9.85 10.73 21.29
CA VAL B 98 -8.84 11.65 21.80
C VAL B 98 -7.73 10.81 22.42
N VAL B 99 -6.50 10.99 21.91
CA VAL B 99 -5.30 10.33 22.38
C VAL B 99 -4.42 11.37 23.09
N GLY B 100 -4.20 11.14 24.40
CA GLY B 100 -3.17 11.83 25.15
C GLY B 100 -1.80 11.37 24.67
N VAL B 101 -0.94 12.31 24.27
CA VAL B 101 0.32 11.97 23.70
C VAL B 101 1.45 12.68 24.44
N PRO B 102 2.72 12.28 24.21
CA PRO B 102 3.84 12.89 24.93
C PRO B 102 4.01 14.37 24.59
N SER B 103 4.71 15.08 25.49
CA SER B 103 5.10 16.48 25.36
C SER B 103 5.62 16.76 23.94
N VAL B 104 5.57 18.03 23.55
CA VAL B 104 6.00 18.50 22.23
C VAL B 104 7.31 19.27 22.40
N ASN B 119 12.63 3.03 17.72
CA ASN B 119 12.79 3.08 16.26
C ASN B 119 12.46 4.51 15.79
N GLY B 120 12.18 5.38 16.77
CA GLY B 120 11.63 6.68 16.49
C GLY B 120 10.39 6.60 15.61
N ASP B 121 9.84 7.78 15.32
CA ASP B 121 8.56 7.95 14.63
C ASP B 121 7.44 7.85 15.67
N PHE B 122 7.24 8.96 16.39
CA PHE B 122 6.16 9.13 17.37
C PHE B 122 4.82 9.35 16.63
N THR B 123 4.87 9.50 15.29
CA THR B 123 3.68 9.75 14.41
C THR B 123 3.03 8.47 13.86
N VAL B 124 3.67 7.31 14.06
CA VAL B 124 3.25 6.07 13.40
C VAL B 124 1.78 5.74 13.71
N PHE B 125 1.37 5.94 14.97
CA PHE B 125 0.02 5.50 15.40
C PHE B 125 -1.01 6.49 14.84
N HIS B 126 -0.59 7.75 14.72
CA HIS B 126 -1.42 8.82 14.20
C HIS B 126 -1.72 8.52 12.74
N ARG B 127 -0.70 8.03 12.02
CA ARG B 127 -0.84 7.64 10.60
C ARG B 127 -1.73 6.39 10.45
N MET B 128 -1.57 5.42 11.35
CA MET B 128 -2.38 4.24 11.28
C MET B 128 -3.85 4.59 11.50
N SER B 129 -4.17 5.51 12.40
CA SER B 129 -5.59 5.91 12.66
C SER B 129 -6.14 6.81 11.55
N SER B 130 -5.26 7.52 10.82
CA SER B 130 -5.70 8.32 9.70
C SER B 130 -6.52 7.50 8.73
N ASN B 131 -6.13 6.24 8.55
CA ASN B 131 -6.74 5.34 7.58
C ASN B 131 -8.23 5.16 7.90
N ILE B 132 -8.60 5.18 9.18
CA ILE B 132 -9.98 4.94 9.60
C ILE B 132 -10.58 6.19 10.29
N SER B 133 -10.14 7.39 9.87
CA SER B 133 -10.65 8.61 10.46
C SER B 133 -11.02 9.59 9.35
N GLU B 134 -12.12 10.32 9.60
CA GLU B 134 -12.60 11.36 8.71
C GLU B 134 -11.61 12.53 8.67
N THR B 135 -11.08 12.89 9.82
CA THR B 135 -9.99 13.82 9.88
C THR B 135 -9.18 13.51 11.14
N THR B 136 -7.96 14.02 11.19
CA THR B 136 -7.06 13.90 12.33
C THR B 136 -6.47 15.28 12.64
N ALA B 137 -6.26 15.55 13.93
CA ALA B 137 -5.47 16.70 14.34
C ALA B 137 -4.44 16.27 15.38
N MET B 138 -3.26 16.85 15.25
CA MET B 138 -2.27 16.79 16.30
C MET B 138 -2.11 18.23 16.78
N ILE B 139 -2.71 18.52 17.94
CA ILE B 139 -2.64 19.83 18.54
C ILE B 139 -1.22 20.08 19.03
N THR B 140 -0.64 21.20 18.62
CA THR B 140 0.72 21.59 19.01
C THR B 140 0.72 22.96 19.70
N ASP B 141 -0.32 23.76 19.44
CA ASP B 141 -0.32 25.22 19.64
C ASP B 141 -1.49 25.58 20.57
N ILE B 142 -1.19 25.98 21.80
CA ILE B 142 -2.18 26.40 22.81
C ILE B 142 -3.19 27.41 22.23
N ASN B 143 -2.82 28.18 21.17
CA ASN B 143 -3.64 29.26 20.65
C ASN B 143 -4.64 28.79 19.61
N THR B 144 -4.31 27.75 18.84
CA THR B 144 -5.20 27.23 17.82
C THR B 144 -5.96 26.03 18.39
N ALA B 145 -5.55 25.55 19.57
CA ALA B 145 -6.13 24.31 20.09
C ALA B 145 -7.65 24.44 20.17
N PRO B 146 -8.23 25.52 20.73
CA PRO B 146 -9.70 25.64 20.83
C PRO B 146 -10.42 25.45 19.48
N ALA B 147 -9.97 26.16 18.43
CA ALA B 147 -10.53 26.01 17.09
C ALA B 147 -10.31 24.57 16.58
N GLU B 148 -9.19 23.95 16.93
CA GLU B 148 -8.89 22.58 16.49
C GLU B 148 -9.85 21.57 17.14
N ILE B 149 -10.08 21.70 18.44
CA ILE B 149 -11.07 20.87 19.14
C ILE B 149 -12.44 21.04 18.51
N ASP B 150 -12.83 22.32 18.34
CA ASP B 150 -14.10 22.69 17.77
C ASP B 150 -14.30 22.06 16.38
N ARG B 151 -13.27 22.10 15.52
CA ARG B 151 -13.32 21.56 14.16
C ARG B 151 -13.46 20.02 14.22
N CYS B 152 -12.76 19.39 15.16
CA CYS B 152 -12.86 17.92 15.35
C CYS B 152 -14.28 17.51 15.78
N ILE B 153 -14.82 18.18 16.79
CA ILE B 153 -16.18 17.88 17.23
C ILE B 153 -17.18 18.06 16.09
N ARG B 154 -17.17 19.23 15.42
CA ARG B 154 -18.11 19.49 14.28
C ARG B 154 -18.07 18.33 13.28
N THR B 155 -16.85 17.92 12.93
CA THR B 155 -16.62 16.97 11.86
C THR B 155 -17.11 15.60 12.31
N THR B 156 -16.87 15.27 13.58
CA THR B 156 -17.36 14.04 14.17
C THR B 156 -18.88 14.03 14.00
N TYR B 157 -19.52 15.11 14.40
CA TYR B 157 -20.96 15.17 14.49
C TYR B 157 -21.56 15.11 13.09
N VAL B 158 -21.16 16.05 12.24
CA VAL B 158 -21.75 16.27 10.95
C VAL B 158 -21.42 15.12 9.99
N SER B 159 -20.17 14.65 10.00
CA SER B 159 -19.78 13.59 9.04
C SER B 159 -20.23 12.23 9.56
N GLN B 160 -20.45 12.14 10.88
CA GLN B 160 -20.81 10.89 11.55
C GLN B 160 -19.79 9.81 11.15
N ARG B 161 -18.52 10.12 11.44
CA ARG B 161 -17.39 9.25 11.29
C ARG B 161 -16.36 9.58 12.38
N PRO B 162 -15.53 8.60 12.77
CA PRO B 162 -14.52 8.84 13.79
C PRO B 162 -13.55 9.98 13.43
N VAL B 163 -13.13 10.71 14.46
CA VAL B 163 -12.13 11.75 14.30
C VAL B 163 -11.04 11.49 15.33
N TYR B 164 -9.79 11.66 14.90
CA TYR B 164 -8.61 11.43 15.75
C TYR B 164 -8.06 12.77 16.22
N LEU B 165 -8.05 12.95 17.55
CA LEU B 165 -7.52 14.17 18.14
C LEU B 165 -6.40 13.79 19.10
N GLY B 166 -5.16 14.13 18.73
CA GLY B 166 -4.00 14.02 19.58
C GLY B 166 -3.84 15.26 20.45
N LEU B 167 -3.72 15.01 21.75
CA LEU B 167 -3.65 16.07 22.74
C LEU B 167 -2.38 15.92 23.61
N PRO B 168 -1.28 16.63 23.30
CA PRO B 168 -0.09 16.59 24.15
C PRO B 168 -0.32 16.93 25.62
N ALA B 169 0.31 16.14 26.50
CA ALA B 169 0.05 16.17 27.93
C ALA B 169 0.46 17.51 28.55
N ASN B 170 1.29 18.29 27.86
CA ASN B 170 1.75 19.57 28.42
C ASN B 170 0.80 20.74 28.06
N LEU B 171 -0.17 20.52 27.15
CA LEU B 171 -1.07 21.61 26.72
C LEU B 171 -2.41 21.54 27.45
N VAL B 172 -2.73 20.38 28.05
CA VAL B 172 -4.05 20.12 28.61
C VAL B 172 -4.36 21.11 29.73
N ASP B 173 -3.37 21.44 30.56
CA ASP B 173 -3.67 22.24 31.76
C ASP B 173 -3.22 23.69 31.52
N LEU B 174 -2.80 23.98 30.28
CA LEU B 174 -2.67 25.35 29.80
C LEU B 174 -4.07 25.97 29.65
N THR B 175 -4.22 27.27 29.96
CA THR B 175 -5.55 27.86 30.08
C THR B 175 -5.89 28.66 28.81
N VAL B 176 -7.21 28.74 28.54
CA VAL B 176 -7.80 29.50 27.45
C VAL B 176 -8.97 30.31 28.03
N PRO B 177 -9.37 31.41 27.36
CA PRO B 177 -10.58 32.14 27.74
C PRO B 177 -11.84 31.27 27.75
N ALA B 178 -12.50 31.21 28.91
CA ALA B 178 -13.79 30.51 29.07
C ALA B 178 -14.85 31.03 28.08
N SER B 179 -14.79 32.30 27.70
CA SER B 179 -15.86 32.88 26.84
C SER B 179 -15.78 32.37 25.38
N LEU B 180 -14.75 31.57 25.07
CA LEU B 180 -14.69 30.84 23.79
C LEU B 180 -15.89 29.87 23.69
N LEU B 181 -16.30 29.31 24.84
CA LEU B 181 -17.44 28.39 24.94
C LEU B 181 -18.76 29.10 24.63
N ASP B 182 -18.75 30.44 24.47
CA ASP B 182 -19.96 31.24 24.30
C ASP B 182 -20.31 31.35 22.79
N THR B 183 -19.41 30.98 21.90
CA THR B 183 -19.77 30.76 20.50
C THR B 183 -20.05 29.29 20.29
N PRO B 184 -21.29 28.90 19.93
CA PRO B 184 -21.59 27.49 19.73
C PRO B 184 -20.72 26.91 18.60
N ILE B 185 -20.48 25.61 18.68
CA ILE B 185 -20.02 24.91 17.54
C ILE B 185 -21.17 24.86 16.51
N ASP B 186 -20.85 25.20 15.26
CA ASP B 186 -21.73 25.09 14.10
C ASP B 186 -21.86 23.62 13.66
N LEU B 187 -23.03 23.02 13.94
CA LEU B 187 -23.36 21.63 13.62
C LEU B 187 -24.30 21.57 12.40
N SER B 188 -24.48 22.71 11.71
CA SER B 188 -25.39 22.81 10.56
C SER B 188 -24.69 22.29 9.30
N LEU B 189 -25.47 21.68 8.40
CA LEU B 189 -24.98 21.36 7.08
C LEU B 189 -24.90 22.66 6.28
N LYS B 190 -23.89 22.75 5.41
CA LYS B 190 -23.85 23.75 4.37
C LYS B 190 -24.87 23.33 3.32
N PRO B 191 -25.71 24.27 2.81
CA PRO B 191 -26.80 23.90 1.91
C PRO B 191 -26.34 23.28 0.59
N ASN B 192 -27.31 22.82 -0.21
CA ASN B 192 -27.03 22.20 -1.49
C ASN B 192 -26.91 23.28 -2.55
N ASP B 193 -26.13 23.04 -3.61
CA ASP B 193 -26.22 23.88 -4.78
C ASP B 193 -27.64 23.74 -5.30
N PRO B 194 -28.41 24.85 -5.36
CA PRO B 194 -29.83 24.77 -5.72
C PRO B 194 -30.02 24.13 -7.11
N GLU B 195 -29.11 24.49 -8.03
CA GLU B 195 -29.18 24.09 -9.45
C GLU B 195 -28.96 22.57 -9.57
N ALA B 196 -27.95 22.05 -8.86
CA ALA B 196 -27.71 20.62 -8.80
C ALA B 196 -28.87 19.93 -8.08
N GLU B 197 -29.40 20.58 -7.04
CA GLU B 197 -30.45 20.00 -6.21
C GLU B 197 -31.77 20.00 -6.98
N GLU B 198 -32.01 21.05 -7.75
CA GLU B 198 -33.19 21.19 -8.56
C GLU B 198 -33.16 20.08 -9.63
N GLU B 199 -31.96 19.71 -10.06
CA GLU B 199 -31.74 18.68 -11.13
C GLU B 199 -32.18 17.32 -10.58
N VAL B 200 -31.69 17.00 -9.40
CA VAL B 200 -32.02 15.76 -8.76
C VAL B 200 -33.53 15.65 -8.59
N ILE B 201 -34.11 16.67 -7.95
CA ILE B 201 -35.55 16.72 -7.66
C ILE B 201 -36.33 16.53 -8.97
N GLU B 202 -35.98 17.32 -9.99
CA GLU B 202 -36.58 17.25 -11.32
C GLU B 202 -36.63 15.79 -11.79
N ASN B 203 -35.45 15.15 -11.84
CA ASN B 203 -35.30 13.83 -12.40
C ASN B 203 -36.09 12.86 -11.51
N VAL B 204 -35.85 12.90 -10.20
CA VAL B 204 -36.49 11.99 -9.27
C VAL B 204 -38.01 12.08 -9.45
N LEU B 205 -38.51 13.31 -9.58
CA LEU B 205 -39.95 13.53 -9.73
C LEU B 205 -40.45 12.92 -11.06
N GLN B 206 -39.65 13.04 -12.12
CA GLN B 206 -40.01 12.41 -13.41
C GLN B 206 -40.19 10.90 -13.24
N LEU B 207 -39.29 10.27 -12.46
CA LEU B 207 -39.25 8.82 -12.33
C LEU B 207 -40.49 8.34 -11.57
N ILE B 208 -40.92 9.13 -10.57
CA ILE B 208 -42.10 8.79 -9.80
C ILE B 208 -43.33 8.96 -10.70
N LYS B 209 -43.30 9.90 -11.64
CA LYS B 209 -44.47 10.16 -12.50
C LYS B 209 -44.71 8.96 -13.41
N GLU B 210 -43.63 8.42 -13.99
CA GLU B 210 -43.72 7.27 -14.85
C GLU B 210 -44.13 6.03 -14.02
N ALA B 211 -43.24 5.56 -13.13
CA ALA B 211 -43.39 4.28 -12.38
C ALA B 211 -44.84 4.06 -11.91
N LYS B 212 -45.23 2.78 -11.90
CA LYS B 212 -46.53 2.33 -11.44
C LYS B 212 -46.41 1.57 -10.10
N ASN B 213 -45.21 1.14 -9.71
CA ASN B 213 -45.05 0.22 -8.58
C ASN B 213 -43.71 0.48 -7.89
N PRO B 214 -43.50 1.67 -7.27
CA PRO B 214 -42.25 1.96 -6.59
C PRO B 214 -42.30 1.43 -5.15
N VAL B 215 -41.13 1.13 -4.60
CA VAL B 215 -41.01 0.87 -3.19
C VAL B 215 -40.04 1.89 -2.60
N ILE B 216 -40.12 2.00 -1.28
CA ILE B 216 -39.18 2.75 -0.54
C ILE B 216 -38.33 1.75 0.24
N LEU B 217 -37.00 1.92 0.20
CA LEU B 217 -36.12 1.15 1.08
C LEU B 217 -35.41 2.11 2.05
N ALA B 218 -35.62 1.89 3.36
CA ALA B 218 -34.90 2.60 4.43
C ALA B 218 -33.64 1.82 4.86
N ASP B 219 -32.48 2.46 4.77
CA ASP B 219 -31.24 1.91 5.33
C ASP B 219 -30.94 2.65 6.64
N ALA B 220 -29.84 2.24 7.28
CA ALA B 220 -29.51 2.50 8.70
C ALA B 220 -29.43 4.00 9.00
N CYS B 221 -28.98 4.77 8.00
CA CYS B 221 -28.73 6.22 8.09
C CYS B 221 -30.01 7.02 8.43
N CYS B 222 -31.20 6.43 8.30
CA CYS B 222 -32.45 7.12 8.65
C CYS B 222 -32.33 7.70 10.07
N SER B 223 -32.26 6.80 11.06
CA SER B 223 -32.25 7.15 12.47
C SER B 223 -31.35 8.35 12.73
N ARG B 224 -30.04 8.17 12.46
CA ARG B 224 -28.95 8.99 13.03
C ARG B 224 -28.80 10.33 12.30
N HIS B 225 -29.18 10.36 11.01
CA HIS B 225 -29.10 11.58 10.18
C HIS B 225 -30.47 12.29 10.17
N ASP B 226 -31.42 11.77 10.95
CA ASP B 226 -32.73 12.40 11.31
C ASP B 226 -33.70 12.41 10.12
N ALA B 227 -33.34 11.70 9.05
CA ALA B 227 -34.22 11.50 7.90
C ALA B 227 -35.22 10.38 8.17
N LYS B 228 -35.27 9.88 9.42
CA LYS B 228 -36.35 9.02 9.92
C LYS B 228 -37.70 9.75 9.81
N ALA B 229 -37.69 11.05 10.12
CA ALA B 229 -38.84 11.94 10.01
C ALA B 229 -39.19 12.23 8.54
N GLU B 230 -38.18 12.49 7.69
CA GLU B 230 -38.39 12.67 6.25
C GLU B 230 -38.90 11.36 5.61
N THR B 231 -38.41 10.24 6.13
CA THR B 231 -38.73 8.92 5.57
C THR B 231 -40.20 8.59 5.84
N LYS B 232 -40.69 8.80 7.07
CA LYS B 232 -42.09 8.54 7.33
C LYS B 232 -43.00 9.47 6.51
N LYS B 233 -42.59 10.72 6.27
CA LYS B 233 -43.42 11.68 5.53
C LYS B 233 -43.50 11.27 4.06
N LEU B 234 -42.37 10.86 3.47
CA LEU B 234 -42.34 10.32 2.10
C LEU B 234 -43.34 9.17 1.98
N ILE B 235 -43.31 8.24 2.95
CA ILE B 235 -44.26 7.13 3.01
C ILE B 235 -45.69 7.67 3.10
N ASP B 236 -45.94 8.57 4.07
CA ASP B 236 -47.27 9.08 4.35
C ASP B 236 -47.80 9.80 3.10
N LEU B 237 -46.93 10.51 2.35
CA LEU B 237 -47.34 11.32 1.20
C LEU B 237 -47.45 10.48 -0.09
N THR B 238 -46.77 9.32 -0.15
CA THR B 238 -46.76 8.48 -1.36
C THR B 238 -47.69 7.27 -1.18
N GLN B 239 -47.65 6.69 0.02
CA GLN B 239 -48.30 5.42 0.40
C GLN B 239 -47.61 4.30 -0.39
N PHE B 240 -46.43 4.60 -0.94
CA PHE B 240 -45.59 3.59 -1.51
C PHE B 240 -45.15 2.66 -0.38
N PRO B 241 -45.17 1.33 -0.60
CA PRO B 241 -44.77 0.34 0.41
C PRO B 241 -43.31 0.57 0.83
N ALA B 242 -43.01 0.25 2.07
CA ALA B 242 -41.75 0.72 2.67
C ALA B 242 -41.06 -0.43 3.40
N PHE B 243 -39.78 -0.67 3.07
CA PHE B 243 -39.03 -1.78 3.67
C PHE B 243 -37.77 -1.22 4.32
N VAL B 244 -37.16 -2.03 5.19
CA VAL B 244 -35.91 -1.69 5.83
C VAL B 244 -34.92 -2.81 5.53
N THR B 245 -33.65 -2.43 5.45
CA THR B 245 -32.55 -3.33 5.43
C THR B 245 -32.32 -3.77 6.88
N PRO B 246 -31.59 -4.87 7.15
CA PRO B 246 -31.22 -5.22 8.52
C PRO B 246 -30.66 -4.03 9.32
N MET B 247 -29.78 -3.22 8.71
CA MET B 247 -29.16 -2.08 9.39
C MET B 247 -30.20 -0.96 9.61
N GLY B 248 -31.20 -0.85 8.72
CA GLY B 248 -32.21 0.18 8.82
C GLY B 248 -33.43 -0.22 9.63
N LYS B 249 -33.33 -1.31 10.40
CA LYS B 249 -34.48 -1.90 11.00
C LYS B 249 -34.71 -1.15 12.30
N GLY B 250 -35.91 -0.58 12.46
CA GLY B 250 -36.20 0.41 13.52
C GLY B 250 -36.41 1.80 12.92
N SER B 251 -35.77 2.07 11.78
CA SER B 251 -35.88 3.34 11.01
C SER B 251 -37.32 3.64 10.59
N ILE B 252 -38.09 2.57 10.31
CA ILE B 252 -39.50 2.72 10.02
C ILE B 252 -40.27 1.95 11.10
N ASP B 253 -41.21 2.67 11.73
CA ASP B 253 -42.11 2.11 12.72
C ASP B 253 -42.96 1.06 12.00
N GLU B 254 -43.04 -0.14 12.62
CA GLU B 254 -43.42 -1.35 11.91
C GLU B 254 -44.93 -1.59 12.02
N LYS B 255 -45.62 -0.73 12.78
CA LYS B 255 -47.09 -0.73 12.84
C LYS B 255 -47.71 0.16 11.75
N HIS B 256 -46.89 0.69 10.83
CA HIS B 256 -47.39 1.50 9.73
C HIS B 256 -48.04 0.58 8.71
N PRO B 257 -49.26 0.89 8.21
CA PRO B 257 -49.92 0.07 7.20
C PRO B 257 -49.02 -0.33 6.03
N ARG B 258 -48.13 0.59 5.64
CA ARG B 258 -47.31 0.48 4.44
C ARG B 258 -45.93 -0.13 4.75
N PHE B 259 -45.74 -0.59 5.99
CA PHE B 259 -44.51 -1.32 6.31
C PHE B 259 -44.63 -2.72 5.70
N GLY B 260 -43.64 -3.09 4.89
CA GLY B 260 -43.61 -4.35 4.17
C GLY B 260 -42.71 -5.36 4.83
N GLY B 261 -41.72 -4.89 5.60
CA GLY B 261 -40.86 -5.76 6.37
C GLY B 261 -39.39 -5.55 6.00
N VAL B 262 -38.55 -6.55 6.32
CA VAL B 262 -37.09 -6.43 6.22
C VAL B 262 -36.61 -7.05 4.90
N TYR B 263 -36.04 -6.21 4.02
CA TYR B 263 -35.37 -6.68 2.78
C TYR B 263 -33.92 -7.11 3.05
N VAL B 264 -33.67 -8.43 2.97
CA VAL B 264 -32.35 -9.04 3.23
C VAL B 264 -31.82 -9.67 1.94
N GLY B 265 -32.39 -9.24 0.81
CA GLY B 265 -32.10 -9.81 -0.49
C GLY B 265 -32.58 -11.26 -0.58
N THR B 266 -31.68 -12.11 -1.06
CA THR B 266 -31.90 -13.53 -1.23
C THR B 266 -32.62 -14.14 -0.02
N LEU B 267 -32.42 -13.57 1.18
CA LEU B 267 -32.89 -14.14 2.47
C LEU B 267 -34.18 -13.47 3.00
N SER B 268 -34.76 -12.51 2.28
CA SER B 268 -36.05 -11.94 2.71
C SER B 268 -37.15 -13.00 2.60
N SER B 269 -38.03 -13.07 3.61
CA SER B 269 -39.23 -13.91 3.55
C SER B 269 -39.87 -13.73 2.19
N PRO B 270 -40.54 -14.78 1.64
CA PRO B 270 -40.74 -14.87 0.19
C PRO B 270 -41.53 -13.66 -0.34
N ALA B 271 -42.62 -13.36 0.36
CA ALA B 271 -43.48 -12.21 0.06
C ALA B 271 -42.60 -10.99 -0.24
N VAL B 272 -41.71 -10.69 0.71
CA VAL B 272 -40.82 -9.54 0.63
C VAL B 272 -39.91 -9.71 -0.59
N LYS B 273 -39.14 -10.82 -0.59
CA LYS B 273 -38.14 -11.08 -1.62
C LYS B 273 -38.69 -10.58 -2.96
N GLU B 274 -39.83 -11.15 -3.40
CA GLU B 274 -40.37 -10.81 -4.71
C GLU B 274 -41.02 -9.41 -4.62
N ALA B 275 -41.66 -9.08 -3.49
CA ALA B 275 -42.34 -7.79 -3.33
C ALA B 275 -41.44 -6.64 -3.79
N VAL B 276 -40.20 -6.61 -3.31
CA VAL B 276 -39.24 -5.60 -3.76
C VAL B 276 -38.96 -5.87 -5.23
N GLU B 277 -38.37 -7.04 -5.50
CA GLU B 277 -37.85 -7.41 -6.81
C GLU B 277 -38.90 -7.08 -7.90
N SER B 278 -40.18 -7.10 -7.54
CA SER B 278 -41.27 -6.82 -8.49
C SER B 278 -41.52 -5.31 -8.71
N ALA B 279 -40.62 -4.44 -8.23
CA ALA B 279 -40.86 -2.98 -8.20
C ALA B 279 -40.18 -2.29 -9.38
N ASP B 280 -40.89 -1.34 -9.99
CA ASP B 280 -40.45 -0.68 -11.24
C ASP B 280 -39.68 0.61 -10.91
N LEU B 281 -39.61 0.95 -9.63
CA LEU B 281 -38.78 2.07 -9.17
C LEU B 281 -38.52 1.87 -7.67
N VAL B 282 -37.25 1.98 -7.30
CA VAL B 282 -36.83 1.90 -5.92
C VAL B 282 -36.35 3.27 -5.46
N LEU B 283 -36.89 3.73 -4.34
CA LEU B 283 -36.40 4.92 -3.67
C LEU B 283 -35.63 4.47 -2.44
N SER B 284 -34.32 4.48 -2.55
CA SER B 284 -33.44 4.00 -1.51
C SER B 284 -33.02 5.18 -0.63
N VAL B 285 -33.38 5.12 0.64
CA VAL B 285 -33.09 6.16 1.59
C VAL B 285 -32.01 5.63 2.53
N GLY B 286 -31.15 6.54 2.99
CA GLY B 286 -29.99 6.24 3.80
C GLY B 286 -29.11 5.18 3.18
N ALA B 287 -29.26 4.94 1.86
CA ALA B 287 -28.69 3.76 1.23
C ALA B 287 -27.17 3.72 1.50
N LEU B 288 -26.60 2.52 1.50
CA LEU B 288 -25.17 2.35 1.80
C LEU B 288 -24.71 0.96 1.36
N ASN B 305 -33.91 0.67 -12.26
CA ASN B 305 -34.40 2.06 -12.23
C ASN B 305 -34.50 2.51 -10.76
N ILE B 306 -33.38 2.96 -10.21
CA ILE B 306 -33.20 3.13 -8.77
C ILE B 306 -32.67 4.55 -8.48
N VAL B 307 -33.12 5.10 -7.34
CA VAL B 307 -32.73 6.41 -6.78
C VAL B 307 -32.22 6.18 -5.35
N GLU B 308 -30.98 6.58 -5.09
CA GLU B 308 -30.36 6.47 -3.79
C GLU B 308 -30.09 7.86 -3.23
N PHE B 309 -30.62 8.09 -2.02
CA PHE B 309 -30.39 9.26 -1.22
C PHE B 309 -29.35 8.91 -0.14
N HIS B 310 -28.13 9.41 -0.32
CA HIS B 310 -27.11 9.30 0.71
C HIS B 310 -26.96 10.66 1.39
N SER B 311 -26.32 10.64 2.56
CA SER B 311 -26.09 11.82 3.39
C SER B 311 -25.28 12.89 2.64
N ASP B 312 -24.31 12.45 1.84
CA ASP B 312 -23.33 13.34 1.22
C ASP B 312 -23.66 13.59 -0.25
N TYR B 313 -24.35 12.65 -0.89
CA TYR B 313 -24.72 12.77 -2.31
C TYR B 313 -26.04 12.05 -2.58
N THR B 314 -26.46 12.08 -3.85
CA THR B 314 -27.47 11.17 -4.35
C THR B 314 -27.07 10.61 -5.71
N LYS B 315 -27.62 9.44 -6.04
CA LYS B 315 -27.42 8.78 -7.32
C LYS B 315 -28.79 8.41 -7.89
N ILE B 316 -28.92 8.60 -9.21
CA ILE B 316 -30.12 8.31 -9.97
C ILE B 316 -29.71 7.43 -11.15
N ARG B 317 -30.25 6.20 -11.17
CA ARG B 317 -29.80 5.17 -12.09
C ARG B 317 -28.28 5.08 -11.95
N SER B 318 -27.54 5.33 -13.05
CA SER B 318 -26.08 5.24 -13.09
C SER B 318 -25.43 6.53 -12.61
N ALA B 319 -26.12 7.65 -12.83
CA ALA B 319 -25.57 9.02 -12.65
C ALA B 319 -25.46 9.35 -11.16
N THR B 320 -24.23 9.65 -10.71
CA THR B 320 -23.96 10.19 -9.37
C THR B 320 -24.23 11.71 -9.41
N PHE B 321 -24.38 12.32 -8.22
CA PHE B 321 -24.57 13.75 -8.06
C PHE B 321 -23.92 14.20 -6.75
N PRO B 322 -22.58 14.32 -6.67
CA PRO B 322 -21.90 14.62 -5.42
C PRO B 322 -22.33 15.98 -4.85
N GLY B 323 -22.46 16.05 -3.52
CA GLY B 323 -22.77 17.29 -2.81
C GLY B 323 -24.25 17.41 -2.44
N VAL B 324 -25.14 16.84 -3.26
CA VAL B 324 -26.61 16.95 -3.06
C VAL B 324 -27.00 16.02 -1.90
N GLN B 325 -27.11 16.61 -0.71
CA GLN B 325 -27.33 15.94 0.57
C GLN B 325 -28.82 15.60 0.73
N MET B 326 -29.07 14.38 1.18
CA MET B 326 -30.39 13.78 1.44
C MET B 326 -31.28 14.68 2.33
N LYS B 327 -30.74 15.33 3.36
CA LYS B 327 -31.56 16.11 4.31
C LYS B 327 -32.42 17.13 3.55
N PHE B 328 -31.76 18.04 2.83
CA PHE B 328 -32.41 19.11 2.10
C PHE B 328 -33.09 18.55 0.86
N ALA B 329 -32.33 17.80 0.05
CA ALA B 329 -32.83 17.14 -1.15
C ALA B 329 -34.20 16.52 -0.88
N LEU B 330 -34.29 15.73 0.20
CA LEU B 330 -35.50 14.99 0.57
C LEU B 330 -36.58 15.95 1.04
N GLN B 331 -36.18 17.01 1.77
CA GLN B 331 -37.12 18.06 2.21
C GLN B 331 -37.85 18.66 1.01
N LYS B 332 -37.10 19.07 0.00
CA LYS B 332 -37.64 19.68 -1.19
C LYS B 332 -38.49 18.63 -1.95
N LEU B 333 -38.02 17.39 -1.99
CA LEU B 333 -38.76 16.30 -2.65
C LEU B 333 -40.16 16.17 -2.05
N LEU B 334 -40.29 16.23 -0.71
CA LEU B 334 -41.59 15.99 -0.05
C LEU B 334 -42.67 16.98 -0.50
N THR B 335 -42.24 18.20 -0.93
CA THR B 335 -43.18 19.27 -1.25
C THR B 335 -43.83 19.04 -2.62
N LYS B 336 -43.30 18.08 -3.40
CA LYS B 336 -43.76 17.86 -4.79
C LYS B 336 -44.07 16.39 -5.07
N VAL B 337 -43.84 15.52 -4.08
CA VAL B 337 -43.92 14.08 -4.24
C VAL B 337 -45.38 13.63 -4.42
N ALA B 338 -46.33 14.30 -3.76
CA ALA B 338 -47.75 13.95 -3.90
C ALA B 338 -48.20 14.14 -5.35
N ASP B 339 -47.85 15.30 -5.90
CA ASP B 339 -48.19 15.72 -7.25
C ASP B 339 -47.72 14.64 -8.25
N ALA B 340 -46.45 14.29 -8.16
CA ALA B 340 -45.81 13.45 -9.14
C ALA B 340 -46.30 12.01 -9.01
N ALA B 341 -46.84 11.65 -7.84
CA ALA B 341 -47.37 10.33 -7.54
C ALA B 341 -48.90 10.29 -7.67
N LYS B 342 -49.49 11.37 -8.20
CA LYS B 342 -50.95 11.48 -8.46
C LYS B 342 -51.36 10.43 -9.49
N GLY B 343 -52.14 9.44 -9.05
CA GLY B 343 -52.51 8.30 -9.89
C GLY B 343 -52.14 6.98 -9.25
N TYR B 344 -51.00 6.95 -8.54
CA TYR B 344 -50.52 5.71 -8.00
C TYR B 344 -51.60 5.07 -7.10
N LYS B 345 -51.83 3.77 -7.30
CA LYS B 345 -52.77 3.03 -6.49
C LYS B 345 -51.99 2.18 -5.49
N PRO B 346 -52.16 2.45 -4.17
CA PRO B 346 -51.42 1.73 -3.12
C PRO B 346 -51.44 0.21 -3.29
N VAL B 347 -50.25 -0.37 -3.50
CA VAL B 347 -50.09 -1.79 -3.61
C VAL B 347 -50.21 -2.39 -2.20
N PRO B 348 -50.89 -3.55 -2.01
CA PRO B 348 -50.86 -4.27 -0.74
C PRO B 348 -49.45 -4.73 -0.30
N VAL B 349 -49.28 -5.14 0.96
CA VAL B 349 -47.94 -5.33 1.56
C VAL B 349 -47.88 -6.64 2.36
N PRO B 350 -46.68 -7.25 2.48
CA PRO B 350 -46.51 -8.46 3.29
C PRO B 350 -46.91 -8.37 4.77
N SER B 351 -47.96 -9.10 5.15
CA SER B 351 -48.20 -9.47 6.55
C SER B 351 -47.24 -10.60 6.94
N GLU B 352 -47.01 -10.76 8.24
CA GLU B 352 -46.17 -11.84 8.78
C GLU B 352 -46.85 -12.44 10.02
N PRO B 353 -46.56 -13.73 10.35
CA PRO B 353 -47.28 -14.45 11.42
C PRO B 353 -47.07 -13.85 12.81
N GLU B 354 -47.56 -12.61 13.01
CA GLU B 354 -47.30 -11.77 14.18
C GLU B 354 -47.03 -12.63 15.42
N HIS B 355 -47.80 -13.73 15.59
CA HIS B 355 -47.68 -14.57 16.77
C HIS B 355 -47.37 -16.03 16.36
N ASN B 356 -46.71 -16.74 17.28
CA ASN B 356 -46.52 -18.18 17.23
C ASN B 356 -47.84 -18.90 17.52
N GLU B 357 -47.82 -20.23 17.37
CA GLU B 357 -48.87 -21.08 17.93
C GLU B 357 -48.52 -21.40 19.40
N ALA B 358 -49.57 -21.61 20.19
CA ALA B 358 -49.44 -22.29 21.45
C ALA B 358 -48.80 -23.65 21.19
N VAL B 359 -47.88 -24.05 22.09
CA VAL B 359 -47.30 -25.40 22.13
C VAL B 359 -47.12 -25.77 23.60
N ALA B 360 -46.68 -27.00 23.87
CA ALA B 360 -46.56 -27.48 25.24
C ALA B 360 -45.45 -26.71 25.98
N ASP B 361 -45.59 -26.61 27.31
CA ASP B 361 -44.66 -25.85 28.15
C ASP B 361 -43.28 -26.52 28.17
N SER B 362 -43.26 -27.83 27.94
CA SER B 362 -42.05 -28.62 27.94
C SER B 362 -41.29 -28.49 26.60
N THR B 363 -41.89 -27.81 25.61
CA THR B 363 -41.27 -27.79 24.28
C THR B 363 -39.90 -27.14 24.37
N PRO B 364 -38.84 -27.80 23.84
CA PRO B 364 -37.52 -27.20 23.72
C PRO B 364 -37.51 -25.92 22.87
N LEU B 365 -36.78 -24.93 23.36
CA LEU B 365 -36.60 -23.69 22.64
C LEU B 365 -35.83 -23.94 21.34
N LYS B 366 -36.35 -23.32 20.28
CA LYS B 366 -35.81 -23.29 18.96
C LYS B 366 -35.69 -21.83 18.55
N GLN B 367 -34.68 -21.53 17.73
CA GLN B 367 -34.45 -20.17 17.28
C GLN B 367 -35.70 -19.63 16.57
N GLU B 368 -36.36 -20.47 15.74
CA GLU B 368 -37.43 -19.97 14.91
C GLU B 368 -38.64 -19.58 15.76
N TRP B 369 -38.80 -20.24 16.90
CA TRP B 369 -39.85 -19.86 17.84
C TRP B 369 -39.46 -18.57 18.58
N VAL B 370 -38.19 -18.46 18.98
CA VAL B 370 -37.73 -17.43 19.91
C VAL B 370 -37.83 -16.03 19.29
N TRP B 371 -37.38 -15.83 18.04
CA TRP B 371 -37.40 -14.49 17.43
C TRP B 371 -38.82 -14.00 17.15
N THR B 372 -39.78 -14.92 16.99
CA THR B 372 -41.17 -14.49 16.83
C THR B 372 -41.68 -14.08 18.22
N GLN B 373 -41.39 -14.91 19.20
CA GLN B 373 -41.87 -14.66 20.53
C GLN B 373 -41.26 -13.37 21.08
N VAL B 374 -40.03 -13.04 20.67
CA VAL B 374 -39.39 -11.84 21.22
C VAL B 374 -40.27 -10.63 20.91
N GLY B 375 -41.02 -10.64 19.80
CA GLY B 375 -42.05 -9.64 19.51
C GLY B 375 -42.96 -9.34 20.71
N GLU B 376 -43.51 -10.40 21.31
CA GLU B 376 -44.41 -10.30 22.47
C GLU B 376 -43.79 -9.42 23.57
N PHE B 377 -42.46 -9.49 23.74
CA PHE B 377 -41.77 -8.88 24.89
C PHE B 377 -41.37 -7.42 24.64
N LEU B 378 -41.05 -7.04 23.38
CA LEU B 378 -40.57 -5.65 23.10
C LEU B 378 -41.67 -4.63 23.46
N ARG B 379 -41.27 -3.38 23.76
CA ARG B 379 -42.19 -2.27 24.07
C ARG B 379 -41.68 -1.03 23.32
N GLU B 380 -42.48 0.05 23.31
CA GLU B 380 -42.05 1.29 22.64
C GLU B 380 -40.87 1.85 23.43
N GLY B 381 -39.84 2.28 22.72
CA GLY B 381 -38.73 2.95 23.35
C GLY B 381 -37.59 2.00 23.66
N ASP B 382 -37.75 0.70 23.39
CA ASP B 382 -36.67 -0.29 23.60
C ASP B 382 -35.51 -0.06 22.60
N VAL B 383 -34.31 -0.32 23.10
CA VAL B 383 -33.13 -0.37 22.29
C VAL B 383 -32.75 -1.85 22.15
N VAL B 384 -32.76 -2.35 20.91
CA VAL B 384 -32.55 -3.79 20.63
C VAL B 384 -31.20 -3.99 19.90
N ILE B 385 -30.28 -4.70 20.56
CA ILE B 385 -28.93 -4.89 20.04
C ILE B 385 -28.69 -6.39 19.79
N THR B 386 -28.22 -6.71 18.57
CA THR B 386 -28.08 -8.12 18.15
C THR B 386 -26.67 -8.36 17.57
N GLU B 387 -25.98 -9.35 18.15
CA GLU B 387 -24.61 -9.63 17.77
C GLU B 387 -24.55 -10.31 16.41
N THR B 388 -23.43 -10.12 15.70
CA THR B 388 -23.14 -10.94 14.54
C THR B 388 -23.17 -12.41 14.98
N GLY B 389 -23.82 -13.23 14.15
CA GLY B 389 -24.19 -14.60 14.47
C GLY B 389 -25.64 -14.87 14.08
N THR B 390 -26.22 -15.90 14.70
CA THR B 390 -27.63 -16.28 14.52
C THR B 390 -28.53 -15.12 14.95
N SER B 391 -28.17 -14.44 16.03
CA SER B 391 -28.96 -13.38 16.57
C SER B 391 -29.22 -12.34 15.48
N ALA B 392 -28.20 -12.06 14.64
CA ALA B 392 -28.27 -11.03 13.62
C ALA B 392 -29.33 -11.36 12.60
N PHE B 393 -29.38 -12.64 12.21
CA PHE B 393 -30.34 -13.09 11.23
C PHE B 393 -31.69 -13.16 11.94
N GLY B 394 -31.68 -13.75 13.13
CA GLY B 394 -32.88 -13.98 13.97
C GLY B 394 -33.81 -12.78 14.06
N ILE B 395 -33.24 -11.62 14.38
CA ILE B 395 -34.01 -10.44 14.75
C ILE B 395 -34.74 -9.84 13.53
N ASN B 396 -34.27 -10.12 12.31
CA ASN B 396 -34.93 -9.66 11.12
C ASN B 396 -36.32 -10.32 10.95
N GLN B 397 -36.64 -11.31 11.81
CA GLN B 397 -37.92 -12.06 11.81
C GLN B 397 -38.84 -11.55 12.93
N THR B 398 -38.32 -10.72 13.85
CA THR B 398 -39.06 -10.15 14.99
C THR B 398 -39.87 -8.90 14.60
N HIS B 399 -41.13 -8.81 15.05
CA HIS B 399 -41.92 -7.58 14.87
C HIS B 399 -41.52 -6.59 15.97
N PHE B 400 -41.13 -5.38 15.54
CA PHE B 400 -40.83 -4.29 16.47
C PHE B 400 -42.10 -3.45 16.68
N PRO B 401 -42.40 -2.98 17.90
CA PRO B 401 -43.35 -1.90 18.10
C PRO B 401 -42.69 -0.61 17.59
N ASN B 402 -43.43 0.49 17.66
CA ASN B 402 -42.96 1.76 17.20
C ASN B 402 -41.96 2.32 18.21
N ASN B 403 -41.06 3.16 17.72
CA ASN B 403 -40.06 3.84 18.54
C ASN B 403 -39.10 2.80 19.19
N THR B 404 -38.61 1.87 18.37
CA THR B 404 -37.68 0.82 18.77
C THR B 404 -36.35 1.11 18.07
N TYR B 405 -35.26 1.24 18.84
CA TYR B 405 -34.01 1.61 18.26
C TYR B 405 -33.13 0.37 18.06
N GLY B 406 -33.01 -0.07 16.82
CA GLY B 406 -32.23 -1.25 16.43
C GLY B 406 -30.75 -0.94 16.36
N ILE B 407 -29.92 -1.87 16.82
CA ILE B 407 -28.47 -1.81 16.64
C ILE B 407 -27.96 -3.19 16.24
N SER B 408 -27.58 -3.34 14.98
CA SER B 408 -26.98 -4.55 14.48
C SER B 408 -25.93 -4.19 13.42
N GLN B 409 -24.70 -4.61 13.70
CA GLN B 409 -23.48 -4.18 13.03
C GLN B 409 -23.25 -5.05 11.80
N VAL B 410 -24.24 -5.08 10.90
CA VAL B 410 -24.27 -6.00 9.77
C VAL B 410 -23.12 -5.72 8.78
N LEU B 411 -22.62 -4.48 8.64
CA LEU B 411 -21.55 -4.20 7.66
C LEU B 411 -20.18 -4.68 8.19
N TRP B 412 -19.77 -4.13 9.34
CA TRP B 412 -18.43 -4.38 9.84
C TRP B 412 -18.35 -5.80 10.40
N GLY B 413 -19.34 -6.17 11.22
CA GLY B 413 -19.60 -7.53 11.64
C GLY B 413 -18.53 -8.07 12.56
N SER B 414 -18.21 -7.33 13.63
CA SER B 414 -17.16 -7.73 14.57
C SER B 414 -17.79 -8.35 15.83
N ILE B 415 -17.64 -9.65 16.04
CA ILE B 415 -18.27 -10.28 17.19
C ILE B 415 -17.60 -9.70 18.42
N GLY B 416 -18.39 -9.55 19.48
CA GLY B 416 -17.96 -8.91 20.70
C GLY B 416 -18.36 -7.46 20.77
N PHE B 417 -18.57 -6.82 19.60
CA PHE B 417 -19.08 -5.46 19.50
C PHE B 417 -20.22 -5.23 20.51
N THR B 418 -21.24 -6.09 20.47
CA THR B 418 -22.52 -5.75 21.12
C THR B 418 -22.40 -5.65 22.63
N THR B 419 -21.36 -6.22 23.24
CA THR B 419 -21.23 -6.19 24.71
C THR B 419 -20.91 -4.75 25.13
N GLY B 420 -19.91 -4.19 24.47
CA GLY B 420 -19.49 -2.82 24.65
C GLY B 420 -20.59 -1.88 24.20
N ALA B 421 -21.14 -2.11 23.00
CA ALA B 421 -22.19 -1.26 22.47
C ALA B 421 -23.36 -1.18 23.46
N THR B 422 -23.70 -2.31 24.10
CA THR B 422 -24.73 -2.37 25.16
C THR B 422 -24.42 -1.37 26.31
N LEU B 423 -23.17 -1.36 26.79
CA LEU B 423 -22.80 -0.43 27.84
C LEU B 423 -23.04 1.01 27.40
N GLY B 424 -22.48 1.39 26.24
CA GLY B 424 -22.65 2.73 25.69
C GLY B 424 -24.11 3.12 25.55
N ALA B 425 -24.88 2.20 24.95
CA ALA B 425 -26.27 2.44 24.68
C ALA B 425 -27.01 2.58 26.00
N ALA B 426 -26.62 1.77 27.00
CA ALA B 426 -27.32 1.82 28.28
C ALA B 426 -26.98 3.13 28.98
N PHE B 427 -25.75 3.62 28.88
CA PHE B 427 -25.46 4.97 29.40
C PHE B 427 -26.34 6.02 28.67
N ALA B 428 -26.25 6.06 27.34
CA ALA B 428 -26.97 7.08 26.60
C ALA B 428 -28.47 7.00 26.89
N ALA B 429 -29.03 5.81 26.97
CA ALA B 429 -30.48 5.64 27.19
C ALA B 429 -30.85 6.09 28.62
N GLU B 430 -29.92 5.93 29.55
CA GLU B 430 -30.04 6.45 30.90
C GLU B 430 -30.25 7.97 30.86
N GLU B 431 -29.46 8.65 30.03
CA GLU B 431 -29.42 10.13 29.99
C GLU B 431 -30.58 10.70 29.16
N ILE B 432 -31.15 9.90 28.26
CA ILE B 432 -32.31 10.31 27.45
C ILE B 432 -33.61 10.04 28.21
N ASP B 433 -33.73 8.84 28.77
CA ASP B 433 -34.96 8.38 29.42
C ASP B 433 -34.69 7.09 30.18
N PRO B 434 -34.65 7.14 31.53
CA PRO B 434 -34.57 5.94 32.36
C PRO B 434 -35.52 4.76 32.05
N LYS B 435 -36.76 5.06 31.63
CA LYS B 435 -37.75 4.00 31.27
C LYS B 435 -37.14 3.02 30.28
N LYS B 436 -36.49 3.59 29.26
CA LYS B 436 -35.98 2.95 28.05
C LYS B 436 -35.14 1.71 28.41
N ARG B 437 -35.50 0.56 27.84
CA ARG B 437 -34.83 -0.70 28.12
C ARG B 437 -33.77 -0.97 27.05
N VAL B 438 -32.60 -1.49 27.50
CA VAL B 438 -31.56 -2.02 26.65
C VAL B 438 -31.62 -3.56 26.69
N ILE B 439 -31.78 -4.15 25.52
CA ILE B 439 -31.96 -5.62 25.31
C ILE B 439 -30.88 -6.10 24.33
N LEU B 440 -29.92 -6.86 24.82
CA LEU B 440 -28.89 -7.49 23.98
C LEU B 440 -29.30 -8.94 23.68
N PHE B 441 -29.15 -9.35 22.43
CA PHE B 441 -29.01 -10.73 22.03
C PHE B 441 -27.58 -10.95 21.55
N ILE B 442 -26.83 -11.79 22.28
CA ILE B 442 -25.42 -12.10 22.01
C ILE B 442 -25.23 -13.63 22.05
N GLY B 443 -24.45 -14.15 21.09
CA GLY B 443 -24.04 -15.54 21.11
C GLY B 443 -23.02 -15.81 22.22
N ASP B 444 -22.98 -17.07 22.66
CA ASP B 444 -22.08 -17.54 23.73
C ASP B 444 -20.63 -17.37 23.29
N GLY B 445 -20.40 -17.55 21.98
CA GLY B 445 -19.13 -17.29 21.32
C GLY B 445 -18.70 -15.83 21.43
N SER B 446 -19.52 -14.93 20.88
CA SER B 446 -19.26 -13.53 20.83
C SER B 446 -19.03 -12.93 22.22
N LEU B 447 -19.71 -13.46 23.24
CA LEU B 447 -19.66 -12.92 24.60
C LEU B 447 -18.25 -12.99 25.17
N GLN B 448 -17.49 -14.01 24.76
CA GLN B 448 -16.21 -14.30 25.36
C GLN B 448 -15.18 -13.24 25.01
N LEU B 449 -15.32 -12.60 23.84
CA LEU B 449 -14.35 -11.66 23.33
C LEU B 449 -14.36 -10.36 24.16
N THR B 450 -15.53 -9.99 24.67
CA THR B 450 -15.76 -8.70 25.24
C THR B 450 -16.48 -8.82 26.58
N VAL B 451 -16.46 -10.02 27.21
CA VAL B 451 -17.27 -10.33 28.40
C VAL B 451 -17.00 -9.35 29.55
N GLN B 452 -15.77 -8.86 29.70
CA GLN B 452 -15.43 -8.06 30.88
C GLN B 452 -16.17 -6.71 30.88
N GLU B 453 -16.77 -6.29 29.77
CA GLU B 453 -17.41 -5.01 29.82
C GLU B 453 -18.74 -5.07 30.58
N ILE B 454 -19.18 -6.27 30.94
CA ILE B 454 -20.31 -6.45 31.82
C ILE B 454 -19.98 -5.75 33.16
N SER B 455 -18.72 -5.87 33.54
CA SER B 455 -18.18 -5.28 34.76
C SER B 455 -18.58 -3.80 34.89
N THR B 456 -18.43 -3.02 33.82
CA THR B 456 -18.57 -1.58 33.96
C THR B 456 -20.07 -1.23 33.80
N MET B 457 -20.86 -2.14 33.21
CA MET B 457 -22.31 -2.05 33.37
C MET B 457 -22.70 -2.09 34.87
N ILE B 458 -22.10 -3.02 35.59
CA ILE B 458 -22.44 -3.25 36.98
C ILE B 458 -21.95 -2.09 37.86
N ARG B 459 -20.83 -1.49 37.50
CA ARG B 459 -20.22 -0.55 38.37
C ARG B 459 -21.03 0.74 38.37
N TRP B 460 -21.78 0.95 37.27
CA TRP B 460 -22.57 2.12 36.99
C TRP B 460 -24.05 1.89 37.31
N GLY B 461 -24.40 0.65 37.73
CA GLY B 461 -25.77 0.22 38.07
C GLY B 461 -26.72 0.27 36.88
N LEU B 462 -26.18 0.02 35.71
CA LEU B 462 -26.97 0.00 34.52
C LEU B 462 -27.75 -1.31 34.52
N LYS B 463 -28.85 -1.37 33.77
CA LYS B 463 -29.84 -2.45 33.94
C LYS B 463 -30.26 -3.06 32.60
N PRO B 464 -29.33 -3.44 31.69
CA PRO B 464 -29.71 -4.14 30.46
C PRO B 464 -30.14 -5.59 30.70
N TYR B 465 -30.83 -6.11 29.69
CA TYR B 465 -31.23 -7.49 29.56
C TYR B 465 -30.20 -8.18 28.67
N LEU B 466 -29.37 -9.03 29.26
CA LEU B 466 -28.32 -9.72 28.53
C LEU B 466 -28.85 -11.12 28.17
N PHE B 467 -29.46 -11.28 26.98
CA PHE B 467 -29.86 -12.58 26.46
C PHE B 467 -28.68 -13.26 25.75
N VAL B 468 -28.10 -14.24 26.42
CA VAL B 468 -27.01 -15.05 25.88
C VAL B 468 -27.55 -16.34 25.26
N LEU B 469 -27.35 -16.51 23.96
CA LEU B 469 -27.75 -17.69 23.18
C LEU B 469 -26.70 -18.81 23.31
N ASN B 470 -26.93 -19.72 24.26
CA ASN B 470 -26.03 -20.82 24.49
C ASN B 470 -26.38 -21.95 23.53
N ASN B 471 -25.58 -22.10 22.48
CA ASN B 471 -25.71 -23.17 21.52
C ASN B 471 -24.36 -23.91 21.42
N ASP B 472 -23.54 -23.81 22.47
CA ASP B 472 -22.30 -24.54 22.54
C ASP B 472 -21.41 -24.25 21.32
N GLY B 473 -21.31 -22.98 20.91
CA GLY B 473 -20.23 -22.56 20.03
C GLY B 473 -20.68 -21.70 18.87
N TYR B 474 -19.82 -21.61 17.86
CA TYR B 474 -20.01 -20.73 16.73
C TYR B 474 -20.93 -21.38 15.69
N THR B 475 -22.24 -21.28 15.92
CA THR B 475 -23.27 -22.01 15.18
C THR B 475 -23.40 -21.45 13.76
N ILE B 476 -23.33 -20.13 13.59
CA ILE B 476 -23.36 -19.56 12.24
C ILE B 476 -22.22 -20.14 11.39
N GLU B 477 -21.01 -20.31 11.96
CA GLU B 477 -19.86 -20.87 11.21
C GLU B 477 -20.05 -22.38 11.00
N ARG B 478 -20.54 -23.08 12.03
CA ARG B 478 -20.94 -24.48 11.91
C ARG B 478 -21.89 -24.64 10.71
N LEU B 479 -22.63 -23.58 10.41
CA LEU B 479 -23.58 -23.53 9.30
C LEU B 479 -22.90 -23.24 7.96
N ILE B 480 -21.65 -22.79 7.96
CA ILE B 480 -20.93 -22.43 6.72
C ILE B 480 -19.85 -23.47 6.40
N HIS B 481 -19.12 -23.94 7.43
CA HIS B 481 -17.90 -24.73 7.23
C HIS B 481 -17.44 -25.33 8.55
N GLY B 482 -17.28 -26.65 8.56
CA GLY B 482 -16.87 -27.38 9.71
C GLY B 482 -17.96 -27.39 10.77
N GLU B 483 -18.98 -28.22 10.57
CA GLU B 483 -20.02 -28.51 11.58
C GLU B 483 -19.37 -29.02 12.87
N THR B 484 -18.32 -29.83 12.75
CA THR B 484 -17.71 -30.54 13.88
C THR B 484 -16.27 -30.09 14.14
N ALA B 485 -15.77 -29.12 13.37
CA ALA B 485 -14.40 -28.61 13.52
C ALA B 485 -14.20 -28.00 14.92
N GLN B 486 -13.00 -28.21 15.45
CA GLN B 486 -12.70 -27.84 16.81
C GLN B 486 -12.69 -26.31 16.92
N TYR B 487 -12.34 -25.61 15.84
CA TYR B 487 -12.26 -24.14 15.88
C TYR B 487 -13.67 -23.50 15.97
N ASN B 488 -14.74 -24.28 15.77
CA ASN B 488 -16.16 -23.84 16.06
C ASN B 488 -16.61 -24.25 17.46
N CYS B 489 -15.72 -24.89 18.22
CA CYS B 489 -15.98 -25.18 19.61
C CYS B 489 -15.33 -24.10 20.49
N ILE B 490 -15.98 -23.82 21.61
CA ILE B 490 -15.54 -22.84 22.56
C ILE B 490 -15.50 -23.53 23.93
N GLN B 491 -14.72 -22.95 24.84
CA GLN B 491 -14.72 -23.37 26.23
C GLN B 491 -16.06 -22.98 26.86
N ASN B 492 -16.65 -23.88 27.65
CA ASN B 492 -18.00 -23.69 28.16
C ASN B 492 -17.93 -22.98 29.51
N TRP B 493 -18.57 -21.82 29.55
CA TRP B 493 -18.55 -20.92 30.71
C TRP B 493 -19.79 -21.15 31.57
N GLN B 494 -19.72 -20.76 32.83
CA GLN B 494 -20.93 -20.67 33.66
C GLN B 494 -21.54 -19.27 33.53
N HIS B 495 -22.42 -19.09 32.55
CA HIS B 495 -22.96 -17.76 32.30
C HIS B 495 -23.60 -17.17 33.56
N LEU B 496 -24.31 -18.02 34.31
CA LEU B 496 -25.09 -17.58 35.46
C LEU B 496 -24.20 -16.92 36.52
N GLU B 497 -22.91 -17.27 36.55
CA GLU B 497 -22.01 -16.78 37.59
C GLU B 497 -21.25 -15.53 37.11
N LEU B 498 -21.34 -15.17 35.83
CA LEU B 498 -20.66 -13.97 35.32
C LEU B 498 -20.95 -12.75 36.21
N LEU B 499 -22.24 -12.46 36.38
CA LEU B 499 -22.68 -11.24 37.05
C LEU B 499 -22.06 -11.21 38.44
N PRO B 500 -22.31 -12.20 39.32
CA PRO B 500 -21.71 -12.17 40.66
C PRO B 500 -20.16 -12.16 40.65
N THR B 501 -19.54 -12.85 39.68
CA THR B 501 -18.08 -12.93 39.62
C THR B 501 -17.49 -11.53 39.43
N PHE B 502 -18.15 -10.73 38.58
CA PHE B 502 -17.76 -9.36 38.27
C PHE B 502 -18.30 -8.35 39.32
N GLY B 503 -18.86 -8.85 40.44
CA GLY B 503 -19.01 -8.01 41.62
C GLY B 503 -20.39 -7.40 41.80
N ALA B 504 -21.38 -7.87 41.02
CA ALA B 504 -22.78 -7.47 41.14
C ALA B 504 -23.37 -7.98 42.47
N LYS B 505 -24.13 -7.10 43.15
CA LYS B 505 -24.77 -7.38 44.45
C LYS B 505 -26.29 -7.35 44.30
N ASP B 506 -26.78 -6.88 43.14
CA ASP B 506 -28.19 -6.73 42.88
C ASP B 506 -28.41 -7.05 41.42
N TYR B 507 -28.78 -8.31 41.13
CA TYR B 507 -28.87 -8.80 39.78
C TYR B 507 -29.84 -9.99 39.68
N GLU B 508 -30.12 -10.37 38.45
CA GLU B 508 -30.85 -11.57 38.14
C GLU B 508 -30.10 -12.34 37.07
N ALA B 509 -29.79 -13.60 37.34
CA ALA B 509 -29.34 -14.51 36.29
C ALA B 509 -30.25 -15.74 36.28
N VAL B 510 -30.77 -16.11 35.10
CA VAL B 510 -31.69 -17.23 34.93
C VAL B 510 -31.47 -17.88 33.56
N ARG B 511 -31.62 -19.20 33.56
CA ARG B 511 -31.51 -20.03 32.42
C ARG B 511 -32.92 -20.43 32.01
N VAL B 512 -33.16 -20.53 30.71
CA VAL B 512 -34.43 -21.01 30.21
C VAL B 512 -34.12 -21.96 29.04
N SER B 513 -34.79 -23.11 29.00
CA SER B 513 -34.58 -24.20 28.00
C SER B 513 -35.86 -24.54 27.22
N THR B 514 -37.02 -24.11 27.74
CA THR B 514 -38.31 -24.49 27.24
C THR B 514 -39.15 -23.24 26.95
N THR B 515 -40.06 -23.37 25.99
CA THR B 515 -41.30 -22.54 25.81
C THR B 515 -41.84 -22.02 27.16
N GLY B 516 -42.19 -22.91 28.09
CA GLY B 516 -42.85 -22.49 29.31
C GLY B 516 -41.95 -21.64 30.17
N GLU B 517 -40.65 -21.97 30.19
CA GLU B 517 -39.71 -21.23 30.97
C GLU B 517 -39.59 -19.82 30.38
N TRP B 518 -39.55 -19.74 29.04
CA TRP B 518 -39.44 -18.47 28.35
C TRP B 518 -40.66 -17.58 28.68
N ASN B 519 -41.85 -18.17 28.53
CA ASN B 519 -43.09 -17.45 28.70
C ASN B 519 -43.21 -16.97 30.15
N LYS B 520 -42.92 -17.89 31.08
CA LYS B 520 -43.08 -17.64 32.49
C LYS B 520 -42.15 -16.49 32.92
N LEU B 521 -40.91 -16.49 32.41
CA LEU B 521 -40.01 -15.38 32.69
C LEU B 521 -40.52 -14.10 31.99
N THR B 522 -40.82 -14.16 30.69
CA THR B 522 -40.88 -12.87 29.93
C THR B 522 -42.26 -12.19 30.03
N THR B 523 -43.29 -12.93 30.44
CA THR B 523 -44.62 -12.36 30.69
C THR B 523 -44.78 -12.03 32.19
N ASP B 524 -43.78 -12.35 33.01
CA ASP B 524 -43.71 -11.86 34.36
C ASP B 524 -43.46 -10.35 34.38
N GLU B 525 -44.42 -9.58 34.90
CA GLU B 525 -44.41 -8.12 34.88
C GLU B 525 -43.17 -7.60 35.64
N LYS B 526 -42.79 -8.26 36.73
CA LYS B 526 -41.54 -7.99 37.49
C LYS B 526 -40.36 -7.89 36.50
N PHE B 527 -40.33 -8.84 35.58
CA PHE B 527 -39.23 -9.02 34.68
C PHE B 527 -39.21 -7.93 33.60
N GLN B 528 -40.36 -7.34 33.31
CA GLN B 528 -40.53 -6.39 32.20
C GLN B 528 -40.05 -4.97 32.57
N ASP B 529 -39.62 -4.81 33.80
CA ASP B 529 -39.23 -3.55 34.40
C ASP B 529 -37.69 -3.57 34.54
N ASN B 530 -37.02 -2.61 33.88
CA ASN B 530 -35.58 -2.55 33.82
C ASN B 530 -35.10 -2.06 35.19
N THR B 531 -35.19 -2.98 36.15
CA THR B 531 -35.08 -2.70 37.55
C THR B 531 -33.70 -3.22 38.04
N ARG B 532 -33.11 -4.19 37.33
CA ARG B 532 -31.76 -4.56 37.62
C ARG B 532 -31.15 -5.16 36.36
N ILE B 533 -29.83 -5.27 36.37
CA ILE B 533 -29.07 -5.94 35.35
C ILE B 533 -29.43 -7.43 35.44
N ARG B 534 -29.72 -8.01 34.27
CA ARG B 534 -30.22 -9.38 34.15
C ARG B 534 -29.42 -10.14 33.08
N LEU B 535 -29.14 -11.42 33.35
CA LEU B 535 -28.58 -12.28 32.34
C LEU B 535 -29.51 -13.48 32.19
N ILE B 536 -29.97 -13.65 30.97
CA ILE B 536 -30.86 -14.73 30.59
C ILE B 536 -30.07 -15.64 29.66
N GLU B 537 -29.78 -16.85 30.14
CA GLU B 537 -29.06 -17.82 29.36
C GLU B 537 -30.08 -18.67 28.62
N VAL B 538 -30.09 -18.57 27.29
CA VAL B 538 -31.06 -19.19 26.40
C VAL B 538 -30.47 -20.48 25.78
N MET B 539 -30.89 -21.64 26.31
CA MET B 539 -30.34 -22.97 25.95
C MET B 539 -30.95 -23.43 24.62
N LEU B 540 -30.10 -23.62 23.61
CA LEU B 540 -30.55 -23.88 22.27
C LEU B 540 -29.69 -24.98 21.68
N PRO B 541 -30.24 -25.81 20.77
CA PRO B 541 -29.45 -26.79 20.05
C PRO B 541 -28.25 -26.08 19.41
N THR B 542 -27.26 -26.88 19.03
CA THR B 542 -25.98 -26.40 18.55
C THR B 542 -26.10 -26.01 17.07
N MET B 543 -26.98 -26.70 16.35
CA MET B 543 -27.12 -26.55 14.92
C MET B 543 -28.40 -25.77 14.59
N ASP B 544 -29.15 -25.37 15.62
CA ASP B 544 -30.37 -24.57 15.50
C ASP B 544 -30.06 -23.13 15.04
N ALA B 545 -31.01 -22.58 14.28
CA ALA B 545 -30.77 -21.35 13.62
C ALA B 545 -32.08 -20.84 13.04
N PRO B 546 -32.18 -19.52 12.79
CA PRO B 546 -33.31 -18.98 12.04
C PRO B 546 -33.41 -19.65 10.64
N SER B 547 -34.64 -19.84 10.17
CA SER B 547 -35.00 -20.75 9.07
C SER B 547 -34.40 -20.27 7.75
N ASN B 548 -34.17 -18.97 7.64
CA ASN B 548 -33.76 -18.38 6.42
C ASN B 548 -32.25 -18.10 6.45
N LEU B 549 -31.60 -18.43 7.57
CA LEU B 549 -30.21 -18.70 7.57
C LEU B 549 -30.04 -20.19 7.25
N VAL B 550 -30.84 -21.04 7.89
CA VAL B 550 -30.84 -22.46 7.62
C VAL B 550 -30.90 -22.71 6.10
N LYS B 551 -32.01 -22.34 5.46
CA LYS B 551 -32.18 -22.61 4.03
C LYS B 551 -30.97 -22.06 3.26
N GLN B 552 -30.61 -20.80 3.55
CA GLN B 552 -29.44 -20.09 2.98
C GLN B 552 -28.28 -21.04 2.67
N ALA B 553 -27.88 -21.82 3.68
CA ALA B 553 -26.71 -22.69 3.62
C ALA B 553 -27.11 -24.06 3.07
N GLN B 554 -28.40 -24.36 3.14
CA GLN B 554 -28.99 -25.49 2.41
C GLN B 554 -28.84 -25.24 0.91
N LEU B 555 -28.75 -23.94 0.55
CA LEU B 555 -28.59 -23.44 -0.82
C LEU B 555 -27.10 -23.25 -1.16
N THR B 556 -26.30 -22.72 -0.22
CA THR B 556 -24.86 -22.43 -0.45
C THR B 556 -24.02 -23.72 -0.45
N ALA B 557 -24.48 -24.78 0.24
CA ALA B 557 -23.74 -26.06 0.37
C ALA B 557 -24.11 -27.06 -0.74
N ALA B 558 -25.08 -26.68 -1.60
CA ALA B 558 -25.56 -27.52 -2.70
C ALA B 558 -25.23 -26.88 -4.07
N THR B 559 -24.39 -25.83 -4.04
CA THR B 559 -24.14 -24.94 -5.20
C THR B 559 -22.63 -24.83 -5.43
N ASN B 560 -22.28 -24.51 -6.69
CA ASN B 560 -20.90 -24.35 -7.13
C ASN B 560 -20.56 -22.86 -7.22
N ALA B 561 -21.49 -21.99 -6.79
CA ALA B 561 -21.20 -20.56 -6.53
C ALA B 561 -20.31 -20.45 -5.28
N LYS B 562 -19.19 -19.71 -5.42
CA LYS B 562 -18.07 -19.78 -4.47
C LYS B 562 -17.32 -18.43 -4.41
N ASN B 563 -16.35 -18.34 -3.47
CA ASN B 563 -15.43 -17.18 -3.26
C ASN B 563 -14.09 -17.49 -3.95
N SER C 2 22.66 -33.69 -29.56
CA SER C 2 22.58 -32.27 -30.07
C SER C 2 22.14 -31.31 -28.95
N GLU C 3 22.86 -30.19 -28.87
CA GLU C 3 22.85 -29.27 -27.73
C GLU C 3 22.60 -27.86 -28.26
N ILE C 4 21.82 -27.07 -27.54
CA ILE C 4 21.63 -25.66 -27.92
C ILE C 4 21.79 -24.79 -26.68
N THR C 5 22.07 -23.52 -26.88
CA THR C 5 22.04 -22.53 -25.78
C THR C 5 20.61 -22.42 -25.24
N LEU C 6 20.48 -22.07 -23.96
CA LEU C 6 19.20 -21.76 -23.37
C LEU C 6 18.55 -20.61 -24.14
N GLY C 7 19.38 -19.64 -24.51
CA GLY C 7 19.00 -18.59 -25.45
C GLY C 7 18.24 -19.13 -26.65
N ARG C 8 18.94 -19.93 -27.46
CA ARG C 8 18.38 -20.61 -28.67
C ARG C 8 17.09 -21.35 -28.28
N TYR C 9 17.10 -22.04 -27.13
CA TYR C 9 15.91 -22.70 -26.59
C TYR C 9 14.72 -21.75 -26.51
N LEU C 10 14.91 -20.54 -25.94
CA LEU C 10 13.82 -19.60 -25.77
C LEU C 10 13.26 -19.20 -27.15
N PHE C 11 14.13 -18.84 -28.10
CA PHE C 11 13.64 -18.39 -29.40
C PHE C 11 12.93 -19.55 -30.13
N GLU C 12 13.47 -20.76 -29.98
CA GLU C 12 12.84 -21.94 -30.62
C GLU C 12 11.44 -22.16 -30.05
N ARG C 13 11.30 -22.01 -28.74
CA ARG C 13 9.98 -22.17 -28.15
C ARG C 13 9.01 -21.10 -28.70
N LEU C 14 9.42 -19.83 -28.68
CA LEU C 14 8.57 -18.73 -29.11
C LEU C 14 8.19 -18.94 -30.58
N LYS C 15 9.13 -19.47 -31.37
CA LYS C 15 8.83 -19.80 -32.76
C LYS C 15 7.76 -20.90 -32.81
N GLN C 16 7.79 -21.85 -31.89
CA GLN C 16 6.79 -22.93 -31.87
C GLN C 16 5.38 -22.38 -31.60
N VAL C 17 5.28 -21.26 -30.88
CA VAL C 17 3.96 -20.68 -30.63
C VAL C 17 3.69 -19.49 -31.57
N GLU C 18 4.38 -19.42 -32.70
CA GLU C 18 4.03 -18.54 -33.82
C GLU C 18 4.57 -17.11 -33.61
N VAL C 19 5.38 -16.90 -32.57
CA VAL C 19 6.10 -15.65 -32.37
C VAL C 19 7.36 -15.59 -33.26
N GLN C 20 7.38 -14.66 -34.24
CA GLN C 20 8.51 -14.52 -35.16
C GLN C 20 9.32 -13.24 -34.88
N THR C 21 8.70 -12.25 -34.24
CA THR C 21 9.26 -10.91 -34.11
C THR C 21 9.48 -10.68 -32.62
N ILE C 22 10.69 -10.29 -32.24
CA ILE C 22 11.03 -10.02 -30.86
C ILE C 22 11.24 -8.52 -30.68
N PHE C 23 10.60 -7.97 -29.65
CA PHE C 23 10.72 -6.56 -29.40
C PHE C 23 11.74 -6.31 -28.29
N GLY C 24 12.08 -5.03 -28.12
CA GLY C 24 12.94 -4.59 -27.06
C GLY C 24 14.06 -3.75 -27.60
N LEU C 25 14.98 -3.43 -26.68
CA LEU C 25 16.23 -2.78 -26.96
C LEU C 25 17.34 -3.59 -26.31
N PRO C 26 18.53 -3.62 -26.96
CA PRO C 26 19.70 -4.25 -26.35
C PRO C 26 20.20 -3.51 -25.10
N GLY C 27 20.92 -4.23 -24.23
CA GLY C 27 21.76 -3.63 -23.21
C GLY C 27 22.69 -4.67 -22.62
N ASP C 28 23.52 -4.22 -21.66
CA ASP C 28 24.66 -5.00 -21.15
C ASP C 28 24.25 -6.48 -20.99
N PHE C 29 23.16 -6.70 -20.25
CA PHE C 29 22.78 -7.99 -19.72
C PHE C 29 21.83 -8.78 -20.65
N ASN C 30 21.74 -8.41 -21.93
CA ASN C 30 20.90 -9.14 -22.82
C ASN C 30 21.57 -9.37 -24.16
N LEU C 31 22.76 -8.78 -24.36
CA LEU C 31 23.44 -8.82 -25.65
C LEU C 31 23.60 -10.27 -26.15
N SER C 32 24.11 -11.17 -25.30
CA SER C 32 24.47 -12.52 -25.79
C SER C 32 23.19 -13.35 -25.99
N LEU C 33 22.14 -13.04 -25.22
CA LEU C 33 20.81 -13.57 -25.46
C LEU C 33 20.34 -13.30 -26.89
N LEU C 34 20.50 -12.04 -27.34
CA LEU C 34 19.89 -11.60 -28.59
C LEU C 34 20.58 -12.26 -29.80
N ASP C 35 21.87 -12.59 -29.65
CA ASP C 35 22.68 -13.28 -30.69
C ASP C 35 21.93 -14.50 -31.24
N ASN C 36 21.18 -15.20 -30.35
CA ASN C 36 20.54 -16.47 -30.60
C ASN C 36 19.35 -16.32 -31.58
N ILE C 37 18.79 -15.10 -31.67
CA ILE C 37 17.66 -14.79 -32.57
C ILE C 37 18.06 -15.08 -34.02
N TYR C 38 19.27 -14.66 -34.39
CA TYR C 38 19.71 -14.80 -35.78
C TYR C 38 20.11 -16.25 -36.10
N GLU C 39 19.98 -17.18 -35.13
CA GLU C 39 20.23 -18.63 -35.33
C GLU C 39 18.94 -19.37 -35.73
N VAL C 40 17.78 -18.81 -35.35
CA VAL C 40 16.50 -19.43 -35.59
C VAL C 40 15.90 -18.89 -36.89
N PRO C 41 15.68 -19.74 -37.91
CA PRO C 41 15.07 -19.28 -39.15
C PRO C 41 13.66 -18.69 -38.94
N GLY C 42 13.42 -17.52 -39.54
CA GLY C 42 12.11 -16.84 -39.51
C GLY C 42 11.86 -16.06 -38.21
N MET C 43 12.92 -15.82 -37.43
CA MET C 43 12.92 -14.94 -36.25
C MET C 43 13.62 -13.63 -36.62
N ARG C 44 13.10 -12.51 -36.08
CA ARG C 44 13.71 -11.20 -36.25
C ARG C 44 13.66 -10.43 -34.91
N TRP C 45 14.62 -9.53 -34.80
CA TRP C 45 14.74 -8.49 -33.80
C TRP C 45 14.24 -7.17 -34.39
N ALA C 46 13.16 -6.61 -33.84
CA ALA C 46 12.59 -5.35 -34.37
C ALA C 46 13.57 -4.15 -34.31
N GLY C 47 14.38 -4.06 -33.25
CA GLY C 47 15.20 -2.87 -32.97
C GLY C 47 14.33 -1.64 -32.75
N ASN C 48 13.58 -1.67 -31.65
CA ASN C 48 12.71 -0.61 -31.27
C ASN C 48 13.55 0.62 -30.90
N ALA C 49 12.89 1.79 -31.02
CA ALA C 49 13.53 3.06 -30.76
C ALA C 49 13.43 3.49 -29.29
N ASN C 50 12.51 2.91 -28.51
CA ASN C 50 12.58 2.92 -27.03
C ASN C 50 11.75 1.76 -26.49
N GLU C 51 11.85 1.55 -25.18
CA GLU C 51 11.32 0.33 -24.54
C GLU C 51 9.81 0.44 -24.31
N LEU C 52 9.32 1.64 -24.02
CA LEU C 52 7.92 1.81 -23.84
C LEU C 52 7.17 1.43 -25.13
N ASN C 53 7.71 1.87 -26.27
CA ASN C 53 7.09 1.73 -27.52
C ASN C 53 7.13 0.26 -27.93
N ALA C 54 8.25 -0.38 -27.58
CA ALA C 54 8.44 -1.78 -27.75
C ALA C 54 7.38 -2.58 -27.01
N ALA C 55 6.99 -2.17 -25.79
CA ALA C 55 5.96 -2.91 -25.09
C ALA C 55 4.59 -2.66 -25.78
N TYR C 56 4.32 -1.42 -26.16
CA TYR C 56 3.14 -1.15 -26.93
C TYR C 56 3.11 -2.03 -28.20
N ALA C 57 4.26 -2.19 -28.85
CA ALA C 57 4.32 -2.96 -30.11
C ALA C 57 4.16 -4.45 -29.81
N ALA C 58 4.83 -4.93 -28.75
CA ALA C 58 4.61 -6.28 -28.30
C ALA C 58 3.11 -6.54 -28.06
N ASP C 59 2.46 -5.55 -27.50
CA ASP C 59 1.04 -5.60 -27.21
C ASP C 59 0.26 -5.75 -28.51
N GLY C 60 0.58 -4.93 -29.52
CA GLY C 60 -0.11 -4.96 -30.81
C GLY C 60 0.08 -6.28 -31.53
N TYR C 61 1.32 -6.77 -31.46
CA TYR C 61 1.74 -8.01 -32.01
C TYR C 61 0.88 -9.13 -31.42
N ALA C 62 0.82 -9.20 -30.09
CA ALA C 62 0.09 -10.27 -29.38
C ALA C 62 -1.40 -10.25 -29.73
N ARG C 63 -1.96 -9.06 -29.94
CA ARG C 63 -3.39 -8.96 -30.24
C ARG C 63 -3.69 -9.77 -31.50
N LEU C 64 -2.80 -9.70 -32.51
CA LEU C 64 -3.02 -10.37 -33.77
C LEU C 64 -2.50 -11.81 -33.73
N LYS C 65 -1.33 -12.05 -33.10
CA LYS C 65 -0.66 -13.39 -33.16
C LYS C 65 -1.01 -14.32 -31.99
N GLY C 66 -1.52 -13.79 -30.87
CA GLY C 66 -1.86 -14.62 -29.70
C GLY C 66 -0.96 -14.31 -28.53
N MET C 67 0.32 -14.08 -28.82
CA MET C 67 1.24 -13.69 -27.83
C MET C 67 2.47 -13.04 -28.47
N SER C 68 3.32 -12.47 -27.61
CA SER C 68 4.48 -11.66 -28.00
C SER C 68 5.61 -11.82 -26.97
N CYS C 69 6.78 -11.32 -27.35
CA CYS C 69 7.89 -11.27 -26.42
C CYS C 69 8.61 -9.93 -26.57
N ILE C 70 8.86 -9.32 -25.41
CA ILE C 70 9.71 -8.16 -25.34
C ILE C 70 10.96 -8.50 -24.51
N ILE C 71 12.13 -8.15 -25.05
CA ILE C 71 13.37 -8.29 -24.28
C ILE C 71 13.90 -6.90 -23.87
N THR C 72 14.02 -6.66 -22.57
CA THR C 72 14.65 -5.39 -22.12
C THR C 72 15.85 -5.70 -21.23
N THR C 73 16.54 -4.64 -20.76
CA THR C 73 17.69 -4.84 -19.88
C THR C 73 17.36 -4.44 -18.44
N PHE C 74 18.19 -4.96 -17.53
CA PHE C 74 18.06 -4.77 -16.09
C PHE C 74 17.86 -3.28 -15.78
N GLY C 75 16.83 -2.96 -15.00
CA GLY C 75 16.58 -1.61 -14.53
C GLY C 75 16.00 -0.66 -15.56
N VAL C 76 16.89 -0.13 -16.39
CA VAL C 76 16.64 1.01 -17.20
C VAL C 76 15.69 0.66 -18.35
N GLY C 77 15.88 -0.55 -18.88
CA GLY C 77 15.06 -1.06 -19.98
C GLY C 77 13.70 -1.43 -19.45
N GLU C 78 13.69 -2.29 -18.42
CA GLU C 78 12.45 -2.85 -17.86
C GLU C 78 11.58 -1.75 -17.27
N LEU C 79 12.14 -0.76 -16.56
CA LEU C 79 11.26 0.24 -15.93
C LEU C 79 10.56 1.09 -17.01
N SER C 80 11.28 1.37 -18.12
CA SER C 80 10.77 2.17 -19.23
C SER C 80 9.51 1.53 -19.83
N ALA C 81 9.39 0.20 -19.74
CA ALA C 81 8.33 -0.56 -20.48
C ALA C 81 7.07 -0.73 -19.63
N LEU C 82 7.11 -0.37 -18.34
CA LEU C 82 6.08 -0.85 -17.42
C LEU C 82 4.69 -0.35 -17.81
N ASN C 83 4.57 0.90 -18.30
CA ASN C 83 3.25 1.43 -18.66
C ASN C 83 2.65 0.57 -19.77
N GLY C 84 3.49 0.12 -20.70
CA GLY C 84 3.08 -0.84 -21.73
C GLY C 84 2.65 -2.16 -21.13
N ILE C 85 3.44 -2.68 -20.19
CA ILE C 85 3.14 -4.01 -19.62
C ILE C 85 1.82 -3.90 -18.85
N ALA C 86 1.65 -2.76 -18.17
CA ALA C 86 0.50 -2.50 -17.32
C ALA C 86 -0.76 -2.53 -18.18
N GLY C 87 -0.65 -1.96 -19.38
CA GLY C 87 -1.78 -1.87 -20.26
C GLY C 87 -2.10 -3.22 -20.90
N SER C 88 -1.07 -4.01 -21.17
CA SER C 88 -1.23 -5.37 -21.62
C SER C 88 -1.90 -6.18 -20.51
N TYR C 89 -1.51 -5.95 -19.25
CA TYR C 89 -2.15 -6.65 -18.14
C TYR C 89 -3.63 -6.29 -18.06
N ALA C 90 -3.93 -4.98 -18.09
CA ALA C 90 -5.32 -4.47 -17.95
C ALA C 90 -6.26 -5.00 -19.05
N GLU C 91 -5.73 -5.14 -20.25
CA GLU C 91 -6.58 -5.42 -21.40
C GLU C 91 -6.50 -6.90 -21.79
N HIS C 92 -5.85 -7.72 -20.94
CA HIS C 92 -5.67 -9.15 -21.15
C HIS C 92 -4.92 -9.42 -22.45
N VAL C 93 -3.68 -8.91 -22.53
CA VAL C 93 -2.80 -9.15 -23.68
C VAL C 93 -1.57 -9.94 -23.24
N GLY C 94 -1.35 -11.09 -23.90
CA GLY C 94 -0.30 -12.04 -23.53
C GLY C 94 1.07 -11.63 -24.02
N VAL C 95 1.79 -10.86 -23.18
CA VAL C 95 3.15 -10.38 -23.42
C VAL C 95 4.13 -11.01 -22.40
N LEU C 96 5.06 -11.83 -22.93
CA LEU C 96 6.25 -12.29 -22.20
C LEU C 96 7.36 -11.23 -22.23
N HIS C 97 7.65 -10.68 -21.04
CA HIS C 97 8.67 -9.68 -20.85
C HIS C 97 9.86 -10.40 -20.26
N VAL C 98 10.90 -10.53 -21.08
CA VAL C 98 12.13 -11.14 -20.66
C VAL C 98 13.10 -10.02 -20.34
N VAL C 99 13.67 -10.08 -19.15
CA VAL C 99 14.68 -9.11 -18.71
C VAL C 99 16.01 -9.82 -18.56
N GLY C 100 17.02 -9.39 -19.32
CA GLY C 100 18.39 -9.76 -19.04
C GLY C 100 18.90 -9.10 -17.76
N VAL C 101 19.44 -9.92 -16.87
CA VAL C 101 19.77 -9.46 -15.52
C VAL C 101 21.20 -9.93 -15.19
N PRO C 102 21.81 -9.46 -14.10
CA PRO C 102 23.13 -9.96 -13.73
C PRO C 102 23.14 -11.43 -13.30
N SER C 103 24.33 -12.06 -13.35
CA SER C 103 24.76 -13.21 -12.50
C SER C 103 24.25 -13.04 -11.07
N VAL C 104 23.45 -14.00 -10.58
CA VAL C 104 22.99 -13.95 -9.17
C VAL C 104 23.77 -15.00 -8.37
N HIS C 115 22.61 -3.58 -7.74
CA HIS C 115 23.36 -2.78 -8.69
C HIS C 115 22.45 -1.66 -9.24
N THR C 116 23.03 -0.46 -9.38
CA THR C 116 22.51 0.72 -10.14
C THR C 116 21.38 1.48 -9.42
N LEU C 117 20.70 0.87 -8.42
CA LEU C 117 19.72 1.63 -7.61
C LEU C 117 20.33 2.11 -6.29
N GLY C 118 21.53 1.61 -5.94
CA GLY C 118 22.24 1.99 -4.71
C GLY C 118 21.91 1.10 -3.52
N ASN C 119 20.66 1.15 -3.04
CA ASN C 119 20.28 0.65 -1.71
C ASN C 119 20.68 -0.83 -1.54
N GLY C 120 20.66 -1.59 -2.63
CA GLY C 120 21.23 -2.94 -2.65
C GLY C 120 20.26 -3.99 -3.14
N ASP C 121 18.94 -3.77 -2.92
CA ASP C 121 17.93 -4.74 -3.32
C ASP C 121 17.83 -4.78 -4.85
N PHE C 122 18.61 -5.69 -5.43
CA PHE C 122 18.58 -6.03 -6.84
C PHE C 122 17.26 -6.69 -7.26
N THR C 123 16.39 -7.07 -6.30
CA THR C 123 15.09 -7.72 -6.60
C THR C 123 13.98 -6.69 -6.87
N VAL C 124 14.27 -5.39 -6.70
CA VAL C 124 13.25 -4.31 -6.65
C VAL C 124 12.46 -4.19 -7.95
N PHE C 125 13.13 -4.31 -9.11
CA PHE C 125 12.43 -4.16 -10.38
C PHE C 125 11.50 -5.36 -10.59
N HIS C 126 11.95 -6.54 -10.16
CA HIS C 126 11.17 -7.73 -10.27
C HIS C 126 9.86 -7.49 -9.50
N ARG C 127 9.96 -6.86 -8.31
CA ARG C 127 8.82 -6.75 -7.40
C ARG C 127 7.81 -5.76 -7.98
N MET C 128 8.33 -4.62 -8.45
CA MET C 128 7.53 -3.64 -9.13
C MET C 128 6.75 -4.35 -10.26
N SER C 129 7.44 -5.11 -11.09
CA SER C 129 6.77 -5.83 -12.18
C SER C 129 5.79 -6.90 -11.65
N SER C 130 6.03 -7.47 -10.47
CA SER C 130 5.12 -8.48 -9.88
C SER C 130 3.68 -8.00 -9.90
N ASN C 131 3.53 -6.69 -9.76
CA ASN C 131 2.28 -6.00 -9.63
C ASN C 131 1.44 -6.11 -10.89
N ILE C 132 2.07 -6.34 -12.04
CA ILE C 132 1.39 -6.25 -13.31
C ILE C 132 1.77 -7.45 -14.18
N SER C 133 2.01 -8.58 -13.52
CA SER C 133 2.30 -9.80 -14.20
C SER C 133 1.30 -10.87 -13.71
N GLU C 134 0.87 -11.74 -14.64
CA GLU C 134 0.18 -12.93 -14.29
C GLU C 134 1.06 -13.77 -13.36
N THR C 135 2.33 -13.89 -13.72
CA THR C 135 3.30 -14.59 -12.87
C THR C 135 4.68 -14.03 -13.17
N THR C 136 5.65 -14.45 -12.38
CA THR C 136 6.98 -13.96 -12.54
C THR C 136 7.93 -15.12 -12.26
N ALA C 137 9.05 -15.17 -12.98
CA ALA C 137 10.10 -16.09 -12.64
C ALA C 137 11.44 -15.43 -12.86
N MET C 138 12.40 -15.84 -12.02
CA MET C 138 13.79 -15.54 -12.11
C MET C 138 14.52 -16.88 -12.18
N ILE C 139 15.10 -17.15 -13.35
CA ILE C 139 15.73 -18.41 -13.63
C ILE C 139 17.15 -18.40 -13.03
N THR C 140 17.48 -19.45 -12.28
CA THR C 140 18.69 -19.50 -11.45
C THR C 140 19.55 -20.74 -11.67
N ASP C 141 18.99 -21.78 -12.30
CA ASP C 141 19.65 -23.06 -12.41
C ASP C 141 19.32 -23.65 -13.78
N ILE C 142 20.37 -23.89 -14.57
CA ILE C 142 20.28 -24.40 -15.94
C ILE C 142 19.35 -25.63 -16.02
N ASN C 143 19.31 -26.42 -14.93
CA ASN C 143 18.62 -27.70 -14.90
C ASN C 143 17.11 -27.51 -15.03
N THR C 144 16.59 -26.39 -14.52
CA THR C 144 15.15 -26.15 -14.45
C THR C 144 14.74 -25.00 -15.40
N ALA C 145 15.72 -24.37 -16.03
CA ALA C 145 15.47 -23.24 -16.89
C ALA C 145 14.44 -23.61 -17.97
N PRO C 146 14.59 -24.75 -18.68
CA PRO C 146 13.65 -25.06 -19.77
C PRO C 146 12.20 -25.16 -19.29
N ALA C 147 11.99 -25.92 -18.22
CA ALA C 147 10.69 -26.07 -17.60
C ALA C 147 10.09 -24.69 -17.29
N GLU C 148 10.91 -23.79 -16.72
CA GLU C 148 10.47 -22.45 -16.34
C GLU C 148 10.10 -21.64 -17.58
N ILE C 149 10.97 -21.57 -18.59
CA ILE C 149 10.64 -20.84 -19.83
C ILE C 149 9.28 -21.33 -20.36
N ASP C 150 9.09 -22.65 -20.38
CA ASP C 150 7.89 -23.29 -20.91
C ASP C 150 6.67 -22.92 -20.08
N ARG C 151 6.85 -22.87 -18.75
CA ARG C 151 5.78 -22.46 -17.86
C ARG C 151 5.42 -20.99 -18.15
N CYS C 152 6.43 -20.12 -18.27
CA CYS C 152 6.14 -18.70 -18.50
C CYS C 152 5.39 -18.52 -19.83
N ILE C 153 5.84 -19.23 -20.88
CA ILE C 153 5.19 -19.20 -22.18
C ILE C 153 3.77 -19.76 -22.08
N ARG C 154 3.59 -20.91 -21.43
CA ARG C 154 2.24 -21.48 -21.25
C ARG C 154 1.32 -20.42 -20.64
N THR C 155 1.76 -19.84 -19.52
CA THR C 155 0.94 -18.90 -18.75
C THR C 155 0.63 -17.62 -19.54
N THR C 156 1.63 -17.09 -20.26
CA THR C 156 1.38 -15.96 -21.14
C THR C 156 0.24 -16.26 -22.11
N TYR C 157 0.33 -17.38 -22.81
CA TYR C 157 -0.61 -17.64 -23.90
C TYR C 157 -2.00 -17.95 -23.34
N VAL C 158 -2.05 -18.76 -22.29
CA VAL C 158 -3.29 -19.30 -21.76
C VAL C 158 -4.01 -18.23 -20.93
N SER C 159 -3.28 -17.52 -20.05
CA SER C 159 -3.85 -16.52 -19.18
C SER C 159 -4.13 -15.23 -19.95
N GLN C 160 -3.43 -15.02 -21.06
CA GLN C 160 -3.54 -13.79 -21.88
C GLN C 160 -3.25 -12.57 -21.01
N ARG C 161 -2.18 -12.65 -20.21
CA ARG C 161 -1.67 -11.52 -19.47
C ARG C 161 -0.14 -11.56 -19.48
N PRO C 162 0.53 -10.43 -19.20
CA PRO C 162 1.98 -10.41 -19.17
C PRO C 162 2.60 -11.39 -18.16
N VAL C 163 3.79 -11.87 -18.51
CA VAL C 163 4.61 -12.67 -17.64
C VAL C 163 6.01 -12.08 -17.64
N TYR C 164 6.62 -12.04 -16.46
CA TYR C 164 7.97 -11.52 -16.31
C TYR C 164 8.95 -12.67 -16.20
N LEU C 165 9.96 -12.67 -17.07
CA LEU C 165 10.93 -13.68 -16.95
C LEU C 165 12.32 -13.06 -16.89
N GLY C 166 12.96 -13.25 -15.74
CA GLY C 166 14.34 -12.89 -15.54
C GLY C 166 15.27 -13.95 -16.08
N LEU C 167 16.34 -13.50 -16.74
CA LEU C 167 17.30 -14.39 -17.33
C LEU C 167 18.70 -13.84 -17.06
N PRO C 168 19.48 -14.40 -16.10
CA PRO C 168 20.85 -13.95 -15.88
C PRO C 168 21.71 -14.20 -17.13
N ALA C 169 22.57 -13.24 -17.42
CA ALA C 169 23.40 -13.26 -18.59
C ALA C 169 24.34 -14.48 -18.57
N ASN C 170 24.62 -15.02 -17.40
CA ASN C 170 25.60 -16.09 -17.25
C ASN C 170 24.96 -17.47 -17.50
N LEU C 171 23.62 -17.54 -17.64
CA LEU C 171 22.97 -18.83 -18.00
C LEU C 171 22.70 -18.96 -19.50
N VAL C 172 22.65 -17.85 -20.25
CA VAL C 172 21.92 -17.92 -21.49
C VAL C 172 22.73 -18.72 -22.52
N ASP C 173 24.05 -18.81 -22.30
CA ASP C 173 24.94 -19.51 -23.21
C ASP C 173 25.26 -20.93 -22.72
N LEU C 174 24.81 -21.29 -21.53
CA LEU C 174 24.79 -22.67 -21.10
C LEU C 174 23.87 -23.46 -22.05
N THR C 175 24.20 -24.76 -22.26
CA THR C 175 23.56 -25.55 -23.34
C THR C 175 22.53 -26.52 -22.76
N VAL C 176 21.52 -26.82 -23.57
CA VAL C 176 20.48 -27.77 -23.22
C VAL C 176 20.28 -28.69 -24.42
N PRO C 177 19.79 -29.92 -24.23
CA PRO C 177 19.67 -30.84 -25.36
C PRO C 177 18.56 -30.31 -26.27
N ALA C 178 18.83 -30.20 -27.58
CA ALA C 178 17.86 -29.71 -28.51
C ALA C 178 16.53 -30.48 -28.36
N SER C 179 16.61 -31.72 -27.84
CA SER C 179 15.50 -32.68 -27.88
C SER C 179 14.32 -32.20 -27.00
N LEU C 180 14.64 -31.40 -25.97
CA LEU C 180 13.63 -30.79 -25.08
C LEU C 180 12.53 -30.11 -25.91
N LEU C 181 12.89 -29.52 -27.05
CA LEU C 181 11.96 -28.83 -27.97
C LEU C 181 10.97 -29.80 -28.65
N ASP C 182 11.20 -31.10 -28.51
CA ASP C 182 10.35 -32.12 -29.13
C ASP C 182 9.08 -32.34 -28.31
N THR C 183 9.08 -31.87 -27.05
CA THR C 183 7.82 -31.88 -26.31
C THR C 183 7.17 -30.53 -26.51
N PRO C 184 6.00 -30.46 -27.20
CA PRO C 184 5.33 -29.19 -27.42
C PRO C 184 4.87 -28.62 -26.07
N ILE C 185 4.92 -27.29 -25.95
CA ILE C 185 4.29 -26.63 -24.84
C ILE C 185 2.78 -26.88 -24.94
N ASP C 186 2.21 -27.25 -23.81
CA ASP C 186 0.79 -27.52 -23.62
C ASP C 186 0.04 -26.20 -23.49
N LEU C 187 -0.67 -25.82 -24.55
CA LEU C 187 -1.47 -24.61 -24.59
C LEU C 187 -2.95 -24.92 -24.34
N SER C 188 -3.25 -26.15 -23.91
CA SER C 188 -4.63 -26.52 -23.64
C SER C 188 -5.10 -25.86 -22.36
N LEU C 189 -6.37 -25.41 -22.37
CA LEU C 189 -7.07 -25.04 -21.15
C LEU C 189 -7.44 -26.33 -20.42
N LYS C 190 -7.40 -26.29 -19.08
CA LYS C 190 -7.96 -27.38 -18.32
C LYS C 190 -9.45 -27.37 -18.56
N PRO C 191 -10.12 -28.56 -18.48
CA PRO C 191 -11.56 -28.65 -18.71
C PRO C 191 -12.40 -28.12 -17.54
N ASN C 192 -13.70 -27.95 -17.79
CA ASN C 192 -14.62 -27.45 -16.78
C ASN C 192 -15.04 -28.58 -15.85
N ASP C 193 -15.14 -28.24 -14.56
CA ASP C 193 -15.72 -29.08 -13.55
C ASP C 193 -17.15 -29.40 -13.96
N PRO C 194 -17.48 -30.66 -14.39
CA PRO C 194 -18.75 -30.93 -15.07
C PRO C 194 -20.02 -30.68 -14.22
N GLU C 195 -19.88 -30.64 -12.90
CA GLU C 195 -20.96 -30.20 -11.99
C GLU C 195 -21.28 -28.72 -12.27
N ALA C 196 -20.24 -27.89 -12.17
CA ALA C 196 -20.32 -26.44 -12.32
C ALA C 196 -20.88 -26.08 -13.71
N GLU C 197 -20.19 -26.56 -14.76
CA GLU C 197 -20.54 -26.26 -16.18
C GLU C 197 -22.03 -26.55 -16.39
N GLU C 198 -22.48 -27.71 -15.88
CA GLU C 198 -23.86 -28.19 -16.04
C GLU C 198 -24.83 -27.22 -15.37
N GLU C 199 -24.55 -26.86 -14.12
CA GLU C 199 -25.36 -25.94 -13.35
C GLU C 199 -25.51 -24.60 -14.10
N VAL C 200 -24.41 -24.01 -14.56
CA VAL C 200 -24.49 -22.75 -15.35
C VAL C 200 -25.36 -22.95 -16.61
N ILE C 201 -25.05 -23.95 -17.43
CA ILE C 201 -25.73 -24.13 -18.72
C ILE C 201 -27.25 -24.21 -18.53
N GLU C 202 -27.69 -24.97 -17.52
CA GLU C 202 -29.12 -25.25 -17.32
C GLU C 202 -29.85 -23.96 -16.93
N ASN C 203 -29.20 -23.15 -16.08
CA ASN C 203 -29.76 -21.86 -15.67
C ASN C 203 -29.80 -20.91 -16.87
N VAL C 204 -28.69 -20.82 -17.63
CA VAL C 204 -28.72 -19.95 -18.81
C VAL C 204 -29.88 -20.39 -19.70
N LEU C 205 -29.98 -21.71 -19.92
CA LEU C 205 -31.05 -22.24 -20.73
C LEU C 205 -32.39 -21.85 -20.11
N GLN C 206 -32.51 -22.04 -18.79
CA GLN C 206 -33.75 -21.71 -18.10
C GLN C 206 -34.10 -20.25 -18.41
N LEU C 207 -33.13 -19.33 -18.23
CA LEU C 207 -33.35 -17.88 -18.45
C LEU C 207 -33.77 -17.59 -19.89
N ILE C 208 -33.22 -18.35 -20.86
CA ILE C 208 -33.48 -18.09 -22.27
C ILE C 208 -34.90 -18.52 -22.67
N LYS C 209 -35.47 -19.53 -21.97
CA LYS C 209 -36.85 -20.03 -22.25
C LYS C 209 -37.87 -18.96 -21.84
N GLU C 210 -37.57 -18.28 -20.73
CA GLU C 210 -38.47 -17.32 -20.11
C GLU C 210 -38.34 -15.95 -20.78
N ALA C 211 -37.19 -15.69 -21.43
CA ALA C 211 -36.93 -14.39 -22.08
C ALA C 211 -37.73 -14.27 -23.38
N LYS C 212 -38.25 -13.07 -23.64
CA LYS C 212 -39.06 -12.76 -24.84
C LYS C 212 -38.36 -11.74 -25.74
N ASN C 213 -37.39 -10.99 -25.20
CA ASN C 213 -36.60 -10.04 -26.01
C ASN C 213 -35.15 -10.07 -25.52
N PRO C 214 -34.46 -11.22 -25.63
CA PRO C 214 -33.03 -11.30 -25.29
C PRO C 214 -32.11 -10.67 -26.36
N VAL C 215 -31.00 -10.09 -25.89
CA VAL C 215 -29.95 -9.56 -26.79
C VAL C 215 -28.59 -10.12 -26.37
N ILE C 216 -27.70 -10.20 -27.35
CA ILE C 216 -26.32 -10.68 -27.18
C ILE C 216 -25.43 -9.45 -27.23
N LEU C 217 -24.50 -9.37 -26.27
CA LEU C 217 -23.48 -8.33 -26.24
C LEU C 217 -22.09 -8.96 -26.41
N ALA C 218 -21.35 -8.54 -27.42
CA ALA C 218 -19.99 -9.06 -27.54
C ALA C 218 -18.98 -8.00 -27.04
N ASP C 219 -18.18 -8.35 -26.03
CA ASP C 219 -17.19 -7.44 -25.46
C ASP C 219 -15.78 -7.92 -25.85
N ALA C 220 -14.78 -7.22 -25.29
CA ALA C 220 -13.35 -7.36 -25.56
C ALA C 220 -12.98 -8.74 -26.12
N CYS C 221 -13.15 -9.77 -25.27
CA CYS C 221 -12.51 -11.07 -25.41
C CYS C 221 -13.20 -11.94 -26.47
N CYS C 222 -14.19 -11.40 -27.19
CA CYS C 222 -14.79 -12.12 -28.32
C CYS C 222 -13.78 -12.26 -29.47
N SER C 223 -13.14 -11.15 -29.87
CA SER C 223 -12.14 -11.16 -30.95
C SER C 223 -10.90 -11.95 -30.50
N ARG C 224 -10.26 -11.47 -29.42
CA ARG C 224 -8.98 -11.98 -28.91
C ARG C 224 -9.06 -13.47 -28.58
N HIS C 225 -9.91 -13.83 -27.62
CA HIS C 225 -9.86 -15.15 -26.93
C HIS C 225 -10.48 -16.29 -27.78
N ASP C 226 -11.00 -15.98 -28.98
CA ASP C 226 -11.39 -16.98 -30.01
C ASP C 226 -12.89 -17.34 -29.90
N ALA C 227 -13.62 -16.58 -29.07
CA ALA C 227 -15.02 -16.76 -28.89
C ALA C 227 -15.78 -16.13 -30.06
N LYS C 228 -15.05 -15.50 -30.98
CA LYS C 228 -15.64 -14.89 -32.18
C LYS C 228 -16.44 -15.94 -32.97
N ALA C 229 -15.89 -17.16 -33.08
CA ALA C 229 -16.57 -18.25 -33.77
C ALA C 229 -17.70 -18.81 -32.88
N GLU C 230 -17.46 -18.97 -31.57
CA GLU C 230 -18.54 -19.43 -30.70
C GLU C 230 -19.69 -18.42 -30.73
N THR C 231 -19.36 -17.12 -30.71
CA THR C 231 -20.32 -16.03 -30.63
C THR C 231 -21.17 -15.95 -31.91
N LYS C 232 -20.53 -16.07 -33.08
CA LYS C 232 -21.23 -16.07 -34.35
C LYS C 232 -22.26 -17.21 -34.38
N LYS C 233 -21.88 -18.35 -33.82
CA LYS C 233 -22.75 -19.51 -33.78
C LYS C 233 -23.92 -19.24 -32.81
N LEU C 234 -23.63 -18.61 -31.66
CA LEU C 234 -24.66 -18.22 -30.69
C LEU C 234 -25.73 -17.37 -31.39
N ILE C 235 -25.31 -16.50 -32.34
CA ILE C 235 -26.19 -15.61 -33.09
C ILE C 235 -26.98 -16.38 -34.15
N ASP C 236 -26.31 -17.30 -34.83
CA ASP C 236 -26.93 -18.07 -35.88
C ASP C 236 -28.06 -18.87 -35.23
N LEU C 237 -27.75 -19.59 -34.17
CA LEU C 237 -28.65 -20.54 -33.55
C LEU C 237 -29.83 -19.86 -32.82
N THR C 238 -29.66 -18.63 -32.34
CA THR C 238 -30.68 -17.91 -31.55
C THR C 238 -31.46 -16.92 -32.42
N GLN C 239 -30.74 -16.23 -33.29
CA GLN C 239 -31.26 -15.19 -34.12
C GLN C 239 -31.54 -13.96 -33.25
N PHE C 240 -30.93 -13.93 -32.06
CA PHE C 240 -31.02 -12.79 -31.19
C PHE C 240 -30.27 -11.62 -31.81
N PRO C 241 -30.79 -10.37 -31.67
CA PRO C 241 -30.04 -9.17 -32.06
C PRO C 241 -28.69 -9.16 -31.34
N ALA C 242 -27.62 -8.72 -32.02
CA ALA C 242 -26.31 -8.78 -31.42
C ALA C 242 -25.62 -7.43 -31.56
N PHE C 243 -25.06 -6.96 -30.43
CA PHE C 243 -24.37 -5.67 -30.39
C PHE C 243 -22.95 -5.87 -29.89
N VAL C 244 -22.07 -4.91 -30.23
CA VAL C 244 -20.70 -4.95 -29.73
C VAL C 244 -20.48 -3.75 -28.81
N THR C 245 -19.65 -3.94 -27.77
CA THR C 245 -19.01 -2.82 -27.10
C THR C 245 -17.87 -2.33 -28.00
N PRO C 246 -17.32 -1.12 -27.73
CA PRO C 246 -16.22 -0.57 -28.54
C PRO C 246 -14.94 -1.44 -28.51
N MET C 247 -14.71 -2.13 -27.39
CA MET C 247 -13.63 -3.16 -27.27
C MET C 247 -14.01 -4.44 -28.05
N GLY C 248 -15.32 -4.70 -28.11
CA GLY C 248 -15.89 -5.78 -28.85
C GLY C 248 -15.95 -5.48 -30.34
N LYS C 249 -15.76 -4.22 -30.73
CA LYS C 249 -15.97 -3.83 -32.14
C LYS C 249 -15.09 -4.68 -33.07
N GLY C 250 -15.74 -5.41 -33.98
CA GLY C 250 -15.08 -6.28 -34.92
C GLY C 250 -15.19 -7.75 -34.49
N SER C 251 -15.67 -7.99 -33.27
CA SER C 251 -15.88 -9.35 -32.74
CA SER C 251 -15.84 -9.36 -32.79
C SER C 251 -17.08 -9.99 -33.43
N ILE C 252 -18.03 -9.14 -33.83
CA ILE C 252 -19.13 -9.53 -34.65
C ILE C 252 -18.92 -8.86 -36.00
N ASP C 253 -19.02 -9.68 -37.04
CA ASP C 253 -18.99 -9.24 -38.39
C ASP C 253 -20.29 -8.47 -38.61
N GLU C 254 -20.17 -7.26 -39.18
CA GLU C 254 -21.18 -6.19 -39.06
C GLU C 254 -22.17 -6.29 -40.22
N LYS C 255 -21.88 -7.14 -41.22
CA LYS C 255 -22.82 -7.42 -42.35
C LYS C 255 -23.79 -8.54 -41.97
N HIS C 256 -23.48 -9.26 -40.89
CA HIS C 256 -24.46 -10.20 -40.37
C HIS C 256 -25.78 -9.47 -40.24
N PRO C 257 -26.84 -9.94 -40.93
CA PRO C 257 -28.15 -9.32 -40.81
C PRO C 257 -28.69 -9.09 -39.39
N ARG C 258 -28.20 -9.84 -38.37
CA ARG C 258 -28.66 -9.69 -36.96
C ARG C 258 -27.75 -8.76 -36.13
N PHE C 259 -26.76 -8.10 -36.75
CA PHE C 259 -25.92 -7.16 -36.00
C PHE C 259 -26.62 -5.80 -35.86
N GLY C 260 -26.92 -5.38 -34.63
CA GLY C 260 -27.76 -4.19 -34.40
C GLY C 260 -27.00 -2.99 -33.86
N GLY C 261 -25.66 -3.03 -33.92
CA GLY C 261 -24.83 -1.84 -33.75
C GLY C 261 -23.93 -1.89 -32.52
N VAL C 262 -23.41 -0.71 -32.16
CA VAL C 262 -22.47 -0.55 -31.04
C VAL C 262 -23.21 0.04 -29.83
N TYR C 263 -23.38 -0.80 -28.81
CA TYR C 263 -23.90 -0.37 -27.54
C TYR C 263 -22.76 0.30 -26.77
N VAL C 264 -22.95 1.57 -26.42
CA VAL C 264 -21.98 2.26 -25.59
C VAL C 264 -22.71 3.34 -24.79
N GLY C 265 -23.55 2.88 -23.86
CA GLY C 265 -24.27 3.70 -22.90
C GLY C 265 -25.31 4.62 -23.52
N THR C 266 -25.45 5.81 -22.93
CA THR C 266 -26.36 6.85 -23.42
C THR C 266 -25.74 7.50 -24.67
N LEU C 267 -24.46 7.18 -24.94
CA LEU C 267 -23.75 7.62 -26.14
C LEU C 267 -24.12 6.76 -27.35
N SER C 268 -24.93 5.71 -27.12
CA SER C 268 -25.42 4.82 -28.17
C SER C 268 -26.41 5.55 -29.05
N SER C 269 -26.51 5.12 -30.31
CA SER C 269 -27.63 5.49 -31.14
C SER C 269 -28.90 5.28 -30.31
N PRO C 270 -29.95 6.10 -30.49
CA PRO C 270 -31.14 6.01 -29.63
C PRO C 270 -31.88 4.70 -29.85
N ALA C 271 -31.86 4.18 -31.10
CA ALA C 271 -32.45 2.89 -31.45
C ALA C 271 -31.63 1.76 -30.81
N VAL C 272 -30.30 1.89 -30.82
CA VAL C 272 -29.46 0.91 -30.14
C VAL C 272 -29.78 0.92 -28.64
N LYS C 273 -29.77 2.10 -28.01
CA LYS C 273 -29.94 2.15 -26.58
C LYS C 273 -31.27 1.49 -26.23
N GLU C 274 -32.31 1.82 -27.02
CA GLU C 274 -33.65 1.27 -26.83
C GLU C 274 -33.59 -0.26 -26.92
N ALA C 275 -33.01 -0.80 -28.00
CA ALA C 275 -32.98 -2.26 -28.25
C ALA C 275 -32.41 -3.01 -27.03
N VAL C 276 -31.32 -2.48 -26.46
CA VAL C 276 -30.55 -3.15 -25.41
C VAL C 276 -31.19 -2.93 -24.03
N GLU C 277 -31.77 -1.75 -23.82
CA GLU C 277 -32.38 -1.43 -22.54
C GLU C 277 -33.78 -2.05 -22.51
N SER C 278 -34.37 -2.24 -23.69
CA SER C 278 -35.65 -2.90 -23.84
C SER C 278 -35.55 -4.41 -23.58
N ALA C 279 -34.34 -4.96 -23.41
CA ALA C 279 -34.12 -6.41 -23.49
C ALA C 279 -34.41 -7.06 -22.14
N ASP C 280 -35.16 -8.17 -22.16
CA ASP C 280 -35.53 -8.84 -20.89
C ASP C 280 -34.47 -9.89 -20.53
N LEU C 281 -33.53 -10.11 -21.44
CA LEU C 281 -32.36 -10.93 -21.19
C LEU C 281 -31.17 -10.33 -21.95
N VAL C 282 -30.00 -10.38 -21.34
CA VAL C 282 -28.76 -9.93 -21.93
C VAL C 282 -27.73 -11.03 -21.76
N LEU C 283 -27.16 -11.49 -22.88
CA LEU C 283 -26.12 -12.47 -22.87
C LEU C 283 -24.84 -11.77 -23.31
N SER C 284 -23.96 -11.56 -22.33
CA SER C 284 -22.78 -10.77 -22.50
C SER C 284 -21.57 -11.71 -22.60
N VAL C 285 -20.78 -11.54 -23.65
CA VAL C 285 -19.68 -12.45 -23.91
C VAL C 285 -18.37 -11.69 -23.72
N GLY C 286 -17.38 -12.40 -23.16
CA GLY C 286 -16.03 -11.86 -22.96
C GLY C 286 -16.05 -10.52 -22.25
N ALA C 287 -16.96 -10.39 -21.29
CA ALA C 287 -17.36 -9.09 -20.75
C ALA C 287 -16.18 -8.46 -20.00
N LEU C 288 -16.30 -7.14 -19.75
CA LEU C 288 -15.43 -6.38 -18.85
C LEU C 288 -15.98 -4.94 -18.72
N SER C 300 -23.69 0.61 -17.94
CA SER C 300 -24.30 -0.65 -17.53
C SER C 300 -25.72 -0.39 -17.01
N TYR C 301 -26.56 0.23 -17.86
CA TYR C 301 -27.93 0.61 -17.51
C TYR C 301 -28.88 -0.33 -18.27
N LYS C 302 -29.19 -1.49 -17.65
CA LYS C 302 -30.04 -2.54 -18.23
C LYS C 302 -30.90 -3.19 -17.14
N THR C 303 -30.67 -4.48 -16.87
CA THR C 303 -31.53 -5.32 -16.02
C THR C 303 -30.63 -6.19 -15.13
N LYS C 304 -31.25 -6.95 -14.21
CA LYS C 304 -30.55 -7.98 -13.42
C LYS C 304 -30.65 -9.34 -14.14
N ASN C 305 -31.18 -9.31 -15.39
CA ASN C 305 -31.37 -10.50 -16.23
C ASN C 305 -30.20 -10.60 -17.21
N ILE C 306 -29.00 -10.78 -16.65
CA ILE C 306 -27.80 -10.79 -17.45
C ILE C 306 -26.91 -11.96 -17.02
N VAL C 307 -26.33 -12.58 -18.07
CA VAL C 307 -25.37 -13.64 -18.04
C VAL C 307 -24.06 -13.05 -18.56
N GLU C 308 -22.97 -13.21 -17.79
CA GLU C 308 -21.66 -12.86 -18.24
C GLU C 308 -20.80 -14.12 -18.38
N PHE C 309 -20.50 -14.48 -19.62
CA PHE C 309 -19.46 -15.46 -19.93
C PHE C 309 -18.11 -14.76 -19.92
N HIS C 310 -17.18 -15.27 -19.10
CA HIS C 310 -15.82 -14.75 -19.06
C HIS C 310 -14.85 -15.89 -19.38
N SER C 311 -13.62 -15.53 -19.74
CA SER C 311 -12.56 -16.51 -19.91
C SER C 311 -12.52 -17.43 -18.68
N ASP C 312 -12.51 -16.82 -17.48
CA ASP C 312 -12.14 -17.47 -16.23
C ASP C 312 -13.35 -17.98 -15.44
N TYR C 313 -14.57 -17.52 -15.75
CA TYR C 313 -15.74 -17.78 -14.90
C TYR C 313 -17.03 -17.39 -15.64
N THR C 314 -18.17 -17.71 -15.00
CA THR C 314 -19.47 -17.25 -15.46
C THR C 314 -20.24 -16.65 -14.28
N LYS C 315 -21.10 -15.69 -14.59
CA LYS C 315 -22.00 -15.09 -13.63
C LYS C 315 -23.40 -15.08 -14.21
N ILE C 316 -24.38 -15.51 -13.41
CA ILE C 316 -25.79 -15.41 -13.75
C ILE C 316 -26.46 -14.57 -12.67
N ARG C 317 -27.33 -13.66 -13.12
CA ARG C 317 -27.91 -12.62 -12.31
C ARG C 317 -26.78 -11.98 -11.51
N SER C 318 -26.69 -12.25 -10.19
CA SER C 318 -25.56 -11.78 -9.36
C SER C 318 -24.67 -12.94 -8.94
N ALA C 319 -25.15 -14.18 -9.11
CA ALA C 319 -24.42 -15.40 -8.75
C ALA C 319 -23.14 -15.50 -9.57
N THR C 320 -22.08 -16.04 -8.96
CA THR C 320 -20.78 -16.24 -9.60
C THR C 320 -20.41 -17.72 -9.55
N PHE C 321 -19.72 -18.18 -10.60
CA PHE C 321 -19.38 -19.56 -10.80
C PHE C 321 -17.93 -19.64 -11.24
N PRO C 322 -16.97 -19.45 -10.31
CA PRO C 322 -15.55 -19.44 -10.65
C PRO C 322 -15.18 -20.68 -11.48
N GLY C 323 -14.40 -20.50 -12.53
CA GLY C 323 -13.71 -21.62 -13.18
C GLY C 323 -14.57 -22.36 -14.18
N VAL C 324 -15.81 -21.90 -14.39
CA VAL C 324 -16.64 -22.31 -15.54
C VAL C 324 -16.27 -21.36 -16.68
N GLN C 325 -15.50 -21.87 -17.65
CA GLN C 325 -14.76 -21.02 -18.57
C GLN C 325 -15.55 -20.92 -19.87
N MET C 326 -15.55 -19.71 -20.43
CA MET C 326 -16.36 -19.34 -21.58
C MET C 326 -16.26 -20.41 -22.69
N LYS C 327 -15.04 -20.79 -23.05
CA LYS C 327 -14.82 -21.56 -24.26
C LYS C 327 -15.64 -22.85 -24.23
N PHE C 328 -15.54 -23.58 -23.12
CA PHE C 328 -16.13 -24.89 -23.01
C PHE C 328 -17.63 -24.75 -22.75
N ALA C 329 -18.02 -23.68 -22.03
CA ALA C 329 -19.41 -23.50 -21.57
C ALA C 329 -20.31 -23.10 -22.74
N LEU C 330 -19.86 -22.10 -23.50
CA LEU C 330 -20.53 -21.66 -24.68
C LEU C 330 -20.66 -22.87 -25.62
N GLN C 331 -19.56 -23.61 -25.73
CA GLN C 331 -19.53 -24.79 -26.56
C GLN C 331 -20.76 -25.63 -26.21
N LYS C 332 -20.89 -26.08 -24.97
CA LYS C 332 -22.04 -26.90 -24.60
C LYS C 332 -23.34 -26.13 -24.86
N LEU C 333 -23.41 -24.89 -24.40
CA LEU C 333 -24.61 -24.09 -24.50
C LEU C 333 -25.19 -24.16 -25.92
N LEU C 334 -24.33 -24.04 -26.93
CA LEU C 334 -24.76 -23.99 -28.34
C LEU C 334 -25.52 -25.27 -28.74
N THR C 335 -25.25 -26.38 -28.06
CA THR C 335 -25.86 -27.67 -28.44
C THR C 335 -27.37 -27.66 -28.12
N LYS C 336 -27.78 -26.80 -27.16
CA LYS C 336 -29.14 -26.84 -26.60
C LYS C 336 -29.85 -25.48 -26.67
N VAL C 337 -29.16 -24.45 -27.20
CA VAL C 337 -29.62 -23.08 -27.08
C VAL C 337 -30.88 -22.89 -27.95
N ALA C 338 -30.91 -23.53 -29.13
CA ALA C 338 -31.99 -23.27 -30.11
C ALA C 338 -33.29 -23.79 -29.52
N ASP C 339 -33.18 -24.88 -28.76
CA ASP C 339 -34.28 -25.53 -28.05
C ASP C 339 -34.93 -24.56 -27.06
N ALA C 340 -34.10 -23.98 -26.20
CA ALA C 340 -34.55 -23.03 -25.18
C ALA C 340 -35.23 -21.83 -25.85
N ALA C 341 -34.83 -21.53 -27.09
CA ALA C 341 -35.29 -20.40 -27.88
C ALA C 341 -36.42 -20.82 -28.84
N LYS C 342 -37.02 -22.00 -28.63
CA LYS C 342 -38.06 -22.56 -29.51
C LYS C 342 -39.10 -21.50 -29.87
N GLY C 343 -39.46 -20.62 -28.92
CA GLY C 343 -40.60 -19.70 -29.08
C GLY C 343 -40.25 -18.37 -29.74
N TYR C 344 -38.98 -17.97 -29.73
CA TYR C 344 -38.59 -16.56 -29.93
C TYR C 344 -38.92 -16.09 -31.35
N LYS C 345 -39.41 -14.85 -31.41
CA LYS C 345 -39.80 -14.17 -32.61
C LYS C 345 -38.75 -13.11 -32.87
N PRO C 346 -37.94 -13.25 -33.96
CA PRO C 346 -36.89 -12.29 -34.29
C PRO C 346 -37.28 -10.81 -34.37
N VAL C 347 -37.30 -10.15 -33.20
CA VAL C 347 -37.20 -8.69 -33.12
C VAL C 347 -36.25 -8.23 -34.21
N PRO C 348 -36.59 -7.21 -35.03
CA PRO C 348 -35.67 -6.69 -36.03
C PRO C 348 -34.65 -5.79 -35.31
N VAL C 349 -33.72 -5.16 -36.06
CA VAL C 349 -32.58 -4.49 -35.39
C VAL C 349 -32.30 -3.15 -36.03
N PRO C 350 -31.70 -2.19 -35.26
CA PRO C 350 -31.20 -0.91 -35.79
C PRO C 350 -30.36 -0.99 -37.08
N SER C 351 -30.16 0.16 -37.75
CA SER C 351 -29.73 0.20 -39.17
C SER C 351 -29.01 1.52 -39.51
N GLU C 352 -27.88 1.78 -38.84
CA GLU C 352 -27.17 3.08 -38.84
C GLU C 352 -26.87 3.57 -40.25
N PRO C 353 -26.57 4.88 -40.44
CA PRO C 353 -26.28 5.45 -41.75
C PRO C 353 -25.30 4.61 -42.58
N GLU C 354 -25.82 4.02 -43.66
CA GLU C 354 -25.01 3.32 -44.65
C GLU C 354 -23.95 4.29 -45.20
N HIS C 355 -24.38 5.52 -45.56
CA HIS C 355 -23.50 6.49 -46.24
C HIS C 355 -23.90 7.93 -45.91
N ASN C 356 -22.92 8.81 -46.08
CA ASN C 356 -23.07 10.26 -46.05
C ASN C 356 -23.82 10.76 -47.28
N GLU C 357 -24.57 11.85 -47.11
CA GLU C 357 -25.00 12.72 -48.21
C GLU C 357 -23.78 13.14 -49.04
N ALA C 358 -23.91 13.12 -50.36
CA ALA C 358 -22.95 13.83 -51.22
C ALA C 358 -23.06 15.32 -50.90
N VAL C 359 -21.91 15.99 -50.81
CA VAL C 359 -21.87 17.45 -50.56
C VAL C 359 -20.85 18.09 -51.50
N ALA C 360 -20.90 19.42 -51.59
CA ALA C 360 -19.86 20.24 -52.21
C ALA C 360 -18.47 19.71 -51.81
N ASP C 361 -17.53 19.66 -52.76
CA ASP C 361 -16.20 19.12 -52.55
C ASP C 361 -15.36 20.05 -51.67
N SER C 362 -15.73 21.34 -51.62
CA SER C 362 -15.11 22.36 -50.79
C SER C 362 -15.51 22.20 -49.32
N THR C 363 -16.44 21.28 -49.02
CA THR C 363 -16.95 21.15 -47.65
C THR C 363 -15.75 20.86 -46.75
N PRO C 364 -15.49 21.66 -45.68
CA PRO C 364 -14.44 21.33 -44.72
C PRO C 364 -14.76 20.04 -43.95
N LEU C 365 -13.71 19.24 -43.68
CA LEU C 365 -13.81 17.99 -42.94
C LEU C 365 -14.30 18.27 -41.53
N LYS C 366 -15.06 17.29 -41.02
CA LYS C 366 -15.73 17.28 -39.74
C LYS C 366 -15.79 15.82 -39.29
N GLN C 367 -15.61 15.58 -37.99
CA GLN C 367 -15.53 14.24 -37.41
C GLN C 367 -16.73 13.39 -37.84
N GLU C 368 -17.95 13.87 -37.60
CA GLU C 368 -19.16 13.06 -37.84
C GLU C 368 -19.17 12.55 -39.28
N TRP C 369 -18.77 13.40 -40.22
CA TRP C 369 -18.69 13.04 -41.62
C TRP C 369 -17.63 11.95 -41.87
N VAL C 370 -16.43 12.23 -41.36
CA VAL C 370 -15.23 11.40 -41.54
C VAL C 370 -15.51 9.95 -41.12
N TRP C 371 -16.02 9.78 -39.90
CA TRP C 371 -16.14 8.45 -39.31
C TRP C 371 -17.13 7.60 -40.09
N THR C 372 -18.18 8.23 -40.62
CA THR C 372 -19.10 7.55 -41.53
C THR C 372 -18.33 7.13 -42.79
N GLN C 373 -17.61 8.09 -43.39
CA GLN C 373 -16.94 7.91 -44.68
C GLN C 373 -15.81 6.87 -44.64
N VAL C 374 -15.12 6.73 -43.49
CA VAL C 374 -14.06 5.69 -43.33
C VAL C 374 -14.63 4.32 -43.73
N GLY C 375 -15.94 4.14 -43.53
CA GLY C 375 -16.70 2.92 -43.86
C GLY C 375 -16.48 2.44 -45.27
N GLU C 376 -16.42 3.38 -46.22
CA GLU C 376 -16.28 3.10 -47.64
C GLU C 376 -14.85 2.68 -47.97
N PHE C 377 -13.88 3.03 -47.13
CA PHE C 377 -12.48 2.80 -47.49
C PHE C 377 -12.01 1.43 -47.01
N LEU C 378 -12.64 0.92 -45.96
CA LEU C 378 -12.22 -0.31 -45.31
C LEU C 378 -12.69 -1.51 -46.15
N ARG C 379 -11.92 -2.61 -46.05
CA ARG C 379 -12.19 -3.85 -46.72
C ARG C 379 -11.92 -5.00 -45.74
N GLU C 380 -12.33 -6.21 -46.11
CA GLU C 380 -12.14 -7.37 -45.26
C GLU C 380 -10.65 -7.60 -45.01
N GLY C 381 -10.35 -8.01 -43.78
CA GLY C 381 -9.02 -8.34 -43.30
C GLY C 381 -8.25 -7.11 -42.82
N ASP C 382 -8.86 -5.93 -42.92
CA ASP C 382 -8.21 -4.74 -42.43
C ASP C 382 -8.07 -4.87 -40.92
N VAL C 383 -7.00 -4.27 -40.40
CA VAL C 383 -6.73 -4.08 -39.00
C VAL C 383 -6.84 -2.59 -38.66
N VAL C 384 -7.80 -2.23 -37.79
CA VAL C 384 -8.17 -0.83 -37.53
C VAL C 384 -7.82 -0.44 -36.08
N ILE C 385 -6.98 0.59 -35.95
CA ILE C 385 -6.42 0.97 -34.68
C ILE C 385 -6.73 2.44 -34.42
N THR C 386 -7.33 2.72 -33.27
CA THR C 386 -7.85 4.03 -32.93
C THR C 386 -7.26 4.47 -31.59
N GLU C 387 -6.65 5.64 -31.54
CA GLU C 387 -6.02 6.11 -30.28
C GLU C 387 -7.07 6.74 -29.35
N THR C 388 -6.86 6.53 -28.05
CA THR C 388 -7.57 7.26 -27.03
C THR C 388 -7.65 8.72 -27.51
N GLY C 389 -8.80 9.35 -27.24
CA GLY C 389 -9.09 10.63 -27.82
C GLY C 389 -10.29 10.52 -28.73
N THR C 390 -10.48 11.54 -29.58
CA THR C 390 -11.64 11.62 -30.52
C THR C 390 -11.67 10.42 -31.45
N SER C 391 -10.51 9.87 -31.80
CA SER C 391 -10.47 8.73 -32.69
C SER C 391 -11.20 7.51 -32.08
N ALA C 392 -10.97 7.25 -30.78
CA ALA C 392 -11.55 6.03 -30.13
C ALA C 392 -13.07 6.15 -30.04
N PHE C 393 -13.59 7.38 -29.88
CA PHE C 393 -15.05 7.58 -29.93
C PHE C 393 -15.58 7.47 -31.37
N GLY C 394 -14.88 8.10 -32.30
CA GLY C 394 -15.35 8.24 -33.62
C GLY C 394 -15.65 6.91 -34.27
N ILE C 395 -14.75 5.96 -34.08
CA ILE C 395 -14.71 4.68 -34.81
C ILE C 395 -15.96 3.84 -34.51
N ASN C 396 -16.52 3.99 -33.32
CA ASN C 396 -17.75 3.30 -33.01
C ASN C 396 -18.83 3.68 -34.04
N GLN C 397 -18.70 4.83 -34.72
CA GLN C 397 -19.72 5.23 -35.75
C GLN C 397 -19.35 4.74 -37.13
N THR C 398 -18.12 4.22 -37.31
CA THR C 398 -17.70 3.63 -38.57
C THR C 398 -18.36 2.24 -38.71
N HIS C 399 -19.03 1.99 -39.84
CA HIS C 399 -19.53 0.67 -40.17
C HIS C 399 -18.37 -0.20 -40.64
N PHE C 400 -18.12 -1.32 -39.95
CA PHE C 400 -17.03 -2.19 -40.39
C PHE C 400 -17.55 -3.16 -41.44
N PRO C 401 -16.70 -3.57 -42.40
CA PRO C 401 -16.92 -4.77 -43.19
C PRO C 401 -16.67 -6.00 -42.32
N ASN C 402 -16.85 -7.18 -42.93
CA ASN C 402 -16.65 -8.43 -42.23
C ASN C 402 -15.13 -8.68 -42.12
N ASN C 403 -14.76 -9.44 -41.08
CA ASN C 403 -13.37 -9.82 -40.83
C ASN C 403 -12.54 -8.53 -40.69
N THR C 404 -13.01 -7.63 -39.80
CA THR C 404 -12.31 -6.41 -39.52
C THR C 404 -11.75 -6.52 -38.11
N TYR C 405 -10.43 -6.33 -38.00
CA TYR C 405 -9.81 -6.51 -36.75
C TYR C 405 -9.54 -5.15 -36.07
N GLY C 406 -10.32 -4.85 -35.03
CA GLY C 406 -10.19 -3.61 -34.25
C GLY C 406 -9.15 -3.72 -33.14
N ILE C 407 -8.40 -2.62 -32.91
CA ILE C 407 -7.58 -2.43 -31.68
C ILE C 407 -7.91 -1.03 -31.16
N SER C 408 -8.57 -1.00 -30.01
CA SER C 408 -8.90 0.21 -29.34
C SER C 408 -8.81 -0.03 -27.83
N GLN C 409 -7.83 0.66 -27.22
CA GLN C 409 -7.38 0.47 -25.86
C GLN C 409 -8.29 1.24 -24.89
N VAL C 410 -9.59 0.93 -24.97
CA VAL C 410 -10.66 1.69 -24.32
C VAL C 410 -10.53 1.62 -22.79
N LEU C 411 -9.89 0.59 -22.24
CA LEU C 411 -9.85 0.44 -20.76
C LEU C 411 -8.58 1.05 -20.13
N TRP C 412 -7.40 0.71 -20.67
CA TRP C 412 -6.15 1.26 -20.14
C TRP C 412 -6.05 2.71 -20.60
N GLY C 413 -6.52 2.95 -21.81
CA GLY C 413 -6.40 4.25 -22.50
C GLY C 413 -5.08 4.94 -22.22
N SER C 414 -3.99 4.42 -22.80
CA SER C 414 -2.71 5.09 -22.74
C SER C 414 -2.47 5.82 -24.05
N ILE C 415 -2.47 7.15 -24.03
CA ILE C 415 -2.23 7.83 -25.26
C ILE C 415 -0.77 7.62 -25.66
N GLY C 416 -0.57 7.39 -26.96
CA GLY C 416 0.73 7.05 -27.47
C GLY C 416 0.81 5.58 -27.84
N PHE C 417 0.07 4.74 -27.09
CA PHE C 417 -0.01 3.29 -27.25
C PHE C 417 -0.03 2.86 -28.72
N THR C 418 -0.87 3.52 -29.52
CA THR C 418 -1.25 2.97 -30.80
C THR C 418 -0.10 3.13 -31.80
N THR C 419 0.88 4.00 -31.54
CA THR C 419 1.97 4.15 -32.51
C THR C 419 2.75 2.85 -32.51
N GLY C 420 3.00 2.34 -31.29
CA GLY C 420 3.71 1.09 -31.09
C GLY C 420 2.86 -0.10 -31.51
N ALA C 421 1.61 -0.11 -31.05
CA ALA C 421 0.71 -1.19 -31.37
C ALA C 421 0.57 -1.31 -32.91
N THR C 422 0.58 -0.18 -33.61
CA THR C 422 0.64 -0.20 -35.10
C THR C 422 1.85 -0.99 -35.58
N LEU C 423 3.03 -0.66 -35.04
CA LEU C 423 4.22 -1.37 -35.48
C LEU C 423 4.02 -2.89 -35.29
N GLY C 424 3.58 -3.27 -34.08
CA GLY C 424 3.43 -4.65 -33.69
C GLY C 424 2.39 -5.36 -34.51
N ALA C 425 1.27 -4.66 -34.74
CA ALA C 425 0.18 -5.15 -35.59
C ALA C 425 0.70 -5.34 -37.01
N ALA C 426 1.42 -4.35 -37.54
CA ALA C 426 1.89 -4.47 -38.93
C ALA C 426 2.78 -5.70 -39.06
N PHE C 427 3.73 -5.87 -38.12
CA PHE C 427 4.53 -7.10 -38.11
C PHE C 427 3.67 -8.39 -38.10
N ALA C 428 2.70 -8.52 -37.20
CA ALA C 428 1.93 -9.76 -37.16
C ALA C 428 1.13 -9.97 -38.46
N ALA C 429 0.57 -8.88 -39.01
CA ALA C 429 -0.26 -8.95 -40.21
C ALA C 429 0.60 -9.38 -41.39
N GLU C 430 1.81 -8.81 -41.49
CA GLU C 430 2.80 -9.16 -42.50
C GLU C 430 2.99 -10.68 -42.47
N GLU C 431 3.19 -11.23 -41.27
CA GLU C 431 3.54 -12.62 -41.11
C GLU C 431 2.32 -13.49 -41.43
N ILE C 432 1.12 -12.90 -41.31
CA ILE C 432 -0.16 -13.62 -41.48
C ILE C 432 -0.62 -13.53 -42.94
N ASP C 433 -0.61 -12.31 -43.49
CA ASP C 433 -1.04 -12.10 -44.84
C ASP C 433 -0.55 -10.74 -45.32
N PRO C 434 0.46 -10.69 -46.22
CA PRO C 434 0.92 -9.44 -46.84
C PRO C 434 -0.15 -8.43 -47.29
N LYS C 435 -1.28 -8.95 -47.75
CA LYS C 435 -2.33 -8.12 -48.29
C LYS C 435 -3.11 -7.41 -47.19
N LYS C 436 -3.08 -7.92 -45.94
CA LYS C 436 -3.81 -7.27 -44.86
C LYS C 436 -3.22 -5.87 -44.66
N ARG C 437 -4.12 -4.88 -44.62
CA ARG C 437 -3.77 -3.48 -44.40
C ARG C 437 -3.94 -3.19 -42.91
N VAL C 438 -3.07 -2.32 -42.40
CA VAL C 438 -3.11 -1.78 -41.06
C VAL C 438 -3.35 -0.27 -41.14
N ILE C 439 -4.52 0.14 -40.66
CA ILE C 439 -4.97 1.50 -40.68
C ILE C 439 -5.03 1.99 -39.21
N LEU C 440 -4.21 3.00 -38.91
CA LEU C 440 -4.18 3.65 -37.64
C LEU C 440 -4.87 5.02 -37.77
N PHE C 441 -5.71 5.34 -36.77
CA PHE C 441 -6.19 6.70 -36.53
C PHE C 441 -5.66 7.19 -35.20
N ILE C 442 -4.82 8.23 -35.27
CA ILE C 442 -4.11 8.78 -34.12
C ILE C 442 -4.22 10.31 -34.11
N GLY C 443 -4.51 10.88 -32.93
CA GLY C 443 -4.54 12.31 -32.82
C GLY C 443 -3.14 12.90 -32.85
N ASP C 444 -3.10 14.21 -33.12
CA ASP C 444 -1.83 14.97 -33.14
C ASP C 444 -1.14 14.87 -31.77
N GLY C 445 -1.93 14.88 -30.70
CA GLY C 445 -1.39 14.87 -29.36
C GLY C 445 -0.73 13.55 -29.00
N SER C 446 -1.46 12.46 -29.26
CA SER C 446 -1.01 11.13 -28.92
C SER C 446 0.27 10.77 -29.70
N LEU C 447 0.31 11.17 -30.97
CA LEU C 447 1.42 10.85 -31.87
C LEU C 447 2.75 11.20 -31.19
N GLN C 448 2.77 12.32 -30.43
CA GLN C 448 4.00 12.96 -29.91
C GLN C 448 4.73 12.06 -28.90
N LEU C 449 3.97 11.32 -28.07
CA LEU C 449 4.56 10.60 -26.96
C LEU C 449 5.38 9.42 -27.49
N THR C 450 5.03 8.89 -28.67
CA THR C 450 5.62 7.65 -29.21
C THR C 450 6.01 7.78 -30.67
N VAL C 451 6.22 9.00 -31.15
CA VAL C 451 6.36 9.30 -32.55
C VAL C 451 7.53 8.52 -33.17
N GLN C 452 8.57 8.23 -32.40
CA GLN C 452 9.81 7.64 -32.98
C GLN C 452 9.60 6.18 -33.41
N GLU C 453 8.46 5.56 -33.09
CA GLU C 453 8.26 4.17 -33.48
C GLU C 453 7.92 4.08 -34.99
N ILE C 454 7.55 5.21 -35.58
CA ILE C 454 7.38 5.29 -37.06
C ILE C 454 8.71 4.89 -37.71
N SER C 455 9.81 5.27 -37.05
CA SER C 455 11.16 4.94 -37.47
C SER C 455 11.30 3.44 -37.74
N THR C 456 10.86 2.61 -36.81
CA THR C 456 11.04 1.16 -36.84
C THR C 456 10.14 0.55 -37.93
N MET C 457 8.99 1.19 -38.17
CA MET C 457 8.12 0.87 -39.23
C MET C 457 8.86 0.95 -40.56
N ILE C 458 9.56 2.07 -40.79
CA ILE C 458 10.29 2.32 -42.04
C ILE C 458 11.43 1.29 -42.20
N ARG C 459 12.15 1.02 -41.12
CA ARG C 459 13.33 0.17 -41.13
C ARG C 459 12.97 -1.22 -41.71
N TRP C 460 11.80 -1.72 -41.32
CA TRP C 460 11.30 -3.04 -41.71
C TRP C 460 10.33 -2.96 -42.90
N GLY C 461 10.13 -1.77 -43.47
CA GLY C 461 9.46 -1.65 -44.77
C GLY C 461 7.99 -1.98 -44.65
N LEU C 462 7.41 -1.60 -43.52
CA LEU C 462 6.02 -1.88 -43.20
C LEU C 462 5.16 -0.73 -43.72
N LYS C 463 3.91 -1.05 -44.10
CA LYS C 463 3.08 -0.15 -44.89
C LYS C 463 1.79 0.23 -44.17
N PRO C 464 1.78 0.67 -42.88
CA PRO C 464 0.52 1.02 -42.25
C PRO C 464 0.04 2.31 -42.93
N TYR C 465 -1.27 2.57 -42.82
CA TYR C 465 -1.84 3.90 -43.05
C TYR C 465 -1.89 4.61 -41.71
N LEU C 466 -1.13 5.68 -41.59
CA LEU C 466 -1.14 6.55 -40.40
C LEU C 466 -1.98 7.80 -40.69
N PHE C 467 -3.26 7.76 -40.28
CA PHE C 467 -4.12 8.93 -40.32
C PHE C 467 -3.95 9.73 -39.04
N VAL C 468 -3.55 11.00 -39.20
CA VAL C 468 -3.24 11.88 -38.07
C VAL C 468 -4.27 13.00 -38.00
N LEU C 469 -5.02 13.03 -36.90
CA LEU C 469 -6.08 14.01 -36.73
C LEU C 469 -5.47 15.28 -36.11
N ASN C 470 -5.09 16.23 -36.99
CA ASN C 470 -4.66 17.55 -36.60
C ASN C 470 -5.86 18.42 -36.21
N ASN C 471 -6.16 18.50 -34.91
CA ASN C 471 -7.22 19.39 -34.39
C ASN C 471 -6.59 20.37 -33.40
N ASP C 472 -5.29 20.64 -33.61
CA ASP C 472 -4.55 21.67 -32.88
C ASP C 472 -4.45 21.31 -31.39
N GLY C 473 -4.23 20.04 -31.10
CA GLY C 473 -3.94 19.63 -29.73
C GLY C 473 -4.87 18.55 -29.21
N TYR C 474 -5.21 18.66 -27.92
CA TYR C 474 -5.88 17.63 -27.16
C TYR C 474 -7.38 17.93 -27.07
N THR C 475 -8.11 17.68 -28.14
CA THR C 475 -9.50 18.10 -28.29
C THR C 475 -10.38 17.43 -27.24
N ILE C 476 -10.15 16.15 -26.91
CA ILE C 476 -11.03 15.49 -25.93
C ILE C 476 -10.87 16.15 -24.57
N GLU C 477 -9.66 16.55 -24.23
CA GLU C 477 -9.37 17.21 -22.99
C GLU C 477 -10.15 18.54 -22.91
N ARG C 478 -10.06 19.31 -23.98
CA ARG C 478 -10.73 20.58 -24.12
C ARG C 478 -12.23 20.43 -23.85
N LEU C 479 -12.82 19.37 -24.42
CA LEU C 479 -14.24 19.18 -24.36
C LEU C 479 -14.70 18.94 -22.92
N ILE C 480 -13.82 18.47 -22.04
CA ILE C 480 -14.29 18.13 -20.73
C ILE C 480 -13.72 19.10 -19.68
N HIS C 481 -12.68 19.88 -20.01
CA HIS C 481 -12.19 20.97 -19.12
C HIS C 481 -10.94 21.63 -19.70
N GLY C 482 -10.93 22.97 -19.64
CA GLY C 482 -9.81 23.77 -20.13
C GLY C 482 -9.84 23.87 -21.64
N GLU C 483 -11.01 24.24 -22.16
CA GLU C 483 -11.24 24.43 -23.56
C GLU C 483 -10.14 25.32 -24.17
N THR C 484 -9.64 26.33 -23.43
CA THR C 484 -8.56 27.17 -23.95
C THR C 484 -7.33 27.18 -23.01
N ALA C 485 -7.22 26.21 -22.11
CA ALA C 485 -6.00 26.00 -21.32
C ALA C 485 -4.79 25.68 -22.24
N GLN C 486 -3.65 26.32 -21.97
CA GLN C 486 -2.40 26.14 -22.69
C GLN C 486 -1.91 24.68 -22.58
N TYR C 487 -2.39 23.93 -21.57
CA TYR C 487 -1.92 22.59 -21.38
C TYR C 487 -2.63 21.63 -22.33
N ASN C 488 -3.71 22.08 -22.97
CA ASN C 488 -4.35 21.25 -23.98
C ASN C 488 -3.76 21.55 -25.37
N CYS C 489 -2.88 22.57 -25.48
CA CYS C 489 -2.09 22.89 -26.68
C CYS C 489 -0.79 22.09 -26.73
N ILE C 490 -0.24 21.93 -27.94
CA ILE C 490 0.97 21.18 -28.22
C ILE C 490 1.84 22.00 -29.19
N GLN C 491 3.12 21.68 -29.23
CA GLN C 491 4.03 22.27 -30.19
C GLN C 491 3.59 21.81 -31.57
N ASN C 492 3.65 22.77 -32.51
CA ASN C 492 3.31 22.56 -33.91
C ASN C 492 4.41 21.70 -34.53
N TRP C 493 4.03 20.56 -35.11
CA TRP C 493 4.95 19.63 -35.73
C TRP C 493 4.69 19.61 -37.23
N GLN C 494 5.74 19.31 -38.00
CA GLN C 494 5.60 19.12 -39.43
C GLN C 494 5.31 17.65 -39.69
N HIS C 495 4.03 17.27 -39.57
CA HIS C 495 3.64 15.88 -39.66
C HIS C 495 4.05 15.26 -41.00
N LEU C 496 4.00 16.06 -42.08
CA LEU C 496 4.32 15.60 -43.44
C LEU C 496 5.82 15.34 -43.60
N GLU C 497 6.65 15.89 -42.71
CA GLU C 497 8.11 15.70 -42.78
C GLU C 497 8.56 14.51 -41.94
N LEU C 498 7.68 13.97 -41.09
CA LEU C 498 8.07 12.97 -40.09
C LEU C 498 8.74 11.78 -40.76
N LEU C 499 8.12 11.27 -41.84
CA LEU C 499 8.56 10.06 -42.49
C LEU C 499 9.93 10.26 -43.13
N PRO C 500 10.19 11.31 -43.94
CA PRO C 500 11.52 11.54 -44.49
C PRO C 500 12.51 11.94 -43.39
N THR C 501 12.06 12.58 -42.30
CA THR C 501 13.01 12.92 -41.25
C THR C 501 13.56 11.62 -40.64
N PHE C 502 12.70 10.60 -40.59
CA PHE C 502 13.09 9.30 -40.04
C PHE C 502 13.58 8.33 -41.13
N GLY C 503 13.75 8.84 -42.37
CA GLY C 503 14.57 8.21 -43.41
C GLY C 503 13.79 7.41 -44.45
N ALA C 504 12.46 7.56 -44.48
CA ALA C 504 11.65 6.88 -45.46
C ALA C 504 11.99 7.42 -46.85
N LYS C 505 12.13 6.54 -47.86
CA LYS C 505 12.25 6.98 -49.29
C LYS C 505 10.94 6.68 -50.05
N ASP C 506 10.43 5.46 -49.92
CA ASP C 506 9.20 5.09 -50.60
C ASP C 506 8.05 5.32 -49.61
N TYR C 507 7.37 6.46 -49.75
CA TYR C 507 6.27 6.80 -48.88
C TYR C 507 5.32 7.78 -49.58
N GLU C 508 4.16 7.96 -48.97
CA GLU C 508 3.20 8.99 -49.29
C GLU C 508 2.87 9.76 -48.00
N ALA C 509 2.85 11.08 -48.10
CA ALA C 509 2.48 11.96 -47.04
C ALA C 509 1.64 13.09 -47.63
N VAL C 510 0.42 13.26 -47.09
CA VAL C 510 -0.57 14.10 -47.72
C VAL C 510 -1.49 14.70 -46.66
N ARG C 511 -1.92 15.94 -46.92
CA ARG C 511 -2.83 16.65 -46.10
C ARG C 511 -4.20 16.69 -46.76
N VAL C 512 -5.27 16.39 -46.02
CA VAL C 512 -6.63 16.53 -46.56
C VAL C 512 -7.45 17.39 -45.60
N SER C 513 -8.29 18.25 -46.18
CA SER C 513 -8.89 19.36 -45.45
C SER C 513 -10.37 19.50 -45.76
N THR C 514 -10.85 18.72 -46.73
CA THR C 514 -12.20 18.88 -47.20
C THR C 514 -12.70 17.54 -47.67
N THR C 515 -14.01 17.45 -47.80
CA THR C 515 -14.74 16.37 -48.45
C THR C 515 -14.04 15.98 -49.74
N GLY C 516 -13.75 16.99 -50.57
CA GLY C 516 -13.27 16.76 -51.91
C GLY C 516 -11.92 16.07 -51.92
N GLU C 517 -11.04 16.46 -51.00
CA GLU C 517 -9.66 15.92 -50.97
C GLU C 517 -9.68 14.53 -50.32
N TRP C 518 -10.56 14.36 -49.33
CA TRP C 518 -10.72 13.07 -48.69
C TRP C 518 -11.12 12.04 -49.75
N ASN C 519 -12.24 12.36 -50.41
CA ASN C 519 -12.78 11.48 -51.43
C ASN C 519 -11.76 11.27 -52.55
N LYS C 520 -11.00 12.30 -52.97
CA LYS C 520 -10.11 12.05 -54.12
C LYS C 520 -9.01 11.03 -53.73
N LEU C 521 -8.48 11.15 -52.49
CA LEU C 521 -7.40 10.24 -51.99
C LEU C 521 -7.92 8.81 -51.80
N THR C 522 -9.04 8.64 -51.08
CA THR C 522 -9.49 7.32 -50.59
C THR C 522 -10.13 6.47 -51.70
N THR C 523 -10.67 7.10 -52.74
CA THR C 523 -11.28 6.37 -53.86
C THR C 523 -10.22 6.01 -54.93
N ASP C 524 -9.01 6.58 -54.83
CA ASP C 524 -7.92 6.31 -55.81
C ASP C 524 -7.33 4.91 -55.56
N GLU C 525 -7.34 4.04 -56.59
CA GLU C 525 -7.05 2.59 -56.43
C GLU C 525 -5.57 2.36 -56.09
N LYS C 526 -4.69 3.31 -56.42
CA LYS C 526 -3.30 3.21 -55.98
C LYS C 526 -3.20 3.40 -54.45
N PHE C 527 -3.97 4.34 -53.91
CA PHE C 527 -3.94 4.62 -52.48
C PHE C 527 -4.48 3.43 -51.69
N GLN C 528 -5.42 2.70 -52.29
CA GLN C 528 -6.09 1.59 -51.61
C GLN C 528 -5.17 0.36 -51.46
N ASP C 529 -4.07 0.34 -52.22
CA ASP C 529 -3.13 -0.73 -52.23
C ASP C 529 -2.04 -0.46 -51.17
N ASN C 530 -1.91 -1.37 -50.21
CA ASN C 530 -0.89 -1.29 -49.15
C ASN C 530 0.50 -1.57 -49.77
N THR C 531 0.98 -0.58 -50.55
CA THR C 531 2.24 -0.70 -51.30
C THR C 531 3.40 0.08 -50.63
N ARG C 532 3.09 1.13 -49.85
CA ARG C 532 4.09 1.90 -49.11
C ARG C 532 3.47 2.41 -47.80
N ILE C 533 4.34 2.81 -46.87
CA ILE C 533 3.93 3.55 -45.66
C ILE C 533 3.36 4.91 -46.07
N ARG C 534 2.27 5.33 -45.43
CA ARG C 534 1.69 6.63 -45.71
C ARG C 534 1.25 7.29 -44.41
N LEU C 535 1.44 8.61 -44.38
CA LEU C 535 0.86 9.45 -43.39
C LEU C 535 -0.14 10.40 -44.06
N ILE C 536 -1.38 10.40 -43.55
CA ILE C 536 -2.49 11.23 -44.04
C ILE C 536 -2.87 12.21 -42.95
N GLU C 537 -2.61 13.50 -43.18
CA GLU C 537 -2.89 14.52 -42.20
C GLU C 537 -4.33 15.03 -42.46
N VAL C 538 -5.24 14.71 -41.54
CA VAL C 538 -6.63 15.12 -41.65
C VAL C 538 -6.82 16.43 -40.86
N MET C 539 -7.19 17.53 -41.53
CA MET C 539 -7.30 18.83 -40.83
C MET C 539 -8.74 19.01 -40.35
N LEU C 540 -8.89 19.15 -39.03
CA LEU C 540 -10.14 19.17 -38.31
C LEU C 540 -10.16 20.38 -37.40
N PRO C 541 -11.36 20.94 -37.09
CA PRO C 541 -11.48 22.04 -36.14
C PRO C 541 -11.17 21.54 -34.73
N THR C 542 -10.72 22.48 -33.89
CA THR C 542 -10.06 22.18 -32.71
C THR C 542 -11.11 21.75 -31.65
N MET C 543 -12.38 22.14 -31.80
CA MET C 543 -13.40 21.70 -30.86
C MET C 543 -14.37 20.75 -31.55
N ASP C 544 -14.02 20.25 -32.73
CA ASP C 544 -14.85 19.25 -33.43
C ASP C 544 -14.64 17.86 -32.82
N ALA C 545 -15.73 17.10 -32.75
CA ALA C 545 -15.76 15.81 -32.07
C ALA C 545 -16.93 14.97 -32.59
N PRO C 546 -16.94 13.64 -32.38
CA PRO C 546 -18.06 12.83 -32.79
C PRO C 546 -19.19 13.19 -31.83
N SER C 547 -20.42 13.22 -32.36
CA SER C 547 -21.59 13.64 -31.59
C SER C 547 -21.79 12.73 -30.37
N ASN C 548 -21.25 11.50 -30.41
CA ASN C 548 -21.20 10.62 -29.24
C ASN C 548 -20.33 11.26 -28.13
N LEU C 549 -19.25 11.95 -28.52
CA LEU C 549 -18.39 12.66 -27.57
C LEU C 549 -19.01 14.04 -27.30
N VAL C 550 -19.31 14.78 -28.37
CA VAL C 550 -19.86 16.16 -28.34
C VAL C 550 -21.21 16.21 -27.61
N LYS C 551 -21.78 15.04 -27.31
CA LYS C 551 -23.02 14.89 -26.55
C LYS C 551 -22.67 15.02 -25.07
N GLN C 552 -22.11 13.93 -24.51
CA GLN C 552 -21.57 13.84 -23.16
C GLN C 552 -20.75 15.09 -22.79
N ALA C 553 -19.78 15.47 -23.61
CA ALA C 553 -18.97 16.65 -23.33
C ALA C 553 -19.89 17.83 -22.98
N GLN C 554 -20.93 18.03 -23.79
CA GLN C 554 -22.00 19.00 -23.53
C GLN C 554 -23.08 18.32 -22.67
N LEU C 555 -22.66 17.79 -21.50
CA LEU C 555 -23.53 17.02 -20.58
C LEU C 555 -22.85 16.93 -19.20
N THR C 556 -21.63 16.38 -19.15
CA THR C 556 -20.82 16.27 -17.92
C THR C 556 -20.40 17.66 -17.43
N ALA C 557 -20.31 18.60 -18.38
CA ALA C 557 -19.83 19.97 -18.17
C ALA C 557 -21.02 20.94 -17.95
N ALA C 558 -22.21 20.57 -18.41
CA ALA C 558 -23.43 21.32 -18.14
C ALA C 558 -24.34 20.54 -17.17
N THR C 559 -23.80 19.50 -16.51
CA THR C 559 -24.54 18.70 -15.49
C THR C 559 -24.96 19.60 -14.33
N SER D 2 -8.97 35.32 3.52
CA SER D 2 -8.47 35.11 2.11
C SER D 2 -8.03 33.66 1.90
N GLU D 3 -8.75 32.98 1.02
CA GLU D 3 -8.71 31.54 0.82
C GLU D 3 -8.09 31.27 -0.54
N ILE D 4 -7.22 30.25 -0.64
CA ILE D 4 -6.71 29.78 -1.97
C ILE D 4 -7.05 28.29 -2.10
N THR D 5 -7.15 27.81 -3.34
CA THR D 5 -7.31 26.40 -3.58
C THR D 5 -6.04 25.67 -3.16
N LEU D 6 -6.19 24.41 -2.76
CA LEU D 6 -5.05 23.57 -2.40
C LEU D 6 -4.05 23.48 -3.56
N GLY D 7 -4.56 23.55 -4.80
CA GLY D 7 -3.73 23.56 -5.98
C GLY D 7 -2.78 24.73 -6.02
N ARG D 8 -3.31 25.91 -5.71
CA ARG D 8 -2.60 27.18 -5.71
C ARG D 8 -1.59 27.17 -4.54
N TYR D 9 -1.99 26.57 -3.42
CA TYR D 9 -1.11 26.41 -2.31
C TYR D 9 0.16 25.70 -2.79
N LEU D 10 -0.01 24.55 -3.46
CA LEU D 10 1.11 23.75 -3.94
C LEU D 10 2.05 24.62 -4.79
N PHE D 11 1.51 25.36 -5.76
CA PHE D 11 2.39 25.99 -6.75
C PHE D 11 3.04 27.22 -6.13
N GLU D 12 2.39 27.78 -5.10
CA GLU D 12 2.91 28.90 -4.33
C GLU D 12 4.07 28.43 -3.45
N ARG D 13 3.90 27.27 -2.83
CA ARG D 13 4.96 26.64 -2.08
C ARG D 13 6.14 26.30 -3.01
N LEU D 14 5.89 25.86 -4.24
CA LEU D 14 6.98 25.50 -5.19
C LEU D 14 7.69 26.79 -5.65
N LYS D 15 6.93 27.84 -5.93
CA LYS D 15 7.53 29.15 -6.21
C LYS D 15 8.44 29.58 -5.06
N GLN D 16 8.03 29.29 -3.81
CA GLN D 16 8.78 29.75 -2.62
C GLN D 16 10.14 29.04 -2.54
N VAL D 17 10.25 27.87 -3.15
CA VAL D 17 11.50 27.16 -3.12
C VAL D 17 12.10 27.15 -4.55
N GLU D 18 11.75 28.15 -5.36
CA GLU D 18 12.48 28.57 -6.58
C GLU D 18 12.19 27.64 -7.76
N VAL D 19 11.20 26.78 -7.61
CA VAL D 19 10.73 25.92 -8.65
C VAL D 19 9.71 26.71 -9.47
N GLN D 20 10.05 27.01 -10.74
CA GLN D 20 9.23 27.90 -11.56
C GLN D 20 8.58 27.19 -12.76
N THR D 21 9.14 26.05 -13.18
CA THR D 21 8.65 25.31 -14.29
C THR D 21 8.12 23.99 -13.74
N ILE D 22 6.94 23.60 -14.22
CA ILE D 22 6.34 22.37 -13.85
C ILE D 22 6.27 21.45 -15.06
N PHE D 23 6.80 20.24 -14.90
CA PHE D 23 6.95 19.28 -15.93
C PHE D 23 5.82 18.28 -15.79
N GLY D 24 5.68 17.47 -16.82
CA GLY D 24 4.69 16.48 -16.81
C GLY D 24 3.69 16.69 -17.91
N LEU D 25 2.60 15.94 -17.81
CA LEU D 25 1.59 15.92 -18.90
C LEU D 25 0.20 15.91 -18.32
N PRO D 26 -0.76 16.54 -19.01
CA PRO D 26 -2.14 16.56 -18.55
C PRO D 26 -2.93 15.26 -18.74
N GLY D 27 -4.01 15.18 -17.99
CA GLY D 27 -4.86 14.04 -17.97
C GLY D 27 -6.00 14.31 -17.02
N ASP D 28 -7.18 13.89 -17.44
CA ASP D 28 -8.22 13.35 -16.62
C ASP D 28 -8.11 13.98 -15.20
N PHE D 29 -7.20 13.43 -14.39
CA PHE D 29 -7.23 13.58 -12.99
C PHE D 29 -6.30 14.69 -12.50
N ASN D 30 -5.77 15.53 -13.40
CA ASN D 30 -4.90 16.63 -12.97
C ASN D 30 -5.25 17.98 -13.63
N LEU D 31 -6.26 18.02 -14.49
CA LEU D 31 -6.61 19.24 -15.17
C LEU D 31 -6.89 20.40 -14.18
N SER D 32 -7.81 20.21 -13.24
CA SER D 32 -8.17 21.33 -12.38
C SER D 32 -6.97 21.75 -11.52
N LEU D 33 -6.07 20.81 -11.23
CA LEU D 33 -4.81 21.09 -10.56
C LEU D 33 -3.96 22.05 -11.40
N LEU D 34 -3.76 21.75 -12.69
CA LEU D 34 -2.88 22.56 -13.54
C LEU D 34 -3.42 23.97 -13.76
N ASP D 35 -4.75 24.14 -13.83
CA ASP D 35 -5.35 25.48 -14.01
C ASP D 35 -4.67 26.47 -13.05
N ASN D 36 -4.38 26.02 -11.83
CA ASN D 36 -3.78 26.84 -10.77
C ASN D 36 -2.36 27.34 -11.07
N ILE D 37 -1.63 26.68 -11.97
CA ILE D 37 -0.27 27.13 -12.30
C ILE D 37 -0.31 28.58 -12.79
N TYR D 38 -1.34 28.92 -13.58
CA TYR D 38 -1.32 30.17 -14.30
C TYR D 38 -1.68 31.33 -13.36
N GLU D 39 -2.33 31.03 -12.22
CA GLU D 39 -2.71 32.03 -11.23
C GLU D 39 -1.51 32.43 -10.35
N VAL D 40 -0.38 31.72 -10.46
CA VAL D 40 0.82 32.09 -9.73
C VAL D 40 1.77 32.80 -10.69
N PRO D 41 2.11 34.08 -10.43
CA PRO D 41 3.09 34.79 -11.26
C PRO D 41 4.45 34.09 -11.25
N GLY D 42 5.08 34.02 -12.44
CA GLY D 42 6.40 33.45 -12.60
C GLY D 42 6.45 31.92 -12.61
N MET D 43 5.30 31.27 -12.77
CA MET D 43 5.22 29.80 -12.84
C MET D 43 4.90 29.43 -14.29
N ARG D 44 5.39 28.30 -14.80
CA ARG D 44 4.91 27.84 -16.09
C ARG D 44 4.83 26.31 -16.14
N TRP D 45 4.01 25.86 -17.08
CA TRP D 45 3.81 24.51 -17.46
C TRP D 45 4.59 24.28 -18.75
N ALA D 46 5.59 23.40 -18.72
CA ALA D 46 6.46 23.16 -19.86
C ALA D 46 5.65 22.59 -21.04
N GLY D 47 4.68 21.73 -20.71
CA GLY D 47 3.92 20.91 -21.70
C GLY D 47 4.81 19.91 -22.41
N ASN D 48 5.28 18.88 -21.68
CA ASN D 48 6.26 17.96 -22.19
C ASN D 48 5.62 17.03 -23.22
N ALA D 49 6.47 16.40 -24.03
CA ALA D 49 6.04 15.50 -25.12
C ALA D 49 5.78 14.08 -24.62
N ASN D 50 6.35 13.65 -23.48
CA ASN D 50 5.86 12.44 -22.82
C ASN D 50 6.34 12.40 -21.37
N GLU D 51 5.71 11.53 -20.58
CA GLU D 51 5.92 11.48 -19.14
C GLU D 51 7.38 11.06 -18.85
N LEU D 52 7.91 10.07 -19.59
CA LEU D 52 9.29 9.63 -19.38
C LEU D 52 10.23 10.84 -19.52
N ASN D 53 10.11 11.58 -20.63
CA ASN D 53 11.02 12.68 -20.90
C ASN D 53 10.77 13.78 -19.85
N ALA D 54 9.52 13.92 -19.42
CA ALA D 54 9.18 14.91 -18.40
C ALA D 54 9.95 14.64 -17.11
N ALA D 55 10.10 13.36 -16.74
CA ALA D 55 10.79 12.93 -15.48
C ALA D 55 12.30 13.14 -15.64
N TYR D 56 12.84 12.76 -16.81
CA TYR D 56 14.20 13.12 -17.18
C TYR D 56 14.40 14.63 -17.04
N ALA D 57 13.46 15.41 -17.58
CA ALA D 57 13.58 16.87 -17.60
C ALA D 57 13.54 17.45 -16.18
N ALA D 58 12.72 16.87 -15.30
CA ALA D 58 12.54 17.37 -13.96
C ALA D 58 13.83 17.14 -13.17
N ASP D 59 14.48 16.02 -13.51
CA ASP D 59 15.73 15.61 -12.99
C ASP D 59 16.75 16.69 -13.35
N GLY D 60 16.89 17.01 -14.63
CA GLY D 60 17.88 18.03 -15.06
C GLY D 60 17.65 19.38 -14.38
N TYR D 61 16.37 19.77 -14.25
CA TYR D 61 15.98 21.01 -13.66
C TYR D 61 16.39 21.02 -12.19
N ALA D 62 16.06 19.95 -11.45
CA ALA D 62 16.41 19.85 -10.02
C ALA D 62 17.94 19.87 -9.84
N ARG D 63 18.69 19.49 -10.89
CA ARG D 63 20.12 19.34 -10.74
C ARG D 63 20.72 20.73 -10.57
N LEU D 64 20.13 21.72 -11.24
CA LEU D 64 20.65 23.10 -11.22
C LEU D 64 19.87 23.96 -10.22
N LYS D 65 18.57 23.70 -10.04
CA LYS D 65 17.74 24.59 -9.22
C LYS D 65 17.61 24.07 -7.77
N GLY D 66 17.91 22.80 -7.53
CA GLY D 66 17.86 22.28 -6.19
C GLY D 66 16.77 21.24 -6.01
N MET D 67 15.60 21.50 -6.59
CA MET D 67 14.56 20.50 -6.67
C MET D 67 13.65 20.81 -7.86
N SER D 68 12.70 19.91 -8.11
CA SER D 68 11.78 19.97 -9.24
C SER D 68 10.46 19.30 -8.88
N CYS D 69 9.52 19.45 -9.81
CA CYS D 69 8.21 18.91 -9.70
C CYS D 69 7.80 18.46 -11.10
N ILE D 70 7.28 17.23 -11.20
CA ILE D 70 6.69 16.68 -12.44
C ILE D 70 5.25 16.32 -12.09
N ILE D 71 4.30 16.70 -12.93
CA ILE D 71 2.93 16.29 -12.66
C ILE D 71 2.49 15.26 -13.70
N THR D 72 1.83 14.19 -13.22
CA THR D 72 1.29 13.16 -14.07
C THR D 72 -0.09 12.74 -13.55
N THR D 73 -0.60 11.69 -14.19
CA THR D 73 -1.95 11.29 -14.31
C THR D 73 -1.96 9.81 -13.97
N PHE D 74 -2.93 9.43 -13.14
CA PHE D 74 -2.99 8.15 -12.51
C PHE D 74 -2.93 7.01 -13.53
N GLY D 75 -2.13 6.00 -13.15
CA GLY D 75 -1.81 4.84 -13.97
C GLY D 75 -0.85 5.19 -15.08
N VAL D 76 -1.44 5.74 -16.12
CA VAL D 76 -0.91 5.75 -17.42
C VAL D 76 0.19 6.81 -17.48
N GLY D 77 0.03 7.89 -16.68
CA GLY D 77 1.01 8.97 -16.65
C GLY D 77 2.20 8.62 -15.78
N GLU D 78 1.90 8.15 -14.56
CA GLU D 78 2.92 7.99 -13.56
C GLU D 78 3.76 6.79 -13.96
N LEU D 79 3.13 5.76 -14.53
CA LEU D 79 3.86 4.52 -14.87
C LEU D 79 4.88 4.86 -15.96
N SER D 80 4.46 5.70 -16.91
CA SER D 80 5.34 6.17 -17.98
C SER D 80 6.61 6.84 -17.42
N ALA D 81 6.50 7.51 -16.26
CA ALA D 81 7.63 8.32 -15.72
C ALA D 81 8.66 7.50 -14.91
N LEU D 82 8.39 6.24 -14.56
CA LEU D 82 9.04 5.63 -13.39
C LEU D 82 10.53 5.34 -13.60
N ASN D 83 10.94 5.07 -14.84
CA ASN D 83 12.34 4.97 -15.18
C ASN D 83 13.06 6.31 -14.92
N GLY D 84 12.39 7.43 -15.20
CA GLY D 84 12.89 8.76 -14.84
C GLY D 84 13.06 8.87 -13.34
N ILE D 85 11.97 8.61 -12.63
CA ILE D 85 11.98 8.76 -11.19
C ILE D 85 13.09 7.87 -10.59
N ALA D 86 13.21 6.64 -11.11
CA ALA D 86 14.12 5.64 -10.61
C ALA D 86 15.55 6.16 -10.64
N GLY D 87 15.92 6.86 -11.73
CA GLY D 87 17.22 7.45 -11.91
C GLY D 87 17.47 8.63 -10.97
N SER D 88 16.43 9.41 -10.70
CA SER D 88 16.53 10.49 -9.75
C SER D 88 16.80 9.88 -8.37
N TYR D 89 16.24 8.69 -8.11
CA TYR D 89 16.48 8.03 -6.85
C TYR D 89 17.89 7.47 -6.85
N ALA D 90 18.28 6.73 -7.89
CA ALA D 90 19.63 6.14 -7.82
C ALA D 90 20.66 7.28 -7.63
N GLU D 91 20.44 8.40 -8.31
CA GLU D 91 21.46 9.42 -8.42
C GLU D 91 21.21 10.57 -7.44
N HIS D 92 20.23 10.42 -6.54
CA HIS D 92 20.00 11.35 -5.44
C HIS D 92 19.71 12.76 -5.98
N VAL D 93 18.68 12.82 -6.84
CA VAL D 93 18.15 14.07 -7.34
C VAL D 93 16.72 14.26 -6.79
N GLY D 94 16.41 15.50 -6.42
CA GLY D 94 15.20 15.84 -5.67
C GLY D 94 14.02 16.20 -6.55
N VAL D 95 13.28 15.17 -7.00
CA VAL D 95 12.10 15.30 -7.87
C VAL D 95 10.83 15.00 -7.07
N LEU D 96 9.98 16.00 -6.88
CA LEU D 96 8.62 15.81 -6.38
C LEU D 96 7.75 15.31 -7.54
N HIS D 97 7.23 14.09 -7.41
CA HIS D 97 6.29 13.51 -8.44
C HIS D 97 4.87 13.69 -7.91
N VAL D 98 4.12 14.60 -8.54
CA VAL D 98 2.72 14.82 -8.24
C VAL D 98 1.86 14.05 -9.26
N VAL D 99 0.98 13.20 -8.74
CA VAL D 99 0.10 12.36 -9.52
C VAL D 99 -1.34 12.74 -9.19
N GLY D 100 -2.08 13.25 -10.19
CA GLY D 100 -3.54 13.47 -10.02
C GLY D 100 -4.29 12.13 -9.98
N VAL D 101 -5.00 11.84 -8.87
CA VAL D 101 -5.72 10.57 -8.78
C VAL D 101 -7.24 10.78 -8.73
N PRO D 102 -8.04 9.72 -9.02
CA PRO D 102 -9.51 9.80 -8.87
C PRO D 102 -9.96 10.33 -7.51
N SER D 103 -11.13 10.97 -7.44
CA SER D 103 -11.63 11.59 -6.23
C SER D 103 -11.71 10.58 -5.07
N VAL D 104 -11.54 11.09 -3.84
CA VAL D 104 -11.55 10.27 -2.62
C VAL D 104 -12.96 9.69 -2.40
N LEU D 113 -12.24 2.65 -12.43
CA LEU D 113 -13.12 2.47 -13.57
C LEU D 113 -12.29 2.53 -14.86
N HIS D 114 -11.24 3.37 -14.86
CA HIS D 114 -10.46 3.70 -16.05
C HIS D 114 -8.99 3.99 -15.70
N HIS D 115 -8.06 3.39 -16.46
CA HIS D 115 -6.59 3.43 -16.19
C HIS D 115 -6.25 2.53 -15.00
N THR D 116 -6.98 1.42 -14.86
CA THR D 116 -6.84 0.46 -13.75
C THR D 116 -6.59 -0.93 -14.34
N LEU D 117 -6.26 -1.91 -13.49
CA LEU D 117 -5.81 -3.22 -13.94
C LEU D 117 -6.97 -4.23 -14.01
N GLY D 118 -8.07 -3.95 -13.31
CA GLY D 118 -9.22 -4.85 -13.29
C GLY D 118 -9.12 -5.84 -12.13
N ASN D 119 -8.42 -5.44 -11.09
CA ASN D 119 -8.74 -5.85 -9.75
C ASN D 119 -9.12 -4.56 -9.01
N GLY D 120 -9.59 -4.69 -7.76
CA GLY D 120 -10.09 -3.53 -7.03
C GLY D 120 -9.03 -2.48 -6.72
N ASP D 121 -7.74 -2.87 -6.82
CA ASP D 121 -6.61 -2.22 -6.15
C ASP D 121 -6.20 -0.93 -6.87
N PHE D 122 -6.74 0.20 -6.39
CA PHE D 122 -6.43 1.49 -6.96
C PHE D 122 -5.19 2.09 -6.29
N THR D 123 -4.47 1.32 -5.47
CA THR D 123 -3.28 1.84 -4.82
C THR D 123 -2.01 1.23 -5.40
N VAL D 124 -2.17 0.29 -6.35
CA VAL D 124 -1.07 -0.49 -6.94
C VAL D 124 0.04 0.42 -7.49
N PHE D 125 -0.32 1.53 -8.14
CA PHE D 125 0.71 2.39 -8.76
C PHE D 125 1.52 3.15 -7.70
N HIS D 126 0.86 3.51 -6.59
CA HIS D 126 1.48 4.20 -5.46
C HIS D 126 2.49 3.25 -4.82
N ARG D 127 2.07 1.99 -4.60
CA ARG D 127 2.93 0.92 -4.12
C ARG D 127 4.17 0.76 -5.02
N MET D 128 3.95 0.60 -6.32
CA MET D 128 5.08 0.54 -7.26
C MET D 128 6.07 1.70 -7.06
N SER D 129 5.59 2.92 -7.03
CA SER D 129 6.45 4.09 -6.85
C SER D 129 7.12 4.13 -5.47
N SER D 130 6.59 3.46 -4.44
CA SER D 130 7.19 3.45 -3.07
C SER D 130 8.64 2.97 -3.05
N ASN D 131 8.93 2.03 -3.95
CA ASN D 131 10.19 1.36 -4.05
C ASN D 131 11.27 2.33 -4.57
N ILE D 132 10.86 3.43 -5.17
CA ILE D 132 11.81 4.41 -5.69
C ILE D 132 11.44 5.81 -5.19
N SER D 133 10.96 5.91 -3.94
CA SER D 133 10.70 7.19 -3.28
C SER D 133 11.29 7.22 -1.85
N GLU D 134 11.86 8.36 -1.49
CA GLU D 134 12.24 8.67 -0.16
C GLU D 134 11.03 8.50 0.76
N THR D 135 9.89 9.05 0.34
CA THR D 135 8.63 8.94 1.06
C THR D 135 7.49 9.20 0.07
N THR D 136 6.27 8.84 0.46
CA THR D 136 5.08 9.09 -0.34
C THR D 136 3.94 9.61 0.53
N ALA D 137 3.15 10.53 -0.02
CA ALA D 137 1.91 10.92 0.57
C ALA D 137 0.81 10.61 -0.43
N MET D 138 -0.33 10.12 0.06
CA MET D 138 -1.58 10.20 -0.65
C MET D 138 -2.52 11.08 0.17
N ILE D 139 -2.81 12.28 -0.35
CA ILE D 139 -3.62 13.30 0.33
C ILE D 139 -5.09 12.87 0.36
N THR D 140 -5.66 12.78 1.57
CA THR D 140 -7.03 12.38 1.77
C THR D 140 -7.81 13.48 2.48
N ASP D 141 -7.13 14.30 3.26
CA ASP D 141 -7.78 15.24 4.16
C ASP D 141 -7.35 16.67 3.85
N ILE D 142 -8.32 17.58 3.66
CA ILE D 142 -8.02 18.99 3.31
C ILE D 142 -7.33 19.69 4.49
N ASN D 143 -7.65 19.24 5.72
CA ASN D 143 -7.17 19.80 6.99
C ASN D 143 -5.67 19.58 7.20
N THR D 144 -5.15 18.43 6.74
CA THR D 144 -3.74 18.09 6.85
C THR D 144 -3.08 18.21 5.48
N ALA D 145 -3.82 18.60 4.47
CA ALA D 145 -3.25 18.60 3.16
C ALA D 145 -2.08 19.58 3.09
N PRO D 146 -2.21 20.88 3.43
CA PRO D 146 -1.07 21.81 3.39
C PRO D 146 0.22 21.30 4.06
N ALA D 147 0.10 20.70 5.24
CA ALA D 147 1.24 20.14 5.98
C ALA D 147 1.82 18.93 5.24
N GLU D 148 0.99 18.05 4.70
CA GLU D 148 1.52 16.95 3.95
C GLU D 148 2.35 17.51 2.77
N ILE D 149 1.79 18.49 2.05
CA ILE D 149 2.46 19.11 0.92
C ILE D 149 3.82 19.66 1.38
N ASP D 150 3.85 20.33 2.54
CA ASP D 150 5.05 20.98 3.02
C ASP D 150 6.11 19.92 3.31
N ARG D 151 5.67 18.82 3.91
CA ARG D 151 6.49 17.68 4.27
C ARG D 151 7.07 17.00 3.02
N CYS D 152 6.26 16.84 1.99
CA CYS D 152 6.77 16.25 0.78
C CYS D 152 7.83 17.19 0.19
N ILE D 153 7.53 18.48 0.18
CA ILE D 153 8.44 19.44 -0.41
C ILE D 153 9.77 19.41 0.36
N ARG D 154 9.74 19.40 1.69
CA ARG D 154 10.96 19.47 2.48
C ARG D 154 11.78 18.20 2.25
N THR D 155 11.12 17.04 2.37
CA THR D 155 11.79 15.77 2.23
C THR D 155 12.48 15.72 0.86
N THR D 156 11.85 16.23 -0.20
CA THR D 156 12.43 16.22 -1.54
C THR D 156 13.75 16.99 -1.52
N TYR D 157 13.68 18.26 -1.11
CA TYR D 157 14.79 19.19 -1.15
C TYR D 157 15.96 18.69 -0.28
N VAL D 158 15.64 18.14 0.90
CA VAL D 158 16.64 17.86 1.94
C VAL D 158 17.28 16.48 1.72
N SER D 159 16.46 15.47 1.47
CA SER D 159 16.98 14.15 1.17
C SER D 159 17.55 14.13 -0.26
N GLN D 160 17.12 15.06 -1.13
CA GLN D 160 17.56 15.02 -2.53
C GLN D 160 17.23 13.65 -3.12
N ARG D 161 15.99 13.24 -2.93
CA ARG D 161 15.52 12.07 -3.56
C ARG D 161 14.05 12.26 -3.91
N PRO D 162 13.52 11.50 -4.89
CA PRO D 162 12.12 11.67 -5.29
C PRO D 162 11.11 11.35 -4.19
N VAL D 163 10.01 12.07 -4.26
CA VAL D 163 8.95 11.97 -3.37
C VAL D 163 7.70 11.84 -4.21
N TYR D 164 6.80 10.97 -3.76
CA TYR D 164 5.56 10.71 -4.46
C TYR D 164 4.39 11.41 -3.76
N LEU D 165 3.62 12.22 -4.47
CA LEU D 165 2.57 13.00 -3.83
C LEU D 165 1.26 12.82 -4.57
N GLY D 166 0.36 12.02 -4.00
CA GLY D 166 -0.91 11.67 -4.61
C GLY D 166 -1.95 12.69 -4.25
N LEU D 167 -2.62 13.26 -5.24
CA LEU D 167 -3.48 14.41 -5.05
C LEU D 167 -4.83 14.13 -5.70
N PRO D 168 -5.84 13.67 -4.95
CA PRO D 168 -7.15 13.41 -5.55
C PRO D 168 -7.78 14.68 -6.12
N ALA D 169 -8.58 14.57 -7.18
CA ALA D 169 -8.96 15.76 -7.95
C ALA D 169 -10.08 16.56 -7.27
N ASN D 170 -10.80 15.95 -6.33
CA ASN D 170 -11.86 16.64 -5.61
C ASN D 170 -11.29 17.51 -4.50
N LEU D 171 -10.01 17.35 -4.16
CA LEU D 171 -9.39 18.13 -3.09
C LEU D 171 -8.68 19.34 -3.66
N VAL D 172 -8.27 19.30 -4.95
CA VAL D 172 -7.37 20.34 -5.47
C VAL D 172 -8.04 21.71 -5.39
N ASP D 173 -9.36 21.77 -5.63
CA ASP D 173 -10.05 23.04 -5.71
C ASP D 173 -10.73 23.37 -4.38
N LEU D 174 -10.50 22.59 -3.31
CA LEU D 174 -10.91 23.00 -1.94
C LEU D 174 -9.93 24.05 -1.38
N THR D 175 -10.44 24.96 -0.55
CA THR D 175 -9.72 26.17 -0.18
C THR D 175 -9.05 26.00 1.19
N VAL D 176 -7.95 26.72 1.35
CA VAL D 176 -7.20 26.74 2.58
C VAL D 176 -6.75 28.18 2.83
N PRO D 177 -6.45 28.55 4.09
CA PRO D 177 -5.90 29.87 4.40
C PRO D 177 -4.64 30.20 3.60
N ALA D 178 -4.70 31.25 2.76
CA ALA D 178 -3.50 31.70 2.07
C ALA D 178 -2.38 32.03 3.07
N SER D 179 -2.74 32.47 4.27
CA SER D 179 -1.78 32.87 5.29
C SER D 179 -0.97 31.67 5.82
N LEU D 180 -1.36 30.43 5.49
CA LEU D 180 -0.51 29.24 5.70
C LEU D 180 0.82 29.47 4.97
N LEU D 181 0.77 30.19 3.84
CA LEU D 181 1.96 30.46 3.03
C LEU D 181 3.03 31.28 3.77
N ASP D 182 2.69 31.91 4.91
CA ASP D 182 3.52 32.91 5.58
C ASP D 182 4.48 32.23 6.57
N THR D 183 4.31 30.92 6.73
CA THR D 183 5.25 30.08 7.45
C THR D 183 6.14 29.39 6.43
N PRO D 184 7.43 29.78 6.28
CA PRO D 184 8.31 29.13 5.32
C PRO D 184 8.40 27.64 5.66
N ILE D 185 8.48 26.84 4.60
CA ILE D 185 8.88 25.47 4.71
C ILE D 185 10.32 25.52 5.24
N ASP D 186 10.53 24.89 6.39
CA ASP D 186 11.87 24.72 6.95
C ASP D 186 12.64 23.78 6.03
N LEU D 187 13.58 24.35 5.27
CA LEU D 187 14.40 23.58 4.35
C LEU D 187 15.82 23.43 4.91
N SER D 188 16.01 23.66 6.21
CA SER D 188 17.36 23.70 6.81
C SER D 188 17.67 22.34 7.45
N LEU D 189 18.94 21.95 7.40
CA LEU D 189 19.33 20.67 7.92
C LEU D 189 19.23 20.71 9.44
N LYS D 190 18.84 19.57 10.01
CA LYS D 190 18.97 19.38 11.44
C LYS D 190 20.44 19.53 11.82
N PRO D 191 20.79 20.04 13.03
CA PRO D 191 22.18 20.16 13.44
C PRO D 191 22.74 18.79 13.89
N ASN D 192 23.98 18.49 13.54
CA ASN D 192 24.63 17.19 13.85
C ASN D 192 24.59 16.89 15.36
N ASP D 193 24.47 15.60 15.70
CA ASP D 193 24.78 15.17 17.05
C ASP D 193 26.22 15.63 17.34
N PRO D 194 26.45 16.46 18.39
CA PRO D 194 27.77 17.07 18.59
C PRO D 194 28.82 16.08 19.10
N GLU D 195 28.37 15.02 19.76
CA GLU D 195 29.25 13.98 20.26
C GLU D 195 29.73 13.18 19.05
N ALA D 196 28.80 12.74 18.20
CA ALA D 196 29.12 11.98 17.00
C ALA D 196 30.03 12.80 16.08
N GLU D 197 29.77 14.11 16.01
CA GLU D 197 30.46 14.96 15.08
C GLU D 197 31.91 15.08 15.55
N GLU D 198 32.07 15.09 16.89
CA GLU D 198 33.36 15.35 17.53
C GLU D 198 34.29 14.14 17.34
N GLU D 199 33.70 12.93 17.34
CA GLU D 199 34.42 11.69 17.03
C GLU D 199 34.79 11.62 15.55
N VAL D 200 33.86 11.98 14.67
CA VAL D 200 34.21 12.01 13.25
C VAL D 200 35.45 12.89 13.12
N ILE D 201 35.37 14.12 13.63
CA ILE D 201 36.40 15.13 13.40
C ILE D 201 37.73 14.66 14.00
N GLU D 202 37.73 14.22 15.27
CA GLU D 202 38.98 13.71 15.90
C GLU D 202 39.63 12.62 15.03
N ASN D 203 38.83 11.62 14.62
CA ASN D 203 39.39 10.47 13.95
C ASN D 203 39.90 10.90 12.57
N VAL D 204 39.19 11.84 11.94
CA VAL D 204 39.58 12.28 10.59
C VAL D 204 40.88 13.06 10.69
N LEU D 205 40.94 13.96 11.68
CA LEU D 205 42.14 14.74 11.88
C LEU D 205 43.31 13.78 12.12
N GLN D 206 43.05 12.79 13.00
CA GLN D 206 44.05 11.81 13.37
C GLN D 206 44.54 11.07 12.11
N LEU D 207 43.63 10.57 11.25
CA LEU D 207 44.10 9.81 10.05
C LEU D 207 44.97 10.72 9.18
N ILE D 208 44.61 12.01 9.11
CA ILE D 208 45.32 12.95 8.27
C ILE D 208 46.73 13.11 8.85
N LYS D 209 46.85 13.24 10.17
CA LYS D 209 48.16 13.44 10.81
C LYS D 209 49.09 12.29 10.42
N GLU D 210 48.52 11.09 10.30
CA GLU D 210 49.19 9.83 10.07
C GLU D 210 49.36 9.56 8.57
N ALA D 211 48.67 10.33 7.71
CA ALA D 211 48.71 10.12 6.29
C ALA D 211 50.11 10.48 5.76
N LYS D 212 50.58 9.78 4.71
CA LYS D 212 51.80 10.19 3.97
C LYS D 212 51.41 10.66 2.56
N ASN D 213 50.41 10.01 1.96
CA ASN D 213 49.97 10.28 0.60
C ASN D 213 48.45 10.41 0.55
N PRO D 214 47.89 11.37 1.32
CA PRO D 214 46.44 11.62 1.32
C PRO D 214 45.97 12.30 0.03
N VAL D 215 44.77 11.92 -0.42
CA VAL D 215 44.12 12.54 -1.55
C VAL D 215 42.67 12.85 -1.20
N ILE D 216 42.17 13.85 -1.92
CA ILE D 216 40.81 14.25 -1.90
C ILE D 216 40.12 13.76 -3.17
N LEU D 217 39.00 13.09 -2.96
CA LEU D 217 38.14 12.59 -4.05
C LEU D 217 36.74 13.22 -3.97
N ALA D 218 36.39 14.02 -4.99
CA ALA D 218 35.05 14.65 -5.08
C ALA D 218 34.12 13.81 -5.96
N ASP D 219 32.98 13.43 -5.39
CA ASP D 219 32.03 12.49 -5.99
C ASP D 219 30.75 13.29 -6.31
N ALA D 220 29.69 12.62 -6.78
CA ALA D 220 28.53 13.32 -7.38
C ALA D 220 27.89 14.32 -6.41
N CYS D 221 27.84 13.99 -5.09
CA CYS D 221 27.03 14.79 -4.12
C CYS D 221 27.81 16.01 -3.62
N CYS D 222 28.96 16.28 -4.24
CA CYS D 222 29.81 17.37 -3.84
C CYS D 222 29.20 18.72 -4.27
N SER D 223 28.26 18.69 -5.22
CA SER D 223 27.49 19.88 -5.61
C SER D 223 26.00 19.75 -5.23
N ARG D 224 25.51 18.51 -5.08
CA ARG D 224 24.09 18.21 -4.80
C ARG D 224 23.72 18.56 -3.36
N HIS D 225 24.72 18.70 -2.48
CA HIS D 225 24.49 19.09 -1.10
C HIS D 225 25.40 20.26 -0.69
N ASP D 226 25.62 21.18 -1.63
CA ASP D 226 25.96 22.57 -1.33
C ASP D 226 27.41 22.67 -0.80
N ALA D 227 28.24 21.64 -1.05
CA ALA D 227 29.55 21.52 -0.44
C ALA D 227 30.70 21.68 -1.46
N LYS D 228 30.42 22.18 -2.66
CA LYS D 228 31.52 22.56 -3.52
C LYS D 228 32.41 23.56 -2.76
N ALA D 229 31.84 24.55 -2.08
CA ALA D 229 32.66 25.61 -1.47
C ALA D 229 33.52 25.00 -0.35
N GLU D 230 32.95 24.05 0.39
CA GLU D 230 33.60 23.42 1.53
C GLU D 230 34.83 22.63 1.07
N THR D 231 34.60 21.86 0.02
CA THR D 231 35.57 21.02 -0.60
C THR D 231 36.70 21.86 -1.19
N LYS D 232 36.34 22.96 -1.82
CA LYS D 232 37.34 23.86 -2.29
C LYS D 232 38.23 24.32 -1.14
N LYS D 233 37.65 24.68 0.00
CA LYS D 233 38.46 25.20 1.13
C LYS D 233 39.33 24.06 1.71
N LEU D 234 38.82 22.81 1.68
CA LEU D 234 39.56 21.65 2.19
C LEU D 234 40.83 21.44 1.36
N ILE D 235 40.71 21.54 0.02
CA ILE D 235 41.85 21.50 -0.91
C ILE D 235 42.82 22.67 -0.64
N ASP D 236 42.31 23.89 -0.44
CA ASP D 236 43.16 25.10 -0.23
C ASP D 236 43.94 25.03 1.08
N LEU D 237 43.29 24.55 2.15
CA LEU D 237 43.87 24.47 3.48
C LEU D 237 44.80 23.26 3.61
N THR D 238 44.63 22.20 2.80
CA THR D 238 45.54 21.02 2.90
C THR D 238 46.57 21.01 1.74
N GLN D 239 46.21 21.57 0.61
CA GLN D 239 46.95 21.37 -0.63
C GLN D 239 47.06 19.89 -0.99
N PHE D 240 46.15 19.05 -0.50
CA PHE D 240 46.23 17.65 -0.90
C PHE D 240 45.94 17.54 -2.41
N PRO D 241 46.49 16.52 -3.07
CA PRO D 241 46.00 16.11 -4.39
C PRO D 241 44.47 15.92 -4.38
N ALA D 242 43.81 16.48 -5.39
CA ALA D 242 42.35 16.54 -5.52
C ALA D 242 41.89 15.91 -6.85
N PHE D 243 41.01 14.91 -6.80
CA PHE D 243 40.44 14.35 -8.04
C PHE D 243 38.92 14.30 -7.94
N VAL D 244 38.27 14.23 -9.11
CA VAL D 244 36.85 14.07 -9.23
C VAL D 244 36.57 12.68 -9.79
N THR D 245 35.39 12.14 -9.49
CA THR D 245 34.86 11.01 -10.26
C THR D 245 34.09 11.54 -11.45
N PRO D 246 33.76 10.70 -12.45
CA PRO D 246 32.92 11.09 -13.57
C PRO D 246 31.66 11.89 -13.16
N MET D 247 31.03 11.48 -12.05
CA MET D 247 29.79 12.08 -11.65
C MET D 247 30.05 13.39 -10.92
N GLY D 248 31.28 13.54 -10.41
CA GLY D 248 31.73 14.68 -9.62
C GLY D 248 32.35 15.77 -10.48
N LYS D 249 32.64 15.43 -11.74
CA LYS D 249 33.34 16.33 -12.62
C LYS D 249 32.58 17.66 -12.74
N GLY D 250 33.31 18.76 -12.57
CA GLY D 250 32.74 20.12 -12.45
C GLY D 250 32.71 20.60 -11.00
N SER D 251 32.68 19.64 -10.06
CA SER D 251 32.52 19.92 -8.63
C SER D 251 33.75 20.56 -8.01
N ILE D 252 34.93 20.29 -8.61
CA ILE D 252 36.15 21.01 -8.30
C ILE D 252 36.45 21.83 -9.55
N ASP D 253 37.03 23.02 -9.35
CA ASP D 253 37.37 23.89 -10.50
C ASP D 253 38.72 23.44 -11.05
N GLU D 254 38.74 23.08 -12.32
CA GLU D 254 39.84 22.28 -12.87
C GLU D 254 41.08 23.14 -13.10
N LYS D 255 41.01 24.45 -12.80
CA LYS D 255 42.17 25.36 -12.92
C LYS D 255 43.05 25.31 -11.66
N HIS D 256 42.46 24.84 -10.54
CA HIS D 256 43.14 24.72 -9.26
C HIS D 256 44.46 23.95 -9.43
N PRO D 257 45.60 24.47 -8.95
CA PRO D 257 46.88 23.79 -9.11
C PRO D 257 46.93 22.35 -8.57
N ARG D 258 46.08 22.03 -7.59
CA ARG D 258 46.10 20.71 -6.93
C ARG D 258 45.04 19.77 -7.55
N PHE D 259 44.35 20.20 -8.60
CA PHE D 259 43.39 19.33 -9.31
C PHE D 259 44.15 18.45 -10.29
N GLY D 260 43.86 17.15 -10.24
CA GLY D 260 44.76 16.13 -10.73
C GLY D 260 44.13 15.20 -11.76
N GLY D 261 42.87 15.47 -12.13
CA GLY D 261 42.20 14.73 -13.16
C GLY D 261 40.98 14.02 -12.65
N VAL D 262 40.38 13.20 -13.51
CA VAL D 262 39.17 12.47 -13.14
C VAL D 262 39.56 11.00 -12.95
N TYR D 263 39.19 10.48 -11.77
CA TYR D 263 39.47 9.11 -11.40
C TYR D 263 38.36 8.20 -11.95
N VAL D 264 38.69 7.41 -12.98
CA VAL D 264 37.73 6.51 -13.62
C VAL D 264 38.19 5.04 -13.43
N GLY D 265 38.70 4.70 -12.25
CA GLY D 265 39.32 3.38 -12.00
C GLY D 265 40.26 2.96 -13.13
N THR D 266 40.11 1.72 -13.59
CA THR D 266 40.99 1.15 -14.61
C THR D 266 41.02 2.01 -15.90
N LEU D 267 40.02 2.89 -16.10
CA LEU D 267 39.95 3.68 -17.32
C LEU D 267 40.53 5.07 -17.14
N SER D 268 41.16 5.33 -15.99
CA SER D 268 41.85 6.59 -15.71
C SER D 268 43.09 6.68 -16.61
N SER D 269 43.68 7.88 -16.73
CA SER D 269 45.06 8.03 -17.18
C SER D 269 45.96 7.22 -16.23
N PRO D 270 47.11 6.68 -16.71
CA PRO D 270 47.98 5.89 -15.83
C PRO D 270 48.48 6.73 -14.63
N ALA D 271 48.72 8.02 -14.89
CA ALA D 271 49.15 8.96 -13.89
C ALA D 271 48.08 9.07 -12.79
N VAL D 272 46.82 9.26 -13.20
CA VAL D 272 45.71 9.44 -12.28
C VAL D 272 45.49 8.13 -11.49
N LYS D 273 45.59 6.98 -12.18
CA LYS D 273 45.34 5.66 -11.62
C LYS D 273 46.38 5.39 -10.54
N GLU D 274 47.64 5.69 -10.85
CA GLU D 274 48.75 5.55 -9.89
C GLU D 274 48.48 6.46 -8.69
N ALA D 275 48.20 7.73 -8.96
CA ALA D 275 48.21 8.75 -7.93
C ALA D 275 47.13 8.45 -6.88
N VAL D 276 45.98 7.88 -7.30
CA VAL D 276 44.78 7.69 -6.44
C VAL D 276 44.93 6.39 -5.62
N GLU D 277 45.32 5.31 -6.30
CA GLU D 277 45.42 3.98 -5.68
C GLU D 277 46.65 3.93 -4.78
N SER D 278 47.66 4.73 -5.08
CA SER D 278 48.84 4.88 -4.20
C SER D 278 48.48 5.59 -2.88
N ALA D 279 47.36 6.33 -2.85
CA ALA D 279 46.95 7.11 -1.65
C ALA D 279 46.87 6.19 -0.43
N ASP D 280 47.31 6.66 0.73
CA ASP D 280 47.14 5.89 1.98
C ASP D 280 45.97 6.46 2.80
N LEU D 281 45.29 7.48 2.25
CA LEU D 281 44.12 8.10 2.85
C LEU D 281 43.36 8.83 1.75
N VAL D 282 42.10 8.43 1.56
CA VAL D 282 41.17 9.02 0.64
C VAL D 282 40.12 9.78 1.45
N LEU D 283 40.04 11.10 1.24
CA LEU D 283 38.95 11.89 1.75
C LEU D 283 37.89 11.97 0.65
N SER D 284 36.86 11.11 0.73
CA SER D 284 35.81 11.08 -0.28
C SER D 284 34.64 11.98 0.12
N VAL D 285 34.31 12.94 -0.73
CA VAL D 285 33.25 13.94 -0.45
C VAL D 285 32.08 13.74 -1.40
N GLY D 286 30.92 13.49 -0.82
CA GLY D 286 29.70 13.32 -1.56
C GLY D 286 29.64 11.96 -2.23
N ALA D 287 30.30 10.99 -1.58
CA ALA D 287 30.23 9.60 -2.01
C ALA D 287 28.78 9.26 -2.37
N LEU D 288 28.59 8.75 -3.58
CA LEU D 288 27.30 8.20 -4.01
C LEU D 288 27.34 6.69 -3.81
N LEU D 289 28.28 6.04 -4.52
CA LEU D 289 28.54 4.60 -4.48
C LEU D 289 28.06 4.03 -3.14
N TYR D 301 44.03 -2.70 -5.02
CA TYR D 301 44.18 -1.47 -5.81
C TYR D 301 43.71 -0.25 -4.99
N LYS D 302 43.86 -0.30 -3.65
CA LYS D 302 43.46 0.82 -2.76
C LYS D 302 43.74 0.47 -1.29
N THR D 303 43.53 1.50 -0.44
CA THR D 303 43.73 1.46 1.02
C THR D 303 42.39 1.23 1.74
N LYS D 304 42.49 0.84 3.02
CA LYS D 304 41.32 0.73 3.92
C LYS D 304 40.98 2.11 4.48
N ASN D 305 41.98 3.02 4.58
CA ASN D 305 41.80 4.35 5.21
C ASN D 305 40.98 5.22 4.25
N ILE D 306 39.67 5.00 4.30
CA ILE D 306 38.77 5.74 3.50
C ILE D 306 37.82 6.47 4.46
N VAL D 307 37.80 7.79 4.32
CA VAL D 307 36.75 8.65 4.89
C VAL D 307 35.77 9.07 3.78
N GLU D 308 34.49 8.81 4.03
CA GLU D 308 33.40 9.20 3.11
C GLU D 308 32.50 10.22 3.80
N PHE D 309 32.39 11.41 3.20
CA PHE D 309 31.37 12.35 3.62
C PHE D 309 30.16 12.18 2.70
N HIS D 310 29.07 11.64 3.24
CA HIS D 310 27.79 11.62 2.53
C HIS D 310 26.92 12.72 3.12
N SER D 311 25.84 13.06 2.44
CA SER D 311 25.10 14.23 2.92
C SER D 311 24.41 13.91 4.26
N ASP D 312 24.14 12.62 4.55
CA ASP D 312 23.31 12.19 5.69
C ASP D 312 24.14 11.50 6.80
N TYR D 313 25.39 11.12 6.50
CA TYR D 313 26.25 10.44 7.42
C TYR D 313 27.70 10.45 6.93
N THR D 314 28.60 10.07 7.83
CA THR D 314 29.94 9.90 7.42
C THR D 314 30.44 8.54 7.89
N LYS D 315 31.42 8.07 7.14
CA LYS D 315 31.97 6.78 7.25
C LYS D 315 33.48 6.90 7.24
N ILE D 316 34.12 6.26 8.21
CA ILE D 316 35.54 6.15 8.38
C ILE D 316 35.86 4.65 8.48
N ARG D 317 36.57 4.14 7.46
CA ARG D 317 36.77 2.70 7.31
C ARG D 317 35.39 2.03 7.33
N SER D 318 35.19 1.00 8.19
CA SER D 318 33.89 0.27 8.28
C SER D 318 32.90 0.99 9.22
N ALA D 319 33.40 1.94 10.01
CA ALA D 319 32.64 2.70 11.00
C ALA D 319 31.69 3.69 10.30
N THR D 320 30.45 3.76 10.78
CA THR D 320 29.43 4.60 10.23
C THR D 320 28.95 5.58 11.31
N PHE D 321 28.81 6.85 10.97
CA PHE D 321 28.30 7.83 11.93
C PHE D 321 27.06 8.48 11.33
N PRO D 322 25.86 7.99 11.73
CA PRO D 322 24.59 8.62 11.35
C PRO D 322 24.31 9.87 12.19
N GLY D 323 23.50 10.77 11.62
CA GLY D 323 23.27 12.13 12.17
C GLY D 323 24.53 12.98 12.14
N VAL D 324 25.44 12.67 11.20
CA VAL D 324 26.64 13.45 11.04
C VAL D 324 26.75 13.83 9.56
N GLN D 325 26.15 14.98 9.22
CA GLN D 325 25.94 15.41 7.86
C GLN D 325 27.16 16.17 7.33
N MET D 326 27.44 15.95 6.04
CA MET D 326 28.69 16.39 5.36
C MET D 326 28.93 17.91 5.47
N LYS D 327 27.88 18.74 5.40
CA LYS D 327 28.10 20.19 5.18
C LYS D 327 28.62 20.83 6.48
N PHE D 328 28.01 20.44 7.59
CA PHE D 328 28.42 20.88 8.90
C PHE D 328 29.71 20.15 9.33
N ALA D 329 29.88 18.89 8.93
CA ALA D 329 31.03 18.07 9.33
C ALA D 329 32.33 18.64 8.76
N LEU D 330 32.33 18.96 7.45
CA LEU D 330 33.43 19.61 6.76
C LEU D 330 33.76 20.98 7.32
N GLN D 331 32.72 21.77 7.63
CA GLN D 331 32.90 23.11 8.17
C GLN D 331 33.72 23.00 9.47
N LYS D 332 33.37 22.03 10.32
CA LYS D 332 34.06 21.81 11.56
C LYS D 332 35.49 21.36 11.28
N LEU D 333 35.66 20.44 10.33
CA LEU D 333 36.98 19.85 10.04
C LEU D 333 37.92 20.96 9.56
N LEU D 334 37.40 21.84 8.70
CA LEU D 334 38.24 22.88 8.02
C LEU D 334 38.86 23.84 9.05
N THR D 335 38.26 23.94 10.24
CA THR D 335 38.75 24.78 11.33
C THR D 335 40.04 24.21 11.95
N LYS D 336 40.28 22.88 11.83
CA LYS D 336 41.50 22.22 12.37
C LYS D 336 42.35 21.53 11.30
N VAL D 337 41.79 21.31 10.11
CA VAL D 337 42.45 20.48 9.10
C VAL D 337 43.84 21.04 8.75
N ALA D 338 44.07 22.36 8.90
CA ALA D 338 45.32 22.91 8.43
C ALA D 338 46.44 22.53 9.42
N ASP D 339 46.10 22.44 10.70
CA ASP D 339 47.04 22.04 11.73
C ASP D 339 47.43 20.57 11.51
N ALA D 340 46.44 19.73 11.15
CA ALA D 340 46.66 18.28 10.93
C ALA D 340 47.54 18.03 9.72
N ALA D 341 47.43 18.91 8.72
CA ALA D 341 48.02 18.72 7.41
C ALA D 341 49.36 19.45 7.32
N LYS D 342 49.84 19.91 8.49
CA LYS D 342 50.86 20.92 8.66
C LYS D 342 52.22 20.40 8.16
N GLY D 343 52.45 19.08 8.26
CA GLY D 343 53.72 18.47 7.84
C GLY D 343 53.81 18.22 6.34
N TYR D 344 52.67 18.12 5.64
CA TYR D 344 52.59 17.56 4.28
C TYR D 344 53.44 18.34 3.27
N LYS D 345 54.09 17.61 2.36
CA LYS D 345 54.84 18.15 1.22
C LYS D 345 53.99 18.01 -0.04
N PRO D 346 53.41 19.11 -0.57
CA PRO D 346 52.69 19.08 -1.85
C PRO D 346 53.31 18.25 -3.01
N VAL D 347 52.79 17.02 -3.12
CA VAL D 347 52.93 16.10 -4.26
C VAL D 347 52.61 16.85 -5.55
N PRO D 348 53.46 16.78 -6.60
CA PRO D 348 53.11 17.34 -7.91
C PRO D 348 51.97 16.47 -8.48
N VAL D 349 51.00 17.08 -9.17
CA VAL D 349 49.79 16.34 -9.50
C VAL D 349 49.69 16.06 -11.00
N PRO D 350 49.05 14.93 -11.38
CA PRO D 350 48.82 14.59 -12.79
C PRO D 350 48.17 15.72 -13.62
N SER D 351 48.35 15.66 -14.95
CA SER D 351 47.79 16.67 -15.88
C SER D 351 47.87 16.16 -17.32
N GLU D 352 46.70 16.02 -17.96
CA GLU D 352 46.59 15.58 -19.33
C GLU D 352 46.71 16.82 -20.22
N PRO D 353 47.38 16.76 -21.40
CA PRO D 353 47.65 17.95 -22.18
C PRO D 353 46.44 18.91 -22.20
N GLU D 354 46.78 20.19 -22.10
CA GLU D 354 45.84 21.27 -22.06
C GLU D 354 45.17 21.43 -23.43
N HIS D 355 45.89 21.03 -24.49
CA HIS D 355 45.61 21.43 -25.87
C HIS D 355 46.04 20.33 -26.86
N ASN D 356 45.29 20.23 -27.95
CA ASN D 356 45.65 19.47 -29.11
C ASN D 356 46.70 20.26 -29.89
N GLU D 357 47.83 19.63 -30.22
CA GLU D 357 48.70 20.18 -31.27
C GLU D 357 47.82 20.55 -32.47
N ALA D 358 48.33 21.45 -33.32
CA ALA D 358 47.74 21.75 -34.61
C ALA D 358 47.73 20.50 -35.49
N VAL D 359 46.71 20.44 -36.34
CA VAL D 359 46.47 19.37 -37.28
C VAL D 359 45.92 19.95 -38.58
N ALA D 360 46.25 19.27 -39.67
CA ALA D 360 45.65 19.49 -40.97
C ALA D 360 44.12 19.63 -40.83
N ASP D 361 43.59 20.66 -41.48
CA ASP D 361 42.19 20.96 -41.63
C ASP D 361 41.40 19.78 -42.19
N SER D 362 42.06 18.89 -42.92
CA SER D 362 41.45 17.71 -43.56
C SER D 362 41.36 16.54 -42.58
N THR D 363 41.98 16.65 -41.41
CA THR D 363 41.96 15.58 -40.37
C THR D 363 40.52 15.13 -40.13
N PRO D 364 40.21 13.83 -40.14
CA PRO D 364 38.87 13.38 -39.78
C PRO D 364 38.63 13.46 -38.25
N LEU D 365 37.44 13.90 -37.85
CA LEU D 365 37.10 13.84 -36.43
C LEU D 365 37.28 12.40 -35.90
N LYS D 366 38.02 12.31 -34.80
CA LYS D 366 38.10 11.18 -33.95
C LYS D 366 37.83 11.60 -32.50
N GLN D 367 37.23 10.70 -31.73
CA GLN D 367 36.80 10.98 -30.33
C GLN D 367 37.95 11.59 -29.49
N GLU D 368 39.13 10.97 -29.51
CA GLU D 368 40.25 11.40 -28.67
C GLU D 368 40.58 12.89 -28.89
N TRP D 369 40.46 13.39 -30.13
CA TRP D 369 40.82 14.78 -30.44
C TRP D 369 39.68 15.73 -30.03
N VAL D 370 38.47 15.36 -30.44
CA VAL D 370 37.28 16.10 -30.14
C VAL D 370 37.21 16.41 -28.65
N TRP D 371 37.38 15.40 -27.79
CA TRP D 371 37.04 15.58 -26.37
C TRP D 371 37.99 16.60 -25.76
N THR D 372 39.25 16.58 -26.19
CA THR D 372 40.16 17.61 -25.80
C THR D 372 39.71 18.95 -26.37
N GLN D 373 39.32 18.95 -27.65
CA GLN D 373 38.98 20.20 -28.34
C GLN D 373 37.77 20.89 -27.71
N VAL D 374 36.80 20.12 -27.23
CA VAL D 374 35.60 20.71 -26.67
C VAL D 374 36.04 21.72 -25.60
N GLY D 375 37.16 21.37 -24.95
CA GLY D 375 37.81 22.17 -23.94
C GLY D 375 38.06 23.59 -24.37
N GLU D 376 38.28 23.84 -25.67
CA GLU D 376 38.60 25.21 -26.20
C GLU D 376 37.32 26.03 -26.36
N PHE D 377 36.15 25.37 -26.44
CA PHE D 377 34.88 25.99 -26.70
C PHE D 377 34.13 26.38 -25.42
N LEU D 378 34.45 25.73 -24.28
CA LEU D 378 33.70 25.92 -23.02
C LEU D 378 34.14 27.26 -22.38
N ARG D 379 33.18 27.88 -21.70
CA ARG D 379 33.37 29.08 -20.95
C ARG D 379 32.79 28.82 -19.57
N GLU D 380 33.13 29.67 -18.62
CA GLU D 380 32.68 29.52 -17.24
C GLU D 380 31.16 29.71 -17.21
N GLY D 381 30.47 28.92 -16.38
CA GLY D 381 29.05 29.02 -16.22
C GLY D 381 28.32 28.04 -17.13
N ASP D 382 29.01 27.49 -18.13
CA ASP D 382 28.45 26.47 -19.04
C ASP D 382 27.90 25.27 -18.26
N VAL D 383 26.80 24.72 -18.78
CA VAL D 383 26.22 23.50 -18.25
C VAL D 383 26.51 22.39 -19.26
N VAL D 384 27.19 21.33 -18.85
CA VAL D 384 27.63 20.36 -19.84
C VAL D 384 27.02 18.98 -19.52
N ILE D 385 26.22 18.48 -20.47
CA ILE D 385 25.44 17.27 -20.32
C ILE D 385 25.92 16.23 -21.34
N THR D 386 26.27 15.04 -20.83
CA THR D 386 26.80 13.96 -21.63
C THR D 386 25.99 12.66 -21.44
N GLU D 387 25.58 12.04 -22.53
CA GLU D 387 24.81 10.81 -22.53
C GLU D 387 25.76 9.61 -22.33
N THR D 388 25.33 8.67 -21.46
CA THR D 388 25.72 7.26 -21.51
C THR D 388 25.96 6.85 -22.96
N GLY D 389 27.06 6.15 -23.18
CA GLY D 389 27.64 5.97 -24.48
C GLY D 389 29.06 6.47 -24.46
N THR D 390 29.73 6.42 -25.62
CA THR D 390 31.11 6.88 -25.76
C THR D 390 31.25 8.28 -25.16
N SER D 391 30.22 9.10 -25.34
CA SER D 391 30.19 10.48 -24.92
C SER D 391 30.52 10.57 -23.42
N ALA D 392 29.94 9.67 -22.60
CA ALA D 392 30.10 9.74 -21.13
C ALA D 392 31.56 9.53 -20.72
N PHE D 393 32.26 8.70 -21.51
CA PHE D 393 33.65 8.36 -21.26
C PHE D 393 34.53 9.48 -21.83
N GLY D 394 34.07 10.09 -22.93
CA GLY D 394 34.82 11.08 -23.65
C GLY D 394 35.08 12.31 -22.81
N ILE D 395 34.03 12.80 -22.14
CA ILE D 395 33.98 14.08 -21.43
C ILE D 395 34.99 14.10 -20.27
N ASN D 396 35.41 12.92 -19.79
CA ASN D 396 36.38 12.78 -18.72
C ASN D 396 37.79 13.25 -19.10
N GLN D 397 38.09 13.46 -20.39
CA GLN D 397 39.40 14.05 -20.79
C GLN D 397 39.27 15.55 -21.13
N THR D 398 38.04 16.03 -21.23
CA THR D 398 37.75 17.39 -21.52
C THR D 398 38.10 18.29 -20.32
N HIS D 399 38.89 19.32 -20.60
CA HIS D 399 39.29 20.32 -19.61
C HIS D 399 38.15 21.30 -19.42
N PHE D 400 37.59 21.33 -18.21
CA PHE D 400 36.51 22.24 -17.85
C PHE D 400 37.07 23.58 -17.34
N PRO D 401 36.48 24.74 -17.72
CA PRO D 401 36.71 25.98 -17.00
C PRO D 401 36.09 25.93 -15.59
N ASN D 402 36.55 26.85 -14.72
CA ASN D 402 35.94 27.10 -13.40
C ASN D 402 34.44 27.36 -13.58
N ASN D 403 33.65 26.86 -12.62
CA ASN D 403 32.20 27.05 -12.59
C ASN D 403 31.56 26.43 -13.84
N THR D 404 31.85 25.15 -14.04
CA THR D 404 31.25 24.36 -15.09
C THR D 404 30.39 23.28 -14.43
N TYR D 405 29.11 23.25 -14.77
CA TYR D 405 28.26 22.26 -14.17
C TYR D 405 27.97 21.10 -15.13
N GLY D 406 28.47 19.91 -14.76
CA GLY D 406 28.31 18.69 -15.56
C GLY D 406 27.12 17.89 -15.10
N ILE D 407 26.40 17.31 -16.08
CA ILE D 407 25.39 16.33 -15.87
C ILE D 407 25.78 15.08 -16.66
N SER D 408 26.35 14.08 -15.98
CA SER D 408 26.61 12.73 -16.56
C SER D 408 26.01 11.66 -15.65
N GLN D 409 25.01 10.93 -16.14
CA GLN D 409 24.19 10.02 -15.32
C GLN D 409 24.85 8.64 -15.27
N VAL D 410 26.04 8.57 -14.67
CA VAL D 410 26.87 7.40 -14.84
C VAL D 410 26.36 6.25 -13.96
N LEU D 411 25.78 6.50 -12.79
CA LEU D 411 25.32 5.35 -11.95
C LEU D 411 24.06 4.69 -12.57
N TRP D 412 23.03 5.48 -12.90
CA TRP D 412 21.78 4.89 -13.42
C TRP D 412 21.94 4.49 -14.91
N GLY D 413 22.56 5.35 -15.72
CA GLY D 413 22.94 5.08 -17.12
C GLY D 413 21.78 4.65 -18.02
N SER D 414 20.71 5.46 -18.08
CA SER D 414 19.56 5.29 -19.03
C SER D 414 19.80 6.14 -20.27
N ILE D 415 20.02 5.51 -21.42
CA ILE D 415 20.11 6.28 -22.62
C ILE D 415 18.72 6.89 -22.87
N GLY D 416 18.73 8.11 -23.39
CA GLY D 416 17.54 8.94 -23.56
C GLY D 416 17.54 10.15 -22.65
N PHE D 417 17.89 9.91 -21.37
CA PHE D 417 17.87 10.85 -20.25
C PHE D 417 18.29 12.26 -20.68
N THR D 418 19.39 12.36 -21.43
CA THR D 418 19.99 13.66 -21.58
C THR D 418 19.10 14.57 -22.41
N THR D 419 18.34 14.05 -23.37
CA THR D 419 17.44 14.94 -24.13
C THR D 419 16.49 15.62 -23.13
N GLY D 420 15.82 14.84 -22.26
CA GLY D 420 14.96 15.39 -21.20
C GLY D 420 15.69 16.37 -20.30
N ALA D 421 16.83 15.92 -19.82
CA ALA D 421 17.59 16.65 -18.85
C ALA D 421 18.10 17.97 -19.45
N THR D 422 18.45 17.97 -20.75
CA THR D 422 18.89 19.19 -21.41
C THR D 422 17.79 20.24 -21.34
N LEU D 423 16.58 19.83 -21.72
CA LEU D 423 15.45 20.71 -21.61
C LEU D 423 15.30 21.17 -20.15
N GLY D 424 15.24 20.24 -19.21
CA GLY D 424 15.15 20.60 -17.80
C GLY D 424 16.18 21.66 -17.43
N ALA D 425 17.45 21.37 -17.73
CA ALA D 425 18.54 22.20 -17.29
C ALA D 425 18.51 23.53 -18.04
N ALA D 426 17.90 23.53 -19.24
CA ALA D 426 17.84 24.77 -20.02
C ALA D 426 16.82 25.72 -19.39
N PHE D 427 15.66 25.20 -18.97
CA PHE D 427 14.70 26.02 -18.22
C PHE D 427 15.37 26.59 -16.98
N ALA D 428 16.10 25.77 -16.23
CA ALA D 428 16.72 26.26 -14.99
C ALA D 428 17.75 27.33 -15.31
N ALA D 429 18.60 27.09 -16.32
CA ALA D 429 19.70 28.00 -16.68
C ALA D 429 19.11 29.36 -17.08
N GLU D 430 18.05 29.29 -17.88
CA GLU D 430 17.27 30.47 -18.30
C GLU D 430 16.84 31.28 -17.06
N GLU D 431 16.37 30.58 -16.01
CA GLU D 431 15.87 31.20 -14.79
C GLU D 431 17.04 31.73 -13.94
N ILE D 432 18.21 31.11 -14.02
CA ILE D 432 19.38 31.52 -13.24
C ILE D 432 20.11 32.63 -14.00
N ASP D 433 20.18 32.53 -15.32
CA ASP D 433 20.91 33.56 -16.06
C ASP D 433 20.85 33.25 -17.56
N PRO D 434 20.18 34.08 -18.39
CA PRO D 434 20.01 33.75 -19.81
C PRO D 434 21.33 33.65 -20.58
N LYS D 435 22.47 33.84 -19.92
CA LYS D 435 23.74 33.86 -20.60
C LYS D 435 24.42 32.50 -20.47
N LYS D 436 24.02 31.71 -19.47
CA LYS D 436 24.48 30.35 -19.31
C LYS D 436 24.10 29.55 -20.57
N ARG D 437 25.10 28.89 -21.13
CA ARG D 437 24.93 27.95 -22.21
C ARG D 437 24.71 26.57 -21.62
N VAL D 438 23.85 25.82 -22.32
CA VAL D 438 23.61 24.40 -22.05
C VAL D 438 24.04 23.60 -23.27
N ILE D 439 25.04 22.74 -23.05
CA ILE D 439 25.71 22.03 -24.10
C ILE D 439 25.53 20.51 -23.91
N LEU D 440 24.86 19.87 -24.86
CA LEU D 440 24.60 18.43 -24.80
C LEU D 440 25.48 17.67 -25.79
N PHE D 441 26.09 16.58 -25.29
CA PHE D 441 26.68 15.56 -26.12
C PHE D 441 25.85 14.28 -26.01
N ILE D 442 25.15 13.95 -27.10
CA ILE D 442 24.29 12.77 -27.19
C ILE D 442 24.61 11.95 -28.45
N GLY D 443 24.69 10.62 -28.24
CA GLY D 443 24.78 9.65 -29.29
C GLY D 443 23.54 9.62 -30.16
N ASP D 444 23.73 9.36 -31.46
CA ASP D 444 22.63 9.13 -32.38
C ASP D 444 21.68 8.04 -31.86
N GLY D 445 22.23 7.01 -31.24
CA GLY D 445 21.40 5.95 -30.62
C GLY D 445 20.51 6.50 -29.51
N SER D 446 21.14 7.20 -28.57
CA SER D 446 20.46 7.67 -27.39
C SER D 446 19.33 8.64 -27.75
N LEU D 447 19.50 9.34 -28.86
CA LEU D 447 18.66 10.41 -29.21
C LEU D 447 17.26 9.87 -29.55
N GLN D 448 17.22 8.67 -30.13
CA GLN D 448 16.03 8.07 -30.72
C GLN D 448 14.92 7.83 -29.69
N LEU D 449 15.35 7.52 -28.46
CA LEU D 449 14.51 7.12 -27.33
C LEU D 449 13.71 8.29 -26.75
N THR D 450 14.22 9.52 -26.89
CA THR D 450 13.59 10.66 -26.22
C THR D 450 13.55 11.88 -27.16
N VAL D 451 13.66 11.65 -28.46
CA VAL D 451 13.93 12.73 -29.42
C VAL D 451 12.84 13.82 -29.36
N GLN D 452 11.59 13.44 -29.09
CA GLN D 452 10.49 14.41 -29.16
C GLN D 452 10.64 15.56 -28.15
N GLU D 453 11.47 15.43 -27.11
CA GLU D 453 11.57 16.51 -26.12
C GLU D 453 12.31 17.73 -26.68
N ILE D 454 13.11 17.56 -27.73
CA ILE D 454 13.53 18.67 -28.57
C ILE D 454 12.33 19.60 -28.84
N SER D 455 11.12 19.03 -28.97
CA SER D 455 9.87 19.81 -29.24
C SER D 455 9.65 20.91 -28.19
N THR D 456 9.86 20.56 -26.91
CA THR D 456 9.52 21.41 -25.81
C THR D 456 10.57 22.51 -25.67
N MET D 457 11.78 22.24 -26.15
CA MET D 457 12.86 23.20 -26.21
C MET D 457 12.47 24.34 -27.16
N ILE D 458 12.00 23.96 -28.34
CA ILE D 458 11.63 24.89 -29.39
C ILE D 458 10.48 25.74 -28.87
N ARG D 459 9.45 25.11 -28.30
CA ARG D 459 8.22 25.81 -28.05
C ARG D 459 8.49 26.93 -27.05
N TRP D 460 9.52 26.77 -26.22
CA TRP D 460 9.90 27.75 -25.24
C TRP D 460 11.08 28.62 -25.68
N GLY D 461 11.51 28.51 -26.95
CA GLY D 461 12.64 29.25 -27.45
C GLY D 461 13.87 29.13 -26.55
N LEU D 462 14.07 27.95 -25.92
CA LEU D 462 15.35 27.58 -25.27
C LEU D 462 16.42 27.35 -26.34
N LYS D 463 17.68 27.46 -25.97
CA LYS D 463 18.78 27.64 -26.94
C LYS D 463 19.99 26.78 -26.60
N PRO D 464 19.82 25.46 -26.36
CA PRO D 464 20.95 24.57 -26.10
C PRO D 464 21.74 24.25 -27.38
N TYR D 465 22.93 23.68 -27.20
CA TYR D 465 23.75 23.10 -28.24
C TYR D 465 23.55 21.57 -28.19
N LEU D 466 22.83 21.05 -29.19
CA LEU D 466 22.60 19.62 -29.38
C LEU D 466 23.70 19.05 -30.29
N PHE D 467 24.84 18.68 -29.68
CA PHE D 467 25.88 17.94 -30.33
C PHE D 467 25.43 16.47 -30.39
N VAL D 468 25.14 15.99 -31.60
CA VAL D 468 24.70 14.60 -31.84
C VAL D 468 25.89 13.81 -32.40
N LEU D 469 26.38 12.79 -31.70
CA LEU D 469 27.52 12.03 -32.26
C LEU D 469 26.98 10.92 -33.19
N ASN D 470 27.18 11.09 -34.51
CA ASN D 470 26.71 10.14 -35.49
C ASN D 470 27.84 9.15 -35.84
N ASN D 471 27.74 7.94 -35.27
CA ASN D 471 28.68 6.87 -35.52
C ASN D 471 27.93 5.63 -36.01
N ASP D 472 26.80 5.87 -36.68
CA ASP D 472 25.95 4.85 -37.28
C ASP D 472 25.56 3.75 -36.29
N GLY D 473 25.17 4.11 -35.06
CA GLY D 473 24.50 3.14 -34.15
C GLY D 473 25.11 3.11 -32.75
N TYR D 474 25.12 1.92 -32.14
CA TYR D 474 25.41 1.79 -30.72
C TYR D 474 26.90 1.45 -30.52
N THR D 475 27.76 2.47 -30.65
CA THR D 475 29.21 2.21 -30.81
C THR D 475 29.75 1.54 -29.55
N ILE D 476 29.33 2.00 -28.37
CA ILE D 476 29.86 1.42 -27.16
C ILE D 476 29.42 -0.04 -27.09
N GLU D 477 28.22 -0.34 -27.56
CA GLU D 477 27.74 -1.73 -27.53
C GLU D 477 28.54 -2.58 -28.52
N ARG D 478 28.79 -2.03 -29.72
CA ARG D 478 29.64 -2.64 -30.74
C ARG D 478 31.00 -3.04 -30.16
N LEU D 479 31.50 -2.21 -29.23
CA LEU D 479 32.81 -2.30 -28.59
C LEU D 479 32.80 -3.34 -27.46
N ILE D 480 31.64 -3.67 -26.90
CA ILE D 480 31.50 -4.64 -25.81
C ILE D 480 31.17 -6.02 -26.41
N HIS D 481 30.29 -6.04 -27.42
CA HIS D 481 29.73 -7.28 -27.96
C HIS D 481 28.87 -7.01 -29.19
N GLY D 482 29.22 -7.68 -30.29
CA GLY D 482 28.42 -7.67 -31.47
C GLY D 482 28.75 -6.48 -32.35
N GLU D 483 30.04 -6.40 -32.67
CA GLU D 483 30.62 -5.35 -33.51
C GLU D 483 29.70 -5.00 -34.69
N THR D 484 29.20 -6.02 -35.39
CA THR D 484 28.43 -5.89 -36.61
C THR D 484 27.00 -6.42 -36.39
N ALA D 485 26.61 -6.69 -35.15
CA ALA D 485 25.32 -7.28 -34.83
C ALA D 485 24.21 -6.26 -35.11
N GLN D 486 23.19 -6.69 -35.87
CA GLN D 486 22.04 -5.88 -36.34
C GLN D 486 21.42 -5.08 -35.19
N TYR D 487 21.38 -5.68 -33.98
CA TYR D 487 20.78 -5.04 -32.86
C TYR D 487 21.61 -3.84 -32.40
N ASN D 488 22.89 -3.76 -32.80
CA ASN D 488 23.68 -2.57 -32.53
C ASN D 488 23.53 -1.54 -33.66
N CYS D 489 22.73 -1.83 -34.69
CA CYS D 489 22.43 -0.85 -35.74
C CYS D 489 21.13 -0.10 -35.45
N ILE D 490 20.97 1.05 -36.10
CA ILE D 490 19.82 1.87 -35.93
C ILE D 490 19.30 2.32 -37.29
N GLN D 491 18.02 2.71 -37.30
CA GLN D 491 17.46 3.43 -38.38
C GLN D 491 18.19 4.78 -38.45
N ASN D 492 18.56 5.18 -39.67
CA ASN D 492 19.33 6.41 -39.87
C ASN D 492 18.34 7.53 -40.12
N TRP D 493 18.43 8.57 -39.29
CA TRP D 493 17.58 9.73 -39.31
C TRP D 493 18.33 10.88 -39.99
N GLN D 494 17.55 11.84 -40.52
CA GLN D 494 18.10 13.10 -41.02
C GLN D 494 18.22 14.07 -39.83
N HIS D 495 19.29 13.92 -39.06
CA HIS D 495 19.47 14.68 -37.82
C HIS D 495 19.23 16.19 -38.07
N LEU D 496 19.59 16.66 -39.28
CA LEU D 496 19.53 18.08 -39.65
C LEU D 496 18.08 18.57 -39.80
N GLU D 497 17.14 17.67 -40.12
CA GLU D 497 15.72 18.02 -40.29
C GLU D 497 14.95 17.99 -38.96
N LEU D 498 15.53 17.47 -37.88
CA LEU D 498 14.74 17.26 -36.64
C LEU D 498 14.10 18.59 -36.21
N LEU D 499 14.95 19.60 -36.00
CA LEU D 499 14.57 20.89 -35.47
C LEU D 499 13.39 21.53 -36.23
N PRO D 500 13.45 21.73 -37.57
CA PRO D 500 12.30 22.25 -38.31
C PRO D 500 11.13 21.26 -38.39
N THR D 501 11.40 19.95 -38.26
CA THR D 501 10.34 18.97 -38.29
C THR D 501 9.45 19.16 -37.05
N PHE D 502 10.07 19.47 -35.90
CA PHE D 502 9.37 19.78 -34.64
C PHE D 502 8.99 21.27 -34.53
N GLY D 503 9.04 22.00 -35.67
CA GLY D 503 8.45 23.34 -35.84
C GLY D 503 9.34 24.47 -35.36
N ALA D 504 10.66 24.25 -35.28
CA ALA D 504 11.66 25.29 -35.03
C ALA D 504 11.74 26.22 -36.23
N LYS D 505 11.87 27.53 -35.97
CA LYS D 505 11.85 28.53 -37.05
C LYS D 505 13.18 29.27 -37.12
N ASP D 506 13.75 29.54 -35.94
CA ASP D 506 15.02 30.15 -35.77
C ASP D 506 15.97 29.15 -35.14
N TYR D 507 16.87 28.58 -35.95
CA TYR D 507 17.82 27.60 -35.52
C TYR D 507 18.96 27.49 -36.53
N GLU D 508 20.04 26.80 -36.10
CA GLU D 508 21.11 26.28 -36.95
C GLU D 508 21.22 24.75 -36.83
N ALA D 509 21.17 24.05 -37.96
CA ALA D 509 21.58 22.66 -38.02
C ALA D 509 22.77 22.54 -38.98
N VAL D 510 23.90 22.03 -38.47
CA VAL D 510 25.12 21.92 -39.23
C VAL D 510 25.74 20.54 -38.97
N ARG D 511 26.43 20.03 -40.00
CA ARG D 511 27.18 18.81 -39.97
C ARG D 511 28.67 19.13 -40.02
N VAL D 512 29.46 18.38 -39.25
CA VAL D 512 30.92 18.56 -39.23
C VAL D 512 31.59 17.19 -39.29
N SER D 513 32.58 17.05 -40.19
CA SER D 513 33.28 15.76 -40.43
C SER D 513 34.79 15.83 -40.11
N THR D 514 35.39 17.01 -40.17
CA THR D 514 36.80 17.20 -40.17
C THR D 514 37.14 18.27 -39.13
N THR D 515 38.40 18.34 -38.68
CA THR D 515 38.80 19.30 -37.64
C THR D 515 38.72 20.75 -38.17
N GLY D 516 39.00 20.96 -39.45
CA GLY D 516 38.79 22.23 -40.11
C GLY D 516 37.35 22.71 -40.01
N GLU D 517 36.40 21.80 -40.24
CA GLU D 517 34.96 22.10 -40.09
C GLU D 517 34.65 22.39 -38.62
N TRP D 518 35.11 21.49 -37.74
CA TRP D 518 34.83 21.66 -36.31
C TRP D 518 35.31 23.04 -35.87
N ASN D 519 36.53 23.41 -36.28
CA ASN D 519 37.17 24.68 -35.87
C ASN D 519 36.45 25.88 -36.48
N LYS D 520 36.13 25.82 -37.77
CA LYS D 520 35.49 26.98 -38.39
C LYS D 520 34.16 27.26 -37.68
N LEU D 521 33.46 26.19 -37.27
CA LEU D 521 32.17 26.34 -36.59
C LEU D 521 32.35 26.87 -35.17
N THR D 522 33.30 26.30 -34.41
CA THR D 522 33.33 26.51 -32.97
C THR D 522 34.10 27.76 -32.55
N THR D 523 35.06 28.23 -33.37
CA THR D 523 35.88 29.43 -33.11
C THR D 523 35.18 30.70 -33.64
N ASP D 524 34.08 30.52 -34.37
CA ASP D 524 33.17 31.57 -34.82
C ASP D 524 32.41 32.18 -33.62
N GLU D 525 32.42 33.51 -33.55
CA GLU D 525 31.89 34.26 -32.38
C GLU D 525 30.35 34.21 -32.36
N LYS D 526 29.75 34.16 -33.54
CA LYS D 526 28.29 34.10 -33.73
C LYS D 526 27.75 32.80 -33.10
N PHE D 527 28.49 31.71 -33.33
CA PHE D 527 28.14 30.37 -32.87
C PHE D 527 28.23 30.25 -31.34
N GLN D 528 29.26 30.89 -30.73
CA GLN D 528 29.57 30.83 -29.29
C GLN D 528 28.57 31.61 -28.42
N ASP D 529 27.66 32.34 -29.04
CA ASP D 529 26.62 33.05 -28.32
C ASP D 529 25.33 32.24 -28.45
N ASN D 530 24.67 32.00 -27.31
CA ASN D 530 23.48 31.15 -27.22
C ASN D 530 22.27 31.92 -27.76
N THR D 531 22.27 32.18 -29.08
CA THR D 531 21.34 33.10 -29.68
C THR D 531 20.13 32.33 -30.19
N ARG D 532 20.31 31.03 -30.43
CA ARG D 532 19.25 30.21 -30.98
C ARG D 532 19.56 28.75 -30.64
N ILE D 533 18.56 27.88 -30.84
CA ILE D 533 18.74 26.45 -30.63
C ILE D 533 19.61 25.91 -31.75
N ARG D 534 20.56 25.04 -31.40
CA ARG D 534 21.50 24.53 -32.39
C ARG D 534 21.64 23.00 -32.28
N LEU D 535 21.60 22.33 -33.43
CA LEU D 535 22.02 20.92 -33.54
C LEU D 535 23.26 20.83 -34.43
N ILE D 536 24.32 20.19 -33.88
CA ILE D 536 25.57 19.91 -34.54
C ILE D 536 25.69 18.38 -34.72
N GLU D 537 25.52 17.89 -35.95
CA GLU D 537 25.74 16.49 -36.22
C GLU D 537 27.25 16.21 -36.42
N VAL D 538 27.84 15.44 -35.51
CA VAL D 538 29.28 15.13 -35.50
C VAL D 538 29.48 13.74 -36.10
N MET D 539 30.05 13.72 -37.30
CA MET D 539 30.28 12.51 -38.05
C MET D 539 31.57 11.85 -37.58
N LEU D 540 31.44 10.64 -37.02
CA LEU D 540 32.55 9.88 -36.45
C LEU D 540 32.57 8.49 -37.05
N PRO D 541 33.74 7.83 -37.03
CA PRO D 541 33.85 6.41 -37.37
C PRO D 541 33.02 5.51 -36.43
N THR D 542 32.56 4.38 -36.98
CA THR D 542 31.60 3.50 -36.36
C THR D 542 32.17 2.86 -35.10
N MET D 543 33.48 2.56 -35.14
CA MET D 543 34.16 1.86 -34.09
C MET D 543 35.01 2.84 -33.27
N ASP D 544 35.01 4.12 -33.65
CA ASP D 544 35.79 5.16 -32.93
C ASP D 544 35.17 5.45 -31.55
N ALA D 545 36.04 5.64 -30.55
CA ALA D 545 35.66 5.97 -29.17
C ALA D 545 36.91 6.47 -28.44
N PRO D 546 36.78 7.04 -27.21
CA PRO D 546 37.94 7.50 -26.44
C PRO D 546 38.90 6.35 -26.14
N SER D 547 40.19 6.72 -26.01
CA SER D 547 41.31 5.77 -26.19
C SER D 547 41.32 4.71 -25.09
N ASN D 548 41.06 5.09 -23.84
CA ASN D 548 41.09 4.11 -22.79
C ASN D 548 39.98 3.08 -23.04
N LEU D 549 38.80 3.58 -23.43
CA LEU D 549 37.65 2.75 -23.80
C LEU D 549 38.03 1.82 -24.97
N VAL D 550 38.79 2.34 -25.94
CA VAL D 550 39.24 1.56 -27.10
C VAL D 550 40.25 0.52 -26.62
N LYS D 551 41.30 0.98 -25.90
CA LYS D 551 42.32 0.11 -25.32
C LYS D 551 41.67 -1.03 -24.53
N GLN D 552 40.61 -0.73 -23.76
CA GLN D 552 40.03 -1.70 -22.81
C GLN D 552 39.26 -2.81 -23.55
N ALA D 553 38.42 -2.41 -24.51
CA ALA D 553 37.68 -3.37 -25.32
C ALA D 553 38.67 -4.29 -26.05
N GLN D 554 39.62 -3.68 -26.78
CA GLN D 554 40.68 -4.40 -27.52
C GLN D 554 41.34 -5.45 -26.62
N LEU D 555 41.66 -5.10 -25.36
CA LEU D 555 42.33 -6.00 -24.41
C LEU D 555 41.35 -7.09 -23.95
N THR D 556 40.35 -6.70 -23.15
CA THR D 556 39.40 -7.66 -22.58
C THR D 556 38.70 -8.36 -23.75
N ALA D 557 39.28 -9.49 -24.19
CA ALA D 557 38.90 -10.15 -25.44
C ALA D 557 39.50 -11.56 -25.48
N ALA D 558 40.83 -11.64 -25.40
CA ALA D 558 41.62 -12.88 -25.43
C ALA D 558 40.79 -14.08 -24.97
N1' TPP E . -3.78 0.56 28.83
C2' TPP E . -2.81 -0.18 28.23
CM2 TPP E . -3.19 -1.19 27.20
N3' TPP E . -1.52 -0.05 28.54
C4' TPP E . -1.12 0.84 29.44
N4' TPP E . 0.19 0.93 29.69
C5' TPP E . -2.15 1.66 30.13
C6' TPP E . -3.46 1.47 29.76
C7' TPP E . -1.77 2.65 31.24
N3 TPP E . -1.43 1.90 32.49
C2 TPP E . -0.19 1.53 32.87
S1 TPP E . -0.08 0.70 34.43
C5 TPP E . -1.81 0.82 34.58
C4 TPP E . -2.36 1.51 33.44
CM4 TPP E . -3.82 1.79 33.37
C6 TPP E . -2.51 0.30 35.84
C7 TPP E . -1.98 -0.99 36.37
O7 TPP E . -2.80 -1.41 37.48
PA TPP E . -2.68 -2.88 38.00
O1A TPP E . -3.83 -3.20 38.96
O2A TPP E . -2.58 -3.90 36.90
O3A TPP E . -1.23 -2.77 38.73
PB TPP E . -0.82 -2.15 40.16
O1B TPP E . -2.14 -1.88 40.88
O2B TPP E . -0.01 -0.95 39.89
O3B TPP E . 0.05 -3.27 40.78
MG MG F . -3.83 -3.12 40.98
N1' TPP G . -13.46 -12.32 14.97
C2' TPP G . -14.04 -11.08 14.97
CM2 TPP G . -13.43 -10.01 15.86
N3' TPP G . -15.16 -10.82 14.25
C4' TPP G . -15.73 -11.80 13.50
N4' TPP G . -16.82 -11.54 12.77
C5' TPP G . -15.15 -13.17 13.49
C6' TPP G . -13.98 -13.36 14.28
C7' TPP G . -15.75 -14.28 12.66
N3 TPP G . -17.01 -14.78 13.24
C2 TPP G . -18.23 -14.45 12.73
S1 TPP G . -19.60 -15.13 13.54
C5 TPP G . -18.53 -15.95 14.58
C4 TPP G . -17.15 -15.66 14.27
CM4 TPP G . -16.09 -16.36 15.06
C6 TPP G . -19.13 -16.87 15.60
C7 TPP G . -20.17 -16.22 16.46
O7 TPP G . -20.47 -17.16 17.47
PA TPP G . -21.67 -16.96 18.50
O1A TPP G . -21.53 -18.00 19.58
O2A TPP G . -21.51 -15.49 18.93
O3A TPP G . -23.03 -16.96 17.58
PB TPP G . -24.02 -18.17 17.17
O1B TPP G . -23.46 -19.42 17.87
O2B TPP G . -23.96 -18.18 15.66
O3B TPP G . -25.34 -17.82 17.82
MG MG H . -22.90 -19.50 19.76
N1' TPP I . -0.71 10.37 -20.65
C2' TPP I . -0.90 9.08 -21.06
CM2 TPP I . 0.19 8.12 -21.28
N3' TPP I . -2.14 8.66 -21.33
C4' TPP I . -3.24 9.44 -21.18
N4' TPP I . -4.43 8.92 -21.44
C5' TPP I . -3.08 10.86 -20.81
C6' TPP I . -1.76 11.25 -20.56
C7' TPP I . -4.31 11.76 -20.66
N3 TPP I . -5.04 12.04 -21.95
C2 TPP I . -6.19 11.46 -22.35
S1 TPP I . -6.81 11.95 -23.93
C5 TPP I . -5.51 13.04 -24.04
C4 TPP I . -4.63 12.98 -22.86
CM4 TPP I . -3.43 13.83 -22.72
C6 TPP I . -5.56 13.87 -25.29
C7 TPP I . -5.48 13.12 -26.57
O7 TPP I . -5.22 14.12 -27.58
PA TPP I . -5.10 13.76 -29.11
O1A TPP I . -4.33 12.45 -29.36
O2A TPP I . -4.53 14.92 -29.85
O3A TPP I . -6.62 13.32 -29.51
PB TPP I . -7.81 14.34 -29.96
O1B TPP I . -8.90 14.09 -28.93
O2B TPP I . -8.23 13.87 -31.30
O3B TPP I . -7.30 15.75 -29.78
MG MG J . -5.81 16.37 -31.07
N1' TPP K . 18.09 1.08 -22.82
C2' TPP K . 18.17 2.10 -21.87
CM2 TPP K . 17.04 2.98 -21.44
N3' TPP K . 19.31 2.37 -21.26
C4' TPP K . 20.43 1.65 -21.54
N4' TPP K . 21.58 1.97 -20.92
C5' TPP K . 20.39 0.58 -22.55
C6' TPP K . 19.16 0.33 -23.16
C7' TPP K . 21.67 -0.10 -22.87
N3 TPP K . 22.62 0.78 -23.64
C2 TPP K . 23.80 1.33 -23.16
S1 TPP K . 24.76 2.30 -24.27
C5 TPP K . 23.57 1.96 -25.46
C4 TPP K . 22.50 1.12 -24.94
CM4 TPP K . 21.36 0.68 -25.79
C6 TPP K . 23.75 2.50 -26.87
C7 TPP K . 24.47 3.82 -27.02
O7 TPP K . 24.32 4.31 -28.33
PA TPP K . 24.66 5.87 -28.66
O1A TPP K . 23.87 6.85 -27.81
O2A TPP K . 24.60 6.05 -30.14
O3A TPP K . 26.18 5.95 -28.16
PB TPP K . 27.59 5.67 -28.94
O1B TPP K . 28.15 4.75 -27.93
O2B TPP K . 28.16 7.06 -29.04
O3B TPP K . 27.28 5.13 -30.35
MG MG L . 26.09 6.01 -31.53
#